data_3B5F
# 
_entry.id   3B5F 
# 
_audit_conform.dict_name       mmcif_pdbx.dic 
_audit_conform.dict_version    5.377 
_audit_conform.dict_location   http://mmcif.pdb.org/dictionaries/ascii/mmcif_pdbx.dic 
# 
loop_
_database_2.database_id 
_database_2.database_code 
_database_2.pdbx_database_accession 
_database_2.pdbx_DOI 
PDB   3B5F         pdb_00003b5f 10.2210/pdb3b5f/pdb 
NDB   UR0131       ?            ?                   
RCSB  RCSB045100   ?            ?                   
WWPDB D_1000045100 ?            ?                   
# 
loop_
_pdbx_database_related.db_name 
_pdbx_database_related.db_id 
_pdbx_database_related.details 
_pdbx_database_related.content_type 
PDB 2P7F 
;The Novel Use of a 2',5'-Phosphodiester Linkage as a Reaction Intermediate at the Active Site of a Small Ribozyme
;
unspecified 
PDB 3B58 .                                                                                                                   
unspecified 
PDB 3B5A .                                                                                                                   
unspecified 
PDB 3B5S .                                                                                                                   
unspecified 
PDB 3B91 .                                                                                                                   
unspecified 
# 
_pdbx_database_status.entry_id                        3B5F 
_pdbx_database_status.status_code                     REL 
_pdbx_database_status.status_code_sf                  REL 
_pdbx_database_status.deposit_site                    RCSB 
_pdbx_database_status.process_site                    RCSB 
_pdbx_database_status.recvd_initial_deposition_date   2007-10-25 
_pdbx_database_status.SG_entry                        N 
_pdbx_database_status.status_code_mr                  ? 
_pdbx_database_status.pdb_format_compatible           Y 
_pdbx_database_status.status_code_cs                  ? 
_pdbx_database_status.methods_development_category    ? 
_pdbx_database_status.status_code_nmr_data            ? 
# 
loop_
_audit_author.name 
_audit_author.pdbx_ordinal 
'MacElrevey, C.' 1 
'Krucinska, J.'  2 
'Wedekind, J.E.' 3 
# 
_citation.id                        primary 
_citation.title                     
'Structural effects of nucleobase variations at key active site residue Ade38 in the hairpin ribozyme.' 
_citation.journal_abbrev            Rna 
_citation.journal_volume            14 
_citation.page_first                1600 
_citation.page_last                 1616 
_citation.year                      2008 
_citation.journal_id_ASTM           RNARFU 
_citation.country                   UK 
_citation.journal_id_ISSN           1355-8382 
_citation.journal_id_CSD            2122 
_citation.book_publisher            ? 
_citation.pdbx_database_id_PubMed   18596253 
_citation.pdbx_database_id_DOI      10.1261/rna.1055308 
# 
loop_
_citation_author.citation_id 
_citation_author.name 
_citation_author.ordinal 
_citation_author.identifier_ORCID 
primary 'MacElrevey, C.' 1 ? 
primary 'Salter, J.D.'   2 ? 
primary 'Krucinska, J.'  3 ? 
primary 'Wedekind, J.E.' 4 ? 
# 
_cell.entry_id           3B5F 
_cell.length_a           93.490 
_cell.length_b           93.490 
_cell.length_c           133.820 
_cell.angle_alpha        90.00 
_cell.angle_beta         90.00 
_cell.angle_gamma        120.00 
_cell.Z_PDB              12 
_cell.pdbx_unique_axis   ? 
_cell.length_a_esd       ? 
_cell.length_b_esd       ? 
_cell.length_c_esd       ? 
_cell.angle_alpha_esd    ? 
_cell.angle_beta_esd     ? 
_cell.angle_gamma_esd    ? 
# 
_symmetry.entry_id                         3B5F 
_symmetry.space_group_name_H-M             'P 61 2 2' 
_symmetry.pdbx_full_space_group_name_H-M   ? 
_symmetry.Int_Tables_number                178 
_symmetry.cell_setting                     ? 
_symmetry.space_group_name_Hall            ? 
# 
loop_
_entity.id 
_entity.type 
_entity.src_method 
_entity.pdbx_description 
_entity.formula_weight 
_entity.pdbx_number_of_molecules 
_entity.pdbx_ec 
_entity.pdbx_mutation 
_entity.pdbx_fragment 
_entity.details 
1 polymer     syn 'Loop A Substrate strand'                  4052.470 1 ? ?                ? 
;2'5' phosphodiester linkage between A6 and G7
;
2 polymer     syn '29-mer Loop A and Loop B Ribozyme strand' 9762.989 1 ? ?                ? 
'Synthetic polyethylene glycol linker at hinge position 14' 
3 polymer     syn 'Loop B S-turn strand'                     6006.583 1 ? 'A38(N6G), U39C' ? ? 
4 non-polymer syn 'COBALT HEXAMMINE(III)'                    161.116  2 ? ?                ? ? 
5 water       nat water                                      18.015   3 ? ?                ? ? 
# 
loop_
_entity_poly.entity_id 
_entity_poly.type 
_entity_poly.nstd_linkage 
_entity_poly.nstd_monomer 
_entity_poly.pdbx_seq_one_letter_code 
_entity_poly.pdbx_seq_one_letter_code_can 
_entity_poly.pdbx_strand_id 
_entity_poly.pdbx_target_identifier 
1 polyribonucleotide no no  UCCCAGUCCACCG                        UCCCAGUCCACCG                  A ? 
2 polyribonucleotide no yes 'CGGUGAGAAGGG(S9L)GGCAGAGAAACACACGA' CGGUGAGAAGGGXGGCAGAGAAACACACGA B ? 
3 polyribonucleotide no yes 'UCGUGGU(N6G)CAUUACCUGCC'            UCGUGGUGCAUUACCUGCC            C ? 
# 
loop_
_entity_poly_seq.entity_id 
_entity_poly_seq.num 
_entity_poly_seq.mon_id 
_entity_poly_seq.hetero 
1 1  U   n 
1 2  C   n 
1 3  C   n 
1 4  C   n 
1 5  A   n 
1 6  G   n 
1 7  U   n 
1 8  C   n 
1 9  C   n 
1 10 A   n 
1 11 C   n 
1 12 C   n 
1 13 G   n 
2 1  C   n 
2 2  G   n 
2 3  G   n 
2 4  U   n 
2 5  G   n 
2 6  A   n 
2 7  G   n 
2 8  A   n 
2 9  A   n 
2 10 G   n 
2 11 G   n 
2 12 G   n 
2 13 S9L n 
2 14 G   n 
2 15 G   n 
2 16 C   n 
2 17 A   n 
2 18 G   n 
2 19 A   n 
2 20 G   n 
2 21 A   n 
2 22 A   n 
2 23 A   n 
2 24 C   n 
2 25 A   n 
2 26 C   n 
2 27 A   n 
2 28 C   n 
2 29 G   n 
2 30 A   n 
3 1  U   n 
3 2  C   n 
3 3  G   n 
3 4  U   n 
3 5  G   n 
3 6  G   n 
3 7  U   n 
3 8  N6G n 
3 9  C   n 
3 10 A   n 
3 11 U   n 
3 12 U   n 
3 13 A   n 
3 14 C   n 
3 15 C   n 
3 16 U   n 
3 17 G   n 
3 18 C   n 
3 19 C   n 
# 
loop_
_pdbx_entity_src_syn.entity_id 
_pdbx_entity_src_syn.pdbx_src_id 
_pdbx_entity_src_syn.pdbx_alt_source_flag 
_pdbx_entity_src_syn.pdbx_beg_seq_num 
_pdbx_entity_src_syn.pdbx_end_seq_num 
_pdbx_entity_src_syn.organism_scientific 
_pdbx_entity_src_syn.organism_common_name 
_pdbx_entity_src_syn.ncbi_taxonomy_id 
_pdbx_entity_src_syn.details 
1 1 sample ? ? ? ? ? 'solid-phase synthesis at Keck Institute, Yale'         
2 1 sample ? ? ? ? ? 'solid phase chemical synthesis at Dharmacon, Colorado' 
3 1 sample ? ? ? ? ? 'solid phase chemical synthesis at Dharmacon, Colorado' 
# 
loop_
_struct_ref.id 
_struct_ref.entity_id 
_struct_ref.db_name 
_struct_ref.db_code 
_struct_ref.pdbx_db_accession 
_struct_ref.pdbx_align_begin 
_struct_ref.pdbx_seq_one_letter_code 
_struct_ref.pdbx_db_isoform 
1 1 PDB 3B58 3B58 1 UCCCAGUCCACCG                        ? 
2 2 PDB 3B58 3B58 1 'CGGUGAGAAGGG(S9L)GGCAGAGAAACACACGA' ? 
3 3 PDB 3B58 3B58 1 'UCGUGGU(N6G)CAUUACCUGCC'            ? 
# 
loop_
_struct_ref_seq.align_id 
_struct_ref_seq.ref_id 
_struct_ref_seq.pdbx_PDB_id_code 
_struct_ref_seq.pdbx_strand_id 
_struct_ref_seq.seq_align_beg 
_struct_ref_seq.pdbx_seq_align_beg_ins_code 
_struct_ref_seq.seq_align_end 
_struct_ref_seq.pdbx_seq_align_end_ins_code 
_struct_ref_seq.pdbx_db_accession 
_struct_ref_seq.db_align_beg 
_struct_ref_seq.pdbx_db_align_beg_ins_code 
_struct_ref_seq.db_align_end 
_struct_ref_seq.pdbx_db_align_end_ins_code 
_struct_ref_seq.pdbx_auth_seq_align_beg 
_struct_ref_seq.pdbx_auth_seq_align_end 
1 1 3B5F A 1 ? 13 ? 3B58 1 ? 13 ? 1  13 
2 2 3B5F B 1 ? 30 ? 3B58 1 ? 30 ? 2  31 
3 3 3B5F C 1 ? 19 ? 3B58 1 ? 19 ? 31 49 
# 
loop_
_chem_comp.id 
_chem_comp.type 
_chem_comp.mon_nstd_flag 
_chem_comp.name 
_chem_comp.pdbx_synonyms 
_chem_comp.formula 
_chem_comp.formula_weight 
A   'RNA linking' y "ADENOSINE-5'-MONOPHOSPHATE"                                                                                  
? 'C10 H14 N5 O7 P' 347.221 
C   'RNA linking' y "CYTIDINE-5'-MONOPHOSPHATE"                                                                                   
? 'C9 H14 N3 O8 P'  323.197 
G   'RNA linking' y "GUANOSINE-5'-MONOPHOSPHATE"                                                                                  
? 'C10 H14 N5 O8 P' 363.221 
HOH non-polymer   . WATER                                                                                                         
? 'H2 O'            18.015  
N6G 'RNA linking' n '((2R,3S,4R,5S)-5-(2,6-DIAMINO-9H-PURIN-9-YL)-3,4-DIHYDROXY-TETRAHYDROFURAN-2-YL)METHYL DIHYDROGEN PHOSPHATE' 
? 'C10 H15 N6 O7 P' 362.236 
NCO non-polymer   . 'COBALT HEXAMMINE(III)'                                                                                       
? 'Co H18 N6 3'     161.116 
S9L non-polymer   . '2-[2-(2-HYDROXYETHOXY)ETHOXY]ETHYL DIHYDROGEN PHOSPHATE'                                                     
? 'C6 H15 O7 P'     230.153 
U   'RNA linking' y "URIDINE-5'-MONOPHOSPHATE"                                                                                    
? 'C9 H13 N2 O9 P'  324.181 
# 
_exptl.entry_id          3B5F 
_exptl.method            'X-RAY DIFFRACTION' 
_exptl.crystals_number   1 
# 
_exptl_crystal.id                    1 
_exptl_crystal.density_meas          ? 
_exptl_crystal.density_Matthews      4.34 
_exptl_crystal.density_percent_sol   78. 
_exptl_crystal.description           ? 
_exptl_crystal.F_000                 ? 
_exptl_crystal.preparation           ? 
# 
_exptl_crystal_grow.crystal_id      1 
_exptl_crystal_grow.method          'VAPOR DIFFUSION, HANGING DROP' 
_exptl_crystal_grow.temp            293 
_exptl_crystal_grow.pH              6.8 
_exptl_crystal_grow.pdbx_details    
;PEG 2K MME, lithium sulfate, sodium cacodylate, spermidine, cobalt hexaammine, pH 6.8, VAPOR DIFFUSION, HANGING DROP, temperature 293K
;
_exptl_crystal_grow.temp_details    ? 
_exptl_crystal_grow.pdbx_pH_range   . 
# 
loop_
_exptl_crystal_grow_comp.crystal_id 
_exptl_crystal_grow_comp.id 
_exptl_crystal_grow_comp.sol_id 
_exptl_crystal_grow_comp.name 
_exptl_crystal_grow_comp.conc 
_exptl_crystal_grow_comp.volume 
_exptl_crystal_grow_comp.details 
1 1 1 'PEG 2K MME'        ? ? ? 
1 2 1 Li2SO4              ? ? ? 
1 3 1 'sodium cacodylate' ? ? ? 
1 4 1 spermidine          ? ? ? 
1 5 1 'cobalt hexaammine' ? ? ? 
1 6 2 'PEG 2K MME'        ? ? ? 
1 7 2 Li2SO4              ? ? ? 
1 8 2 spermidine          ? ? ? 
# 
_diffrn.id                     1 
_diffrn.ambient_temp           100 
_diffrn.ambient_temp_details   ? 
_diffrn.crystal_id             1 
# 
_diffrn_detector.diffrn_id              1 
_diffrn_detector.detector               CCD 
_diffrn_detector.type                   'ADSC QUANTUM 270' 
_diffrn_detector.pdbx_collection_date   2007-05-10 
_diffrn_detector.details                
'BENT TRIANGULAR ASYMMETRIC CUT SI(111) MONOCHROMATOR (PROVIDES HORIZONTAL FOCUSSING), RH-COATED SI MIRROR FOR VERTICAL FOCUSSING' 
# 
_diffrn_radiation.diffrn_id                        1 
_diffrn_radiation.wavelength_id                    1 
_diffrn_radiation.pdbx_monochromatic_or_laue_m_l   M 
_diffrn_radiation.monochromator                    'horizontal bent Si(111) asymmetrically cut w/ water cooled Cu block' 
_diffrn_radiation.pdbx_diffrn_protocol             'SINGLE WAVELENGTH' 
_diffrn_radiation.pdbx_scattering_type             x-ray 
# 
_diffrn_radiation_wavelength.id           1 
_diffrn_radiation_wavelength.wavelength   0.918 
_diffrn_radiation_wavelength.wt           1.0 
# 
_diffrn_source.diffrn_id                   1 
_diffrn_source.source                      SYNCHROTRON 
_diffrn_source.type                        'CHESS BEAMLINE F1' 
_diffrn_source.pdbx_synchrotron_site       CHESS 
_diffrn_source.pdbx_synchrotron_beamline   F1 
_diffrn_source.pdbx_wavelength             ? 
_diffrn_source.pdbx_wavelength_list        0.918 
# 
_reflns.entry_id                     3B5F 
_reflns.observed_criterion_sigma_I   ? 
_reflns.observed_criterion_sigma_F   ? 
_reflns.d_resolution_low             40.48 
_reflns.d_resolution_high            2.70 
_reflns.number_obs                   9960 
_reflns.number_all                   10109 
_reflns.percent_possible_obs         99.4 
_reflns.pdbx_Rmerge_I_obs            ? 
_reflns.pdbx_Rsym_value              0.05 
_reflns.pdbx_netI_over_sigmaI        23.8 
_reflns.B_iso_Wilson_estimate        79.6 
_reflns.pdbx_redundancy              7.8 
_reflns.R_free_details               ? 
_reflns.pdbx_chi_squared             ? 
_reflns.pdbx_scaling_rejects         ? 
_reflns.pdbx_diffrn_id               1 
_reflns.pdbx_ordinal                 1 
# 
_reflns_shell.d_res_high             2.70 
_reflns_shell.d_res_low              2.80 
_reflns_shell.percent_possible_all   99.9 
_reflns_shell.Rmerge_I_obs           ? 
_reflns_shell.pdbx_Rsym_value        0.459 
_reflns_shell.meanI_over_sigI_obs    3.0 
_reflns_shell.pdbx_redundancy        6.1 
_reflns_shell.percent_possible_obs   ? 
_reflns_shell.number_unique_all      962 
_reflns_shell.number_measured_all    ? 
_reflns_shell.number_measured_obs    ? 
_reflns_shell.number_unique_obs      ? 
_reflns_shell.pdbx_chi_squared       ? 
_reflns_shell.pdbx_diffrn_id         ? 
_reflns_shell.pdbx_ordinal           1 
# 
_refine.entry_id                                 3B5F 
_refine.ls_number_reflns_obs                     9930 
_refine.ls_number_reflns_all                     10019 
_refine.pdbx_ls_sigma_I                          ? 
_refine.pdbx_ls_sigma_F                          -3.0 
_refine.pdbx_data_cutoff_high_absF               599805.33 
_refine.pdbx_data_cutoff_low_absF                0.000000 
_refine.pdbx_data_cutoff_high_rms_absF           ? 
_refine.ls_d_res_low                             38.32 
_refine.ls_d_res_high                            2.70 
_refine.ls_percent_reflns_obs                    99.1 
_refine.ls_R_factor_obs                          0.224 
_refine.ls_R_factor_all                          ? 
_refine.ls_R_factor_R_work                       0.223 
_refine.ls_R_factor_R_free                       0.25 
_refine.ls_R_factor_R_free_error                 0.008 
_refine.ls_R_factor_R_free_error_details         ? 
_refine.ls_percent_reflns_R_free                 9.3 
_refine.ls_number_reflns_R_free                  921 
_refine.ls_number_parameters                     ? 
_refine.ls_number_restraints                     ? 
_refine.occupancy_min                            ? 
_refine.occupancy_max                            ? 
_refine.correlation_coeff_Fo_to_Fc               ? 
_refine.correlation_coeff_Fo_to_Fc_free          ? 
_refine.B_iso_mean                               81.2 
_refine.aniso_B[1][1]                            -5.89 
_refine.aniso_B[2][2]                            -5.89 
_refine.aniso_B[3][3]                            11.79 
_refine.aniso_B[1][2]                            -10.09 
_refine.aniso_B[1][3]                            0.00 
_refine.aniso_B[2][3]                            0.00 
_refine.solvent_model_details                    'FLAT MODEL' 
_refine.solvent_model_param_ksol                 0.32 
_refine.solvent_model_param_bsol                 60 
_refine.pdbx_solvent_vdw_probe_radii             ? 
_refine.pdbx_solvent_ion_probe_radii             ? 
_refine.pdbx_solvent_shrinkage_radii             ? 
_refine.pdbx_ls_cross_valid_method               THROUGHOUT 
_refine.details                                  
'Alternate conformation at U1 of chain A. S9L and N6G are covalently attached to ribozyme' 
_refine.pdbx_starting_model                      2P7F 
_refine.pdbx_method_to_determine_struct          'FOURIER SYNTHESIS' 
_refine.pdbx_isotropic_thermal_model             RESTRAINED 
_refine.pdbx_stereochemistry_target_values       ? 
_refine.pdbx_stereochem_target_val_spec_case     ? 
_refine.pdbx_R_Free_selection_details            RANDOM 
_refine.pdbx_overall_ESU_R                       ? 
_refine.pdbx_overall_ESU_R_Free                  ? 
_refine.overall_SU_ML                            ? 
_refine.overall_SU_B                             ? 
_refine.ls_redundancy_reflns_obs                 ? 
_refine.overall_SU_R_Cruickshank_DPI             ? 
_refine.overall_SU_R_free                        ? 
_refine.ls_wR_factor_R_free                      ? 
_refine.ls_wR_factor_R_work                      ? 
_refine.overall_FOM_free_R_set                   ? 
_refine.overall_FOM_work_R_set                   ? 
_refine.pdbx_overall_phase_error                 ? 
_refine.pdbx_refine_id                           'X-RAY DIFFRACTION' 
_refine.pdbx_diffrn_id                           1 
_refine.pdbx_TLS_residual_ADP_flag               ? 
_refine.pdbx_overall_SU_R_free_Cruickshank_DPI   ? 
_refine.pdbx_overall_SU_R_Blow_DPI               ? 
_refine.pdbx_overall_SU_R_free_Blow_DPI          ? 
# 
_refine_analyze.entry_id                        3B5F 
_refine_analyze.Luzzati_coordinate_error_obs    0.41 
_refine_analyze.Luzzati_sigma_a_obs             0.53 
_refine_analyze.Luzzati_d_res_low_obs           40.48 
_refine_analyze.Luzzati_coordinate_error_free   0.46 
_refine_analyze.Luzzati_sigma_a_free            0.54 
_refine_analyze.Luzzati_d_res_low_free          ? 
_refine_analyze.number_disordered_residues      ? 
_refine_analyze.occupancy_sum_hydrogen          ? 
_refine_analyze.occupancy_sum_non_hydrogen      ? 
_refine_analyze.pdbx_refine_id                  'X-RAY DIFFRACTION' 
# 
_refine_hist.pdbx_refine_id                   'X-RAY DIFFRACTION' 
_refine_hist.cycle_id                         LAST 
_refine_hist.pdbx_number_atoms_protein        0 
_refine_hist.pdbx_number_atoms_nucleic_acid   1327 
_refine_hist.pdbx_number_atoms_ligand         14 
_refine_hist.number_atoms_solvent             3 
_refine_hist.number_atoms_total               1344 
_refine_hist.d_res_high                       2.70 
_refine_hist.d_res_low                        38.32 
# 
loop_
_refine_ls_restr.type 
_refine_ls_restr.dev_ideal 
_refine_ls_restr.dev_ideal_target 
_refine_ls_restr.weight 
_refine_ls_restr.number 
_refine_ls_restr.pdbx_refine_id 
_refine_ls_restr.pdbx_restraint_function 
c_bond_d           0.007 ? ? ? 'X-RAY DIFFRACTION' ? 
c_angle_deg        1.5   ? ? ? 'X-RAY DIFFRACTION' ? 
c_dihedral_angle_d 17.2  ? ? ? 'X-RAY DIFFRACTION' ? 
c_improper_angle_d 1.64  ? ? ? 'X-RAY DIFFRACTION' ? 
# 
_refine_ls_shell.pdbx_total_number_of_bins_used   4 
_refine_ls_shell.d_res_high                       2.70 
_refine_ls_shell.d_res_low                        2.97 
_refine_ls_shell.number_reflns_R_work             2178 
_refine_ls_shell.R_factor_R_work                  0.563 
_refine_ls_shell.percent_reflns_obs               99.5 
_refine_ls_shell.R_factor_R_free                  0.585 
_refine_ls_shell.R_factor_R_free_error            0.039 
_refine_ls_shell.percent_reflns_R_free            9.6 
_refine_ls_shell.number_reflns_R_free             230 
_refine_ls_shell.number_reflns_all                ? 
_refine_ls_shell.R_factor_all                     ? 
_refine_ls_shell.number_reflns_obs                2178 
_refine_ls_shell.redundancy_reflns_obs            ? 
_refine_ls_shell.pdbx_refine_id                   'X-RAY DIFFRACTION' 
# 
loop_
_pdbx_xplor_file.serial_no 
_pdbx_xplor_file.param_file 
_pdbx_xplor_file.topol_file 
_pdbx_xplor_file.pdbx_refine_id 
1 water_rep.param dna-rna0107.top 'X-RAY DIFFRACTION' 
2 dna-rna0107.par water.top       'X-RAY DIFFRACTION' 
3 cobalt.par      cobalt.top      'X-RAY DIFFRACTION' 
4 ion.param       ion.top         'X-RAY DIFFRACTION' 
# 
_struct.entry_id                  3B5F 
_struct.title                     
;Crystal Structure of a Minimally Hinged Hairpin Ribozyme Incorporating the Ade38Dap Mutation and a 2',5' Phosphodiester Linkage at the Active Site
;
_struct.pdbx_model_details        ? 
_struct.pdbx_CASP_flag            N 
_struct.pdbx_model_type_details   ? 
# 
_struct_keywords.entry_id        3B5F 
_struct_keywords.pdbx_keywords   RNA 
_struct_keywords.text            
;hairpin ribozyme; 2, 6 diaminopurine; RNA; 2', 5' phosphodiester linkage, RNA
;
# 
loop_
_struct_asym.id 
_struct_asym.pdbx_blank_PDB_chainid_flag 
_struct_asym.pdbx_modified 
_struct_asym.entity_id 
_struct_asym.details 
A N N 1 ? 
B N N 2 ? 
C N N 3 ? 
D N N 4 ? 
E N N 4 ? 
F N N 5 ? 
G N N 5 ? 
# 
_struct_biol.id        1 
_struct_biol.details   ? 
# 
loop_
_struct_conn.id 
_struct_conn.conn_type_id 
_struct_conn.pdbx_leaving_atom_flag 
_struct_conn.pdbx_PDB_id 
_struct_conn.ptnr1_label_asym_id 
_struct_conn.ptnr1_label_comp_id 
_struct_conn.ptnr1_label_seq_id 
_struct_conn.ptnr1_label_atom_id 
_struct_conn.pdbx_ptnr1_label_alt_id 
_struct_conn.pdbx_ptnr1_PDB_ins_code 
_struct_conn.pdbx_ptnr1_standard_comp_id 
_struct_conn.ptnr1_symmetry 
_struct_conn.ptnr2_label_asym_id 
_struct_conn.ptnr2_label_comp_id 
_struct_conn.ptnr2_label_seq_id 
_struct_conn.ptnr2_label_atom_id 
_struct_conn.pdbx_ptnr2_label_alt_id 
_struct_conn.pdbx_ptnr2_PDB_ins_code 
_struct_conn.ptnr1_auth_asym_id 
_struct_conn.ptnr1_auth_comp_id 
_struct_conn.ptnr1_auth_seq_id 
_struct_conn.ptnr2_auth_asym_id 
_struct_conn.ptnr2_auth_comp_id 
_struct_conn.ptnr2_auth_seq_id 
_struct_conn.ptnr2_symmetry 
_struct_conn.pdbx_ptnr3_label_atom_id 
_struct_conn.pdbx_ptnr3_label_seq_id 
_struct_conn.pdbx_ptnr3_label_comp_id 
_struct_conn.pdbx_ptnr3_label_asym_id 
_struct_conn.pdbx_ptnr3_label_alt_id 
_struct_conn.pdbx_ptnr3_PDB_ins_code 
_struct_conn.details 
_struct_conn.pdbx_dist_value 
_struct_conn.pdbx_value_order 
_struct_conn.pdbx_role 
covale1  covale one  ? A A   5  "O2'" ? ? ? 1_555 A G   6  P  ? ? A A   5  A G   6  1_555 ? ? ? ? ? ? ?                    1.605 ? 
? 
covale2  covale both ? B G   12 "O3'" ? ? ? 1_555 B S9L 13 P  ? ? B G   13 B S9L 14 1_555 ? ? ? ? ? ? ?                    1.611 ? 
? 
covale3  covale both ? B S9L 13 "O3'" ? ? ? 1_555 B G   14 P  ? ? B S9L 14 B G   15 1_555 ? ? ? ? ? ? ?                    1.604 ? 
? 
covale4  covale both ? C U   7  "O3'" ? ? ? 1_555 C N6G 8  P  ? ? C U   37 C N6G 38 1_555 ? ? ? ? ? ? ?                    1.595 ? 
? 
covale5  covale both ? C N6G 8  "O3'" ? ? ? 1_555 C C   9  P  ? ? C N6G 38 C C   39 1_555 ? ? ? ? ? ? ?                    1.619 ? 
? 
hydrog1  hydrog ?    ? A C   2  N3    ? ? ? 1_555 B G   12 N1 ? ? A C   2  B G   13 1_555 ? ? ? ? ? ? WATSON-CRICK         ?     ? 
? 
hydrog2  hydrog ?    ? A C   2  N4    ? ? ? 1_555 B G   12 O6 ? ? A C   2  B G   13 1_555 ? ? ? ? ? ? WATSON-CRICK         ?     ? 
? 
hydrog3  hydrog ?    ? A C   2  O2    ? ? ? 1_555 B G   12 N2 ? ? A C   2  B G   13 1_555 ? ? ? ? ? ? WATSON-CRICK         ?     ? 
? 
hydrog4  hydrog ?    ? A C   3  N3    ? ? ? 1_555 B G   11 N1 ? ? A C   3  B G   12 1_555 ? ? ? ? ? ? WATSON-CRICK         ?     ? 
? 
hydrog5  hydrog ?    ? A C   3  N4    ? ? ? 1_555 B G   11 O6 ? ? A C   3  B G   12 1_555 ? ? ? ? ? ? WATSON-CRICK         ?     ? 
? 
hydrog6  hydrog ?    ? A C   3  O2    ? ? ? 1_555 B G   11 N2 ? ? A C   3  B G   12 1_555 ? ? ? ? ? ? WATSON-CRICK         ?     ? 
? 
hydrog7  hydrog ?    ? A C   4  N3    ? ? ? 1_555 B G   10 N1 ? ? A C   4  B G   11 1_555 ? ? ? ? ? ? WATSON-CRICK         ?     ? 
? 
hydrog8  hydrog ?    ? A C   4  N4    ? ? ? 1_555 B G   10 O6 ? ? A C   4  B G   11 1_555 ? ? ? ? ? ? WATSON-CRICK         ?     ? 
? 
hydrog9  hydrog ?    ? A C   4  O2    ? ? ? 1_555 B G   10 N2 ? ? A C   4  B G   11 1_555 ? ? ? ? ? ? WATSON-CRICK         ?     ? 
? 
hydrog10 hydrog ?    ? A A   5  N3    ? ? ? 1_555 B A   8  N6 ? ? A A   5  B A   9  1_555 ? ? ? ? ? ? 'A-A MISPAIR'        ?     ? 
? 
hydrog11 hydrog ?    ? A A   5  N3    ? ? ? 1_555 B A   9  N6 ? ? A A   5  B A   10 1_555 ? ? ? ? ? ? 'A-A MISPAIR'        ?     ? 
? 
hydrog12 hydrog ?    ? A G   6  N1    ? ? ? 1_555 B C   24 N3 ? ? A G   6  B C   25 1_555 ? ? ? ? ? ? WATSON-CRICK         ?     ? 
? 
hydrog13 hydrog ?    ? A G   6  N2    ? ? ? 1_555 B C   24 O2 ? ? A G   6  B C   25 1_555 ? ? ? ? ? ? WATSON-CRICK         ?     ? 
? 
hydrog14 hydrog ?    ? A G   6  O6    ? ? ? 1_555 B C   24 N4 ? ? A G   6  B C   25 1_555 ? ? ? ? ? ? WATSON-CRICK         ?     ? 
? 
hydrog15 hydrog ?    ? A U   7  O4    ? ? ? 1_555 B G   7  N2 ? ? A U   7  B G   8  1_555 ? ? ? ? ? ? 'U-G MISPAIR'        ?     ? 
? 
hydrog16 hydrog ?    ? A C   8  N4    ? ? ? 1_555 B A   6  N1 ? ? A C   8  B A   7  1_555 ? ? ? ? ? ? 'C-A MISPAIR'        ?     ? 
? 
hydrog17 hydrog ?    ? A C   9  N3    ? ? ? 1_555 B G   5  N1 ? ? A C   9  B G   6  1_555 ? ? ? ? ? ? WATSON-CRICK         ?     ? 
? 
hydrog18 hydrog ?    ? A C   9  N4    ? ? ? 1_555 B G   5  O6 ? ? A C   9  B G   6  1_555 ? ? ? ? ? ? WATSON-CRICK         ?     ? 
? 
hydrog19 hydrog ?    ? A C   9  O2    ? ? ? 1_555 B G   5  N2 ? ? A C   9  B G   6  1_555 ? ? ? ? ? ? WATSON-CRICK         ?     ? 
? 
hydrog20 hydrog ?    ? A A   10 N1    ? ? ? 1_555 B U   4  N3 ? ? A A   10 B U   5  1_555 ? ? ? ? ? ? WATSON-CRICK         ?     ? 
? 
hydrog21 hydrog ?    ? A A   10 N6    ? ? ? 1_555 B U   4  O4 ? ? A A   10 B U   5  1_555 ? ? ? ? ? ? WATSON-CRICK         ?     ? 
? 
hydrog22 hydrog ?    ? A C   11 N3    ? ? ? 1_555 B G   3  N1 ? ? A C   11 B G   4  1_555 ? ? ? ? ? ? WATSON-CRICK         ?     ? 
? 
hydrog23 hydrog ?    ? A C   11 N4    ? ? ? 1_555 B G   3  O6 ? ? A C   11 B G   4  1_555 ? ? ? ? ? ? WATSON-CRICK         ?     ? 
? 
hydrog24 hydrog ?    ? A C   11 O2    ? ? ? 1_555 B G   3  N2 ? ? A C   11 B G   4  1_555 ? ? ? ? ? ? WATSON-CRICK         ?     ? 
? 
hydrog25 hydrog ?    ? A C   12 N3    ? ? ? 1_555 B G   2  N1 ? ? A C   12 B G   3  1_555 ? ? ? ? ? ? WATSON-CRICK         ?     ? 
? 
hydrog26 hydrog ?    ? A C   12 N4    ? ? ? 1_555 B G   2  O6 ? ? A C   12 B G   3  1_555 ? ? ? ? ? ? WATSON-CRICK         ?     ? 
? 
hydrog27 hydrog ?    ? A C   12 O2    ? ? ? 1_555 B G   2  N2 ? ? A C   12 B G   3  1_555 ? ? ? ? ? ? WATSON-CRICK         ?     ? 
? 
hydrog28 hydrog ?    ? A G   13 N2    ? ? ? 1_555 B C   1  O2 ? ? A G   13 B C   2  1_555 ? ? ? ? ? ? 'G-C PAIR'           ?     ? 
? 
hydrog29 hydrog ?    ? B G   14 N1    ? ? ? 1_555 C C   19 N3 ? ? B G   15 C C   49 1_555 ? ? ? ? ? ? WATSON-CRICK         ?     ? 
? 
hydrog30 hydrog ?    ? B G   14 N2    ? ? ? 1_555 C C   19 O2 ? ? B G   15 C C   49 1_555 ? ? ? ? ? ? WATSON-CRICK         ?     ? 
? 
hydrog31 hydrog ?    ? B G   14 O6    ? ? ? 1_555 C C   19 N4 ? ? B G   15 C C   49 1_555 ? ? ? ? ? ? WATSON-CRICK         ?     ? 
? 
hydrog32 hydrog ?    ? B G   15 N1    ? ? ? 1_555 C C   18 N3 ? ? B G   16 C C   48 1_555 ? ? ? ? ? ? WATSON-CRICK         ?     ? 
? 
hydrog33 hydrog ?    ? B G   15 N2    ? ? ? 1_555 C C   18 O2 ? ? B G   16 C C   48 1_555 ? ? ? ? ? ? WATSON-CRICK         ?     ? 
? 
hydrog34 hydrog ?    ? B G   15 O6    ? ? ? 1_555 C C   18 N4 ? ? B G   16 C C   48 1_555 ? ? ? ? ? ? WATSON-CRICK         ?     ? 
? 
hydrog35 hydrog ?    ? B C   16 N3    ? ? ? 1_555 C G   17 N1 ? ? B C   17 C G   47 1_555 ? ? ? ? ? ? WATSON-CRICK         ?     ? 
? 
hydrog36 hydrog ?    ? B C   16 N4    ? ? ? 1_555 C G   17 O6 ? ? B C   17 C G   47 1_555 ? ? ? ? ? ? WATSON-CRICK         ?     ? 
? 
hydrog37 hydrog ?    ? B C   16 O2    ? ? ? 1_555 C G   17 N2 ? ? B C   17 C G   47 1_555 ? ? ? ? ? ? WATSON-CRICK         ?     ? 
? 
hydrog38 hydrog ?    ? B A   17 N1    ? ? ? 1_555 C U   16 N3 ? ? B A   18 C U   46 1_555 ? ? ? ? ? ? WATSON-CRICK         ?     ? 
? 
hydrog39 hydrog ?    ? B A   17 N6    ? ? ? 1_555 C U   16 O4 ? ? B A   18 C U   46 1_555 ? ? ? ? ? ? WATSON-CRICK         ?     ? 
? 
hydrog40 hydrog ?    ? B G   18 N1    ? ? ? 1_555 C C   15 N3 ? ? B G   19 C C   45 1_555 ? ? ? ? ? ? WATSON-CRICK         ?     ? 
? 
hydrog41 hydrog ?    ? B G   18 N2    ? ? ? 1_555 C C   15 O2 ? ? B G   19 C C   45 1_555 ? ? ? ? ? ? WATSON-CRICK         ?     ? 
? 
hydrog42 hydrog ?    ? B G   18 O6    ? ? ? 1_555 C C   15 N4 ? ? B G   19 C C   45 1_555 ? ? ? ? ? ? WATSON-CRICK         ?     ? 
? 
hydrog43 hydrog ?    ? B A   19 N1    ? ? ? 1_555 C C   14 N4 ? ? B A   20 C C   44 1_555 ? ? ? ? ? ? 'A-C MISPAIR'        ?     ? 
? 
hydrog44 hydrog ?    ? B G   20 N2    ? ? ? 1_555 C A   13 N7 ? ? B G   21 C A   43 1_555 ? ? ? ? ? ? TYPE_11_PAIR         ?     ? 
? 
hydrog45 hydrog ?    ? B G   20 N3    ? ? ? 1_555 C A   13 N6 ? ? B G   21 C A   43 1_555 ? ? ? ? ? ? TYPE_11_PAIR         ?     ? 
? 
hydrog46 hydrog ?    ? B A   21 N6    ? ? ? 1_555 C U   11 O2 ? ? B A   22 C U   41 1_555 ? ? ? ? ? ? 'REVERSED HOOGSTEEN' ?     ? 
? 
hydrog47 hydrog ?    ? B A   21 N7    ? ? ? 1_555 C U   11 N3 ? ? B A   22 C U   41 1_555 ? ? ? ? ? ? 'REVERSED HOOGSTEEN' ?     ? 
? 
hydrog48 hydrog ?    ? B A   22 N6    ? ? ? 1_555 C A   10 N1 ? ? B A   23 C A   40 1_555 ? ? ? ? ? ? 'A-A MISPAIR'        ?     ? 
? 
hydrog49 hydrog ?    ? B A   25 N1    ? ? ? 1_555 C G   6  N1 ? ? B A   26 C G   36 1_555 ? ? ? ? ? ? TYPE_8_PAIR          ?     ? 
? 
hydrog50 hydrog ?    ? B A   25 N6    ? ? ? 1_555 C G   6  O6 ? ? B A   26 C G   36 1_555 ? ? ? ? ? ? TYPE_8_PAIR          ?     ? 
? 
hydrog51 hydrog ?    ? B C   26 N3    ? ? ? 1_555 C G   5  N1 ? ? B C   27 C G   35 1_555 ? ? ? ? ? ? WATSON-CRICK         ?     ? 
? 
hydrog52 hydrog ?    ? B C   26 N4    ? ? ? 1_555 C G   5  O6 ? ? B C   27 C G   35 1_555 ? ? ? ? ? ? WATSON-CRICK         ?     ? 
? 
hydrog53 hydrog ?    ? B C   26 O2    ? ? ? 1_555 C G   5  N2 ? ? B C   27 C G   35 1_555 ? ? ? ? ? ? WATSON-CRICK         ?     ? 
? 
hydrog54 hydrog ?    ? B A   27 N1    ? ? ? 1_555 C U   4  N3 ? ? B A   28 C U   34 1_555 ? ? ? ? ? ? WATSON-CRICK         ?     ? 
? 
hydrog55 hydrog ?    ? B A   27 N6    ? ? ? 1_555 C U   4  O4 ? ? B A   28 C U   34 1_555 ? ? ? ? ? ? WATSON-CRICK         ?     ? 
? 
hydrog56 hydrog ?    ? B C   28 N3    ? ? ? 1_555 C G   3  N1 ? ? B C   29 C G   33 1_555 ? ? ? ? ? ? WATSON-CRICK         ?     ? 
? 
hydrog57 hydrog ?    ? B C   28 N4    ? ? ? 1_555 C G   3  O6 ? ? B C   29 C G   33 1_555 ? ? ? ? ? ? WATSON-CRICK         ?     ? 
? 
hydrog58 hydrog ?    ? B C   28 O2    ? ? ? 1_555 C G   3  N2 ? ? B C   29 C G   33 1_555 ? ? ? ? ? ? WATSON-CRICK         ?     ? 
? 
hydrog59 hydrog ?    ? B G   29 N1    ? ? ? 1_555 C C   2  N3 ? ? B G   30 C C   32 1_555 ? ? ? ? ? ? WATSON-CRICK         ?     ? 
? 
hydrog60 hydrog ?    ? B G   29 N2    ? ? ? 1_555 C C   2  O2 ? ? B G   30 C C   32 1_555 ? ? ? ? ? ? WATSON-CRICK         ?     ? 
? 
hydrog61 hydrog ?    ? B G   29 O6    ? ? ? 1_555 C C   2  N4 ? ? B G   30 C C   32 1_555 ? ? ? ? ? ? WATSON-CRICK         ?     ? 
? 
hydrog62 hydrog ?    ? B A   30 N1    ? ? ? 1_555 C U   1  N3 ? ? B A   31 C U   31 1_555 ? ? ? ? ? ? WATSON-CRICK         ?     ? 
? 
hydrog63 hydrog ?    ? B A   30 N6    ? ? ? 1_555 C U   1  O4 ? ? B A   31 C U   31 1_555 ? ? ? ? ? ? WATSON-CRICK         ?     ? 
? 
# 
loop_
_struct_conn_type.id 
_struct_conn_type.criteria 
_struct_conn_type.reference 
covale ? ? 
hydrog ? ? 
# 
_atom_sites.entry_id                    3B5F 
_atom_sites.fract_transf_matrix[1][1]   -0.00028837 
_atom_sites.fract_transf_matrix[1][2]   0.01036686 
_atom_sites.fract_transf_matrix[1][3]   0.00670764 
_atom_sites.fract_transf_matrix[2][1]   0.00001949 
_atom_sites.fract_transf_matrix[2][2]   0.01099678 
_atom_sites.fract_transf_matrix[2][3]   -0.00562295 
_atom_sites.fract_transf_matrix[3][1]   -0.00747009 
_atom_sites.fract_transf_matrix[3][2]   -0.00008433 
_atom_sites.fract_transf_matrix[3][3]   -0.00019082 
_atom_sites.fract_transf_vector[1]      0.433228 
_atom_sites.fract_transf_vector[2]      0.209863 
_atom_sites.fract_transf_vector[3]      0.384924 
# 
loop_
_atom_type.symbol 
C  
CO 
N  
O  
P  
# 
loop_
_atom_site.group_PDB 
_atom_site.id 
_atom_site.type_symbol 
_atom_site.label_atom_id 
_atom_site.label_alt_id 
_atom_site.label_comp_id 
_atom_site.label_asym_id 
_atom_site.label_entity_id 
_atom_site.label_seq_id 
_atom_site.pdbx_PDB_ins_code 
_atom_site.Cartn_x 
_atom_site.Cartn_y 
_atom_site.Cartn_z 
_atom_site.occupancy 
_atom_site.B_iso_or_equiv 
_atom_site.pdbx_formal_charge 
_atom_site.auth_seq_id 
_atom_site.auth_comp_id 
_atom_site.auth_asym_id 
_atom_site.auth_atom_id 
_atom_site.pdbx_PDB_model_num 
ATOM   1    O  "O5'" A U   A 1 1  ? -9.226  15.930  1.863   0.50 88.61  ? 1   U   A "O5'" 1 
ATOM   2    O  "O5'" B U   A 1 1  ? -10.207 16.024  2.271   0.50 92.96  ? 1   U   A "O5'" 1 
ATOM   3    C  "C5'" A U   A 1 1  ? -10.616 16.245  1.974   0.50 88.23  ? 1   U   A "C5'" 1 
ATOM   4    C  "C5'" B U   A 1 1  ? -11.443 16.639  1.897   0.50 92.96  ? 1   U   A "C5'" 1 
ATOM   5    C  "C4'" A U   A 1 1  ? -11.182 16.667  0.637   0.50 87.85  ? 1   U   A "C4'" 1 
ATOM   6    C  "C4'" B U   A 1 1  ? -11.472 16.839  0.407   0.50 92.78  ? 1   U   A "C4'" 1 
ATOM   7    O  "O4'" A U   A 1 1  ? -10.445 17.813  0.141   0.50 87.68  ? 1   U   A "O4'" 1 
ATOM   8    O  "O4'" B U   A 1 1  ? -10.574 17.911  0.037   0.50 93.90  ? 1   U   A "O4'" 1 
ATOM   9    C  "C3'" A U   A 1 1  ? -11.026 15.647  -0.477  0.50 88.62  ? 1   U   A "C3'" 1 
ATOM   10   C  "C3'" B U   A 1 1  ? -10.987 15.646  -0.386  0.50 92.85  ? 1   U   A "C3'" 1 
ATOM   11   O  "O3'" A U   A 1 1  ? -12.033 14.650  -0.401  0.50 88.71  ? 1   U   A "O3'" 1 
ATOM   12   O  "O3'" B U   A 1 1  ? -12.025 14.667  -0.444  0.50 90.62  ? 1   U   A "O3'" 1 
ATOM   13   C  "C2'" A U   A 1 1  ? -11.131 16.518  -1.730  0.50 87.66  ? 1   U   A "C2'" 1 
ATOM   14   C  "C2'" B U   A 1 1  ? -10.548 16.302  -1.698  0.50 93.37  ? 1   U   A "C2'" 1 
ATOM   15   O  "O2'" A U   A 1 1  ? -12.426 16.924  -2.079  0.50 89.23  ? 1   U   A "O2'" 1 
ATOM   16   O  "O2'" B U   A 1 1  ? -11.604 16.610  -2.590  0.50 93.94  ? 1   U   A "O2'" 1 
ATOM   17   C  "C1'" A U   A 1 1  ? -10.382 17.764  -1.278  0.50 85.76  ? 1   U   A "C1'" 1 
ATOM   18   C  "C1'" B U   A 1 1  ? -9.891  17.579  -1.168  0.50 93.12  ? 1   U   A "C1'" 1 
ATOM   19   N  N1    A U   A 1 1  ? -8.983  17.659  -1.681  0.50 83.36  ? 1   U   A N1    1 
ATOM   20   N  N1    B U   A 1 1  ? -8.497  17.342  -0.771  0.50 93.09  ? 1   U   A N1    1 
ATOM   21   C  C2    A U   A 1 1  ? -8.696  17.892  -3.006  0.50 81.59  ? 1   U   A C2    1 
ATOM   22   C  C2    B U   A 1 1  ? -7.505  17.394  -1.732  0.50 93.13  ? 1   U   A C2    1 
ATOM   23   O  O2    A U   A 1 1  ? -9.550  18.196  -3.828  0.50 78.38  ? 1   U   A O2    1 
ATOM   24   O  O2    B U   A 1 1  ? -7.706  17.654  -2.904  0.50 92.99  ? 1   U   A O2    1 
ATOM   25   N  N3    A U   A 1 1  ? -7.376  17.751  -3.337  0.50 80.84  ? 1   U   A N3    1 
ATOM   26   N  N3    B U   A 1 1  ? -6.251  17.125  -1.243  0.50 92.78  ? 1   U   A N3    1 
ATOM   27   C  C4    A U   A 1 1  ? -6.346  17.405  -2.494  0.50 81.82  ? 1   U   A C4    1 
ATOM   28   C  C4    B U   A 1 1  ? -5.925  16.836  0.062   0.50 91.95  ? 1   U   A C4    1 
ATOM   29   O  O4    A U   A 1 1  ? -5.217  17.310  -2.951  0.50 80.53  ? 1   U   A O4    1 
ATOM   30   O  O4    B U   A 1 1  ? -4.716  16.614  0.344   0.50 91.14  ? 1   U   A O4    1 
ATOM   31   C  C5    A U   A 1 1  ? -6.725  17.185  -1.126  0.50 82.61  ? 1   U   A C5    1 
ATOM   32   C  C5    B U   A 1 1  ? -6.992  16.820  0.981   0.50 91.73  ? 1   U   A C5    1 
ATOM   33   C  C6    A U   A 1 1  ? -8.005  17.321  -0.775  0.50 83.39  ? 1   U   A C6    1 
ATOM   34   C  C6    B U   A 1 1  ? -8.221  17.067  0.549   0.50 92.32  ? 1   U   A C6    1 
ATOM   35   P  P     . C   A 1 2  ? -11.683 13.158  -0.858  1.00 87.24  ? 2   C   A P     1 
ATOM   36   O  OP1   . C   A 1 2  ? -12.843 12.635  -1.612  1.00 88.55  ? 2   C   A OP1   1 
ATOM   37   O  OP2   . C   A 1 2  ? -11.203 12.407  0.320   1.00 85.21  ? 2   C   A OP2   1 
ATOM   38   O  "O5'" . C   A 1 2  ? -10.527 13.394  -1.911  1.00 81.16  ? 2   C   A "O5'" 1 
ATOM   39   C  "C5'" . C   A 1 2  ? -10.852 13.589  -3.259  1.00 70.53  ? 2   C   A "C5'" 1 
ATOM   40   C  "C4'" . C   A 1 2  ? -9.634  13.502  -4.119  1.00 66.75  ? 2   C   A "C4'" 1 
ATOM   41   O  "O4'" . C   A 1 2  ? -8.647  14.392  -3.546  1.00 64.46  ? 2   C   A "O4'" 1 
ATOM   42   C  "C3'" . C   A 1 2  ? -8.934  12.159  -4.071  1.00 64.67  ? 2   C   A "C3'" 1 
ATOM   43   O  "O3'" . C   A 1 2  ? -9.507  11.188  -4.941  1.00 62.97  ? 2   C   A "O3'" 1 
ATOM   44   C  "C2'" . C   A 1 2  ? -7.516  12.529  -4.466  1.00 62.98  ? 2   C   A "C2'" 1 
ATOM   45   O  "O2'" . C   A 1 2  ? -7.326  12.727  -5.843  1.00 61.40  ? 2   C   A "O2'" 1 
ATOM   46   C  "C1'" . C   A 1 2  ? -7.354  13.867  -3.758  1.00 59.99  ? 2   C   A "C1'" 1 
ATOM   47   N  N1    . C   A 1 2  ? -6.657  13.756  -2.478  1.00 60.20  ? 2   C   A N1    1 
ATOM   48   C  C2    . C   A 1 2  ? -5.282  13.613  -2.511  1.00 61.49  ? 2   C   A C2    1 
ATOM   49   O  O2    . C   A 1 2  ? -4.708  13.585  -3.609  1.00 63.94  ? 2   C   A O2    1 
ATOM   50   N  N3    . C   A 1 2  ? -4.608  13.494  -1.352  1.00 61.81  ? 2   C   A N3    1 
ATOM   51   C  C4    . C   A 1 2  ? -5.261  13.505  -0.194  1.00 62.99  ? 2   C   A C4    1 
ATOM   52   N  N4    . C   A 1 2  ? -4.540  13.365  0.917   1.00 63.44  ? 2   C   A N4    1 
ATOM   53   C  C5    . C   A 1 2  ? -6.671  13.655  -0.130  1.00 62.96  ? 2   C   A C5    1 
ATOM   54   C  C6    . C   A 1 2  ? -7.331  13.784  -1.295  1.00 60.46  ? 2   C   A C6    1 
ATOM   55   P  P     . C   A 1 3  ? -9.462  9.637   -4.522  1.00 59.66  ? 3   C   A P     1 
ATOM   56   O  OP1   . C   A 1 3  ? -10.377 8.876   -5.397  1.00 59.80  ? 3   C   A OP1   1 
ATOM   57   O  OP2   . C   A 1 3  ? -9.593  9.538   -3.049  1.00 61.22  ? 3   C   A OP2   1 
ATOM   58   O  "O5'" . C   A 1 3  ? -7.978  9.217   -4.878  1.00 59.19  ? 3   C   A "O5'" 1 
ATOM   59   C  "C5'" . C   A 1 3  ? -7.576  9.179   -6.226  1.00 59.05  ? 3   C   A "C5'" 1 
ATOM   60   C  "C4'" . C   A 1 3  ? -6.163  8.705   -6.329  1.00 57.61  ? 3   C   A "C4'" 1 
ATOM   61   O  "O4'" . C   A 1 3  ? -5.305  9.665   -5.673  1.00 59.28  ? 3   C   A "O4'" 1 
ATOM   62   C  "C3'" . C   A 1 3  ? -5.874  7.412   -5.603  1.00 58.50  ? 3   C   A "C3'" 1 
ATOM   63   O  "O3'" . C   A 1 3  ? -6.217  6.301   -6.401  1.00 63.61  ? 3   C   A "O3'" 1 
ATOM   64   C  "C2'" . C   A 1 3  ? -4.377  7.507   -5.373  1.00 59.09  ? 3   C   A "C2'" 1 
ATOM   65   O  "O2'" . C   A 1 3  ? -3.630  7.233   -6.539  1.00 58.38  ? 3   C   A "O2'" 1 
ATOM   66   C  "C1'" . C   A 1 3  ? -4.230  8.989   -5.053  1.00 58.87  ? 3   C   A "C1'" 1 
ATOM   67   N  N1    . C   A 1 3  ? -4.288  9.271   -3.621  1.00 58.75  ? 3   C   A N1    1 
ATOM   68   C  C2    . C   A 1 3  ? -3.136  9.130   -2.877  1.00 58.38  ? 3   C   A C2    1 
ATOM   69   O  O2    . C   A 1 3  ? -2.119  8.717   -3.441  1.00 60.34  ? 3   C   A O2    1 
ATOM   70   N  N3    . C   A 1 3  ? -3.151  9.444   -1.568  1.00 58.18  ? 3   C   A N3    1 
ATOM   71   C  C4    . C   A 1 3  ? -4.273  9.883   -1.006  1.00 58.73  ? 3   C   A C4    1 
ATOM   72   N  N4    . C   A 1 3  ? -4.236  10.224  0.279   1.00 61.44  ? 3   C   A N4    1 
ATOM   73   C  C5    . C   A 1 3  ? -5.481  10.001  -1.739  1.00 58.72  ? 3   C   A C5    1 
ATOM   74   C  C6    . C   A 1 3  ? -5.445  9.685   -3.033  1.00 57.99  ? 3   C   A C6    1 
ATOM   75   P  P     . C   A 1 4  ? -6.724  4.962   -5.695  1.00 64.65  ? 4   C   A P     1 
ATOM   76   O  OP1   . C   A 1 4  ? -7.022  3.946   -6.732  1.00 68.88  ? 4   C   A OP1   1 
ATOM   77   O  OP2   . C   A 1 4  ? -7.769  5.356   -4.722  1.00 66.96  ? 4   C   A OP2   1 
ATOM   78   O  "O5'" . C   A 1 4  ? -5.446  4.475   -4.890  1.00 67.12  ? 4   C   A "O5'" 1 
ATOM   79   C  "C5'" . C   A 1 4  ? -4.242  4.180   -5.574  1.00 67.42  ? 4   C   A "C5'" 1 
ATOM   80   C  "C4'" . C   A 1 4  ? -3.197  3.726   -4.598  1.00 66.43  ? 4   C   A "C4'" 1 
ATOM   81   O  "O4'" . C   A 1 4  ? -2.826  4.837   -3.749  1.00 67.43  ? 4   C   A "O4'" 1 
ATOM   82   C  "C3'" . C   A 1 4  ? -3.707  2.685   -3.621  1.00 66.68  ? 4   C   A "C3'" 1 
ATOM   83   O  "O3'" . C   A 1 4  ? -3.580  1.409   -4.236  1.00 68.36  ? 4   C   A "O3'" 1 
ATOM   84   C  "C2'" . C   A 1 4  ? -2.749  2.850   -2.449  1.00 68.51  ? 4   C   A "C2'" 1 
ATOM   85   O  "O2'" . C   A 1 4  ? -1.510  2.221   -2.668  1.00 71.24  ? 4   C   A "O2'" 1 
ATOM   86   C  "C1'" . C   A 1 4  ? -2.493  4.355   -2.469  1.00 66.14  ? 4   C   A "C1'" 1 
ATOM   87   N  N1    . C   A 1 4  ? -3.146  5.167   -1.432  1.00 66.83  ? 4   C   A N1    1 
ATOM   88   C  C2    . C   A 1 4  ? -2.446  5.383   -0.259  1.00 67.37  ? 4   C   A C2    1 
ATOM   89   O  O2    . C   A 1 4  ? -1.321  4.890   -0.155  1.00 71.24  ? 4   C   A O2    1 
ATOM   90   N  N3    . C   A 1 4  ? -2.996  6.121   0.730   1.00 65.67  ? 4   C   A N3    1 
ATOM   91   C  C4    . C   A 1 4  ? -4.209  6.637   0.572   1.00 64.89  ? 4   C   A C4    1 
ATOM   92   N  N4    . C   A 1 4  ? -4.714  7.353   1.580   1.00 65.95  ? 4   C   A N4    1 
ATOM   93   C  C5    . C   A 1 4  ? -4.956  6.441   -0.624  1.00 65.83  ? 4   C   A C5    1 
ATOM   94   C  C6    . C   A 1 4  ? -4.392  5.700   -1.595  1.00 66.42  ? 4   C   A C6    1 
ATOM   95   P  P     . A   A 1 5  ? -4.563  0.212   -3.816  1.00 67.78  ? 5   A   A P     1 
ATOM   96   O  OP1   . A   A 1 5  ? -4.134  -1.012  -4.551  1.00 66.72  ? 5   A   A OP1   1 
ATOM   97   O  OP2   . A   A 1 5  ? -5.968  0.670   -3.909  1.00 68.45  ? 5   A   A OP2   1 
ATOM   98   O  "O5'" . A   A 1 5  ? -4.242  0.019   -2.277  1.00 66.47  ? 5   A   A "O5'" 1 
ATOM   99   C  "C5'" . A   A 1 5  ? -3.160  -0.790  -1.865  1.00 67.74  ? 5   A   A "C5'" 1 
ATOM   100  C  "C4'" . A   A 1 5  ? -3.213  -0.958  -0.380  1.00 66.68  ? 5   A   A "C4'" 1 
ATOM   101  O  "O4'" . A   A 1 5  ? -2.974  0.329   0.234   1.00 67.49  ? 5   A   A "O4'" 1 
ATOM   102  C  "C3'" . A   A 1 5  ? -4.552  -1.415  0.176   1.00 66.49  ? 5   A   A "C3'" 1 
ATOM   103  C  "C2'" . A   A 1 5  ? -4.491  -0.876  1.599   1.00 67.52  ? 5   A   A "C2'" 1 
ATOM   104  O  "O2'" . A   A 1 5  ? -3.720  -1.712  2.441   1.00 69.66  ? 5   A   A "O2'" 1 
ATOM   105  C  "C1'" . A   A 1 5  ? -3.788  0.466   1.376   1.00 67.65  ? 5   A   A "C1'" 1 
ATOM   106  N  N9    . A   A 1 5  ? -4.750  1.506   1.058   1.00 69.95  ? 5   A   A N9    1 
ATOM   107  C  C8    . A   A 1 5  ? -5.268  1.768   -0.184  1.00 71.02  ? 5   A   A C8    1 
ATOM   108  N  N7    . A   A 1 5  ? -6.151  2.733   -0.193  1.00 71.70  ? 5   A   A N7    1 
ATOM   109  C  C5    . A   A 1 5  ? -6.209  3.141   1.134   1.00 71.19  ? 5   A   A C5    1 
ATOM   110  C  C6    . A   A 1 5  ? -6.963  4.129   1.787   1.00 71.23  ? 5   A   A C6    1 
ATOM   111  N  N6    . A   A 1 5  ? -7.849  4.899   1.167   1.00 71.92  ? 5   A   A N6    1 
ATOM   112  N  N1    . A   A 1 5  ? -6.778  4.295   3.114   1.00 70.20  ? 5   A   A N1    1 
ATOM   113  C  C2    . A   A 1 5  ? -5.898  3.508   3.734   1.00 71.00  ? 5   A   A C2    1 
ATOM   114  N  N3    . A   A 1 5  ? -5.134  2.537   3.231   1.00 71.91  ? 5   A   A N3    1 
ATOM   115  C  C4    . A   A 1 5  ? -5.340  2.402   1.912   1.00 70.71  ? 5   A   A C4    1 
ATOM   116  P  P     . G   A 1 6  ? -3.942  -1.675  4.030   1.00 68.89  ? 6   G   A P     1 
ATOM   117  O  OP1   . G   A 1 6  ? -5.408  -1.695  4.251   1.00 69.36  ? 6   G   A OP1   1 
ATOM   118  O  OP2   . G   A 1 6  ? -3.140  -0.559  4.582   1.00 68.43  ? 6   G   A OP2   1 
ATOM   119  O  "O5'" . G   A 1 6  ? -3.284  -3.044  4.541   1.00 72.61  ? 6   G   A "O5'" 1 
ATOM   120  C  "C5'" . G   A 1 6  ? -3.356  -4.234  3.742   1.00 75.48  ? 6   G   A "C5'" 1 
ATOM   121  C  "C4'" . G   A 1 6  ? -2.796  -5.455  4.478   1.00 75.09  ? 6   G   A "C4'" 1 
ATOM   122  O  "O4'" . G   A 1 6  ? -1.429  -5.744  4.063   1.00 73.67  ? 6   G   A "O4'" 1 
ATOM   123  C  "C3'" . G   A 1 6  ? -2.740  -5.254  5.999   1.00 74.14  ? 6   G   A "C3'" 1 
ATOM   124  O  "O3'" . G   A 1 6  ? -3.058  -6.476  6.661   1.00 77.99  ? 6   G   A "O3'" 1 
ATOM   125  C  "C2'" . G   A 1 6  ? -1.291  -4.864  6.293   1.00 71.51  ? 6   G   A "C2'" 1 
ATOM   126  O  "O2'" . G   A 1 6  ? -0.751  -5.431  7.463   1.00 73.19  ? 6   G   A "O2'" 1 
ATOM   127  C  "C1'" . G   A 1 6  ? -0.572  -5.585  5.162   1.00 69.07  ? 6   G   A "C1'" 1 
ATOM   128  N  N9    . G   A 1 6  ? 0.771   -5.158  4.758   1.00 67.70  ? 6   G   A N9    1 
ATOM   129  C  C8    . G   A 1 6  ? 1.740   -5.924  4.165   1.00 64.77  ? 6   G   A C8    1 
ATOM   130  N  N7    . G   A 1 6  ? 2.873   -5.317  4.095   1.00 63.92  ? 6   G   A N7    1 
ATOM   131  C  C5    . G   A 1 6  ? 2.645   -4.068  4.659   1.00 64.88  ? 6   G   A C5    1 
ATOM   132  C  C6    . G   A 1 6  ? 3.534   -2.970  4.863   1.00 65.15  ? 6   G   A C6    1 
ATOM   133  O  O6    . G   A 1 6  ? 4.712   -2.870  4.547   1.00 65.33  ? 6   G   A O6    1 
ATOM   134  N  N1    . G   A 1 6  ? 2.887   -1.918  5.482   1.00 65.53  ? 6   G   A N1    1 
ATOM   135  C  C2    . G   A 1 6  ? 1.557   -1.903  5.875   1.00 66.30  ? 6   G   A C2    1 
ATOM   136  N  N2    . G   A 1 6  ? 1.141   -0.776  6.454   1.00 65.06  ? 6   G   A N2    1 
ATOM   137  N  N3    . G   A 1 6  ? 0.709   -2.918  5.697   1.00 66.53  ? 6   G   A N3    1 
ATOM   138  C  C4    . G   A 1 6  ? 1.339   -3.953  5.080   1.00 65.59  ? 6   G   A C4    1 
ATOM   139  P  P     . U   A 1 7  ? -4.442  -6.681  7.446   1.00 76.61  ? 7   U   A P     1 
ATOM   140  O  OP1   . U   A 1 7  ? -4.364  -8.119  7.785   1.00 78.89  ? 7   U   A OP1   1 
ATOM   141  O  OP2   . U   A 1 7  ? -5.595  -6.185  6.669   1.00 77.60  ? 7   U   A OP2   1 
ATOM   142  O  "O5'" . U   A 1 7  ? -4.249  -5.912  8.821   1.00 74.62  ? 7   U   A "O5'" 1 
ATOM   143  C  "C5'" . U   A 1 7  ? -3.396  -6.489  9.789   1.00 80.27  ? 7   U   A "C5'" 1 
ATOM   144  C  "C4'" . U   A 1 7  ? -3.657  -5.925  11.151  1.00 83.48  ? 7   U   A "C4'" 1 
ATOM   145  O  "O4'" . U   A 1 7  ? -3.174  -4.564  11.198  1.00 87.93  ? 7   U   A "O4'" 1 
ATOM   146  C  "C3'" . U   A 1 7  ? -5.110  -5.825  11.560  1.00 85.60  ? 7   U   A "C3'" 1 
ATOM   147  O  "O3'" . U   A 1 7  ? -5.549  -7.052  12.098  1.00 85.40  ? 7   U   A "O3'" 1 
ATOM   148  C  "C2'" . U   A 1 7  ? -5.057  -4.743  12.627  1.00 89.01  ? 7   U   A "C2'" 1 
ATOM   149  O  "O2'" . U   A 1 7  ? -4.596  -5.221  13.873  1.00 90.61  ? 7   U   A "O2'" 1 
ATOM   150  C  "C1'" . U   A 1 7  ? -4.006  -3.800  12.048  1.00 90.47  ? 7   U   A "C1'" 1 
ATOM   151  N  N1    . U   A 1 7  ? -4.595  -2.713  11.265  1.00 92.56  ? 7   U   A N1    1 
ATOM   152  C  C2    . U   A 1 7  ? -5.303  -1.747  11.950  1.00 93.28  ? 7   U   A C2    1 
ATOM   153  O  O2    . U   A 1 7  ? -5.446  -1.763  13.162  1.00 95.37  ? 7   U   A O2    1 
ATOM   154  N  N3    . U   A 1 7  ? -5.838  -0.762  11.165  1.00 92.92  ? 7   U   A N3    1 
ATOM   155  C  C4    . U   A 1 7  ? -5.735  -0.647  9.798   1.00 91.93  ? 7   U   A C4    1 
ATOM   156  O  O4    . U   A 1 7  ? -6.246  0.319   9.235   1.00 92.33  ? 7   U   A O4    1 
ATOM   157  C  C5    . U   A 1 7  ? -4.984  -1.687  9.166   1.00 92.21  ? 7   U   A C5    1 
ATOM   158  C  C6    . U   A 1 7  ? -4.452  -2.660  9.905   1.00 92.98  ? 7   U   A C6    1 
ATOM   159  P  P     . C   A 1 8  ? -7.113  -7.355  12.190  1.00 84.40  ? 8   C   A P     1 
ATOM   160  O  OP1   . C   A 1 8  ? -7.286  -8.368  13.260  1.00 86.57  ? 8   C   A OP1   1 
ATOM   161  O  OP2   . C   A 1 8  ? -7.608  -7.633  10.819  1.00 84.45  ? 8   C   A OP2   1 
ATOM   162  O  "O5'" . C   A 1 8  ? -7.740  -5.981  12.690  1.00 87.65  ? 8   C   A "O5'" 1 
ATOM   163  C  "C5'" . C   A 1 8  ? -7.675  -5.608  14.064  1.00 90.88  ? 8   C   A "C5'" 1 
ATOM   164  C  "C4'" . C   A 1 8  ? -8.569  -4.425  14.313  1.00 93.37  ? 8   C   A "C4'" 1 
ATOM   165  O  "O4'" . C   A 1 8  ? -8.025  -3.259  13.643  1.00 93.72  ? 8   C   A "O4'" 1 
ATOM   166  C  "C3'" . C   A 1 8  ? -9.947  -4.567  13.704  1.00 95.89  ? 8   C   A "C3'" 1 
ATOM   167  O  "O3'" . C   A 1 8  ? -10.805 -5.359  14.498  1.00 98.29  ? 8   C   A "O3'" 1 
ATOM   168  C  "C2'" . C   A 1 8  ? -10.389 -3.121  13.564  1.00 95.00  ? 8   C   A "C2'" 1 
ATOM   169  O  "O2'" . C   A 1 8  ? -10.817 -2.574  14.789  1.00 95.16  ? 8   C   A "O2'" 1 
ATOM   170  C  "C1'" . C   A 1 8  ? -9.082  -2.459  13.139  1.00 93.78  ? 8   C   A "C1'" 1 
ATOM   171  N  N1    . C   A 1 8  ? -8.975  -2.415  11.676  1.00 93.80  ? 8   C   A N1    1 
ATOM   172  C  C2    . C   A 1 8  ? -9.453  -1.286  11.009  1.00 94.34  ? 8   C   A C2    1 
ATOM   173  O  O2    . C   A 1 8  ? -9.930  -0.356  11.675  1.00 95.70  ? 8   C   A O2    1 
ATOM   174  N  N3    . C   A 1 8  ? -9.384  -1.230  9.664   1.00 93.77  ? 8   C   A N3    1 
ATOM   175  C  C4    . C   A 1 8  ? -8.855  -2.247  8.984   1.00 93.48  ? 8   C   A C4    1 
ATOM   176  N  N4    . C   A 1 8  ? -8.807  -2.143  7.656   1.00 93.38  ? 8   C   A N4    1 
ATOM   177  C  C5    . C   A 1 8  ? -8.353  -3.413  9.638   1.00 92.68  ? 8   C   A C5    1 
ATOM   178  C  C6    . C   A 1 8  ? -8.431  -3.453  10.972  1.00 92.36  ? 8   C   A C6    1 
ATOM   179  P  P     . C   A 1 9  ? -11.922 -6.247  13.776  1.00 99.77  ? 9   C   A P     1 
ATOM   180  O  OP1   . C   A 1 9  ? -12.520 -7.140  14.789  1.00 101.43 ? 9   C   A OP1   1 
ATOM   181  O  OP2   . C   A 1 9  ? -11.331 -6.834  12.542  1.00 98.44  ? 9   C   A OP2   1 
ATOM   182  O  "O5'" . C   A 1 9  ? -12.993 -5.149  13.343  1.00 103.87 ? 9   C   A "O5'" 1 
ATOM   183  C  "C5'" . C   A 1 9  ? -13.346 -4.086  14.230  1.00 106.33 ? 9   C   A "C5'" 1 
ATOM   184  C  "C4'" . C   A 1 9  ? -14.246 -3.085  13.533  1.00 109.36 ? 9   C   A "C4'" 1 
ATOM   185  O  "O4'" . C   A 1 9  ? -13.470 -2.259  12.624  1.00 108.08 ? 9   C   A "O4'" 1 
ATOM   186  C  "C3'" . C   A 1 9  ? -15.321 -3.693  12.648  1.00 112.17 ? 9   C   A "C3'" 1 
ATOM   187  O  "O3'" . C   A 1 9  ? -16.460 -4.118  13.377  1.00 115.94 ? 9   C   A "O3'" 1 
ATOM   188  C  "C2'" . C   A 1 9  ? -15.631 -2.560  11.680  1.00 110.49 ? 9   C   A "C2'" 1 
ATOM   189  O  "O2'" . C   A 1 9  ? -16.521 -1.597  12.209  1.00 109.84 ? 9   C   A "O2'" 1 
ATOM   190  C  "C1'" . C   A 1 9  ? -14.240 -1.964  11.468  1.00 108.57 ? 9   C   A "C1'" 1 
ATOM   191  N  N1    . C   A 1 9  ? -13.581 -2.577  10.311  1.00 107.43 ? 9   C   A N1    1 
ATOM   192  C  C2    . C   A 1 9  ? -13.754 -1.994  9.061   1.00 107.46 ? 9   C   A C2    1 
ATOM   193  O  O2    . C   A 1 9  ? -14.441 -0.963  8.974   1.00 108.16 ? 9   C   A O2    1 
ATOM   194  N  N3    . C   A 1 9  ? -13.169 -2.564  7.981   1.00 106.65 ? 9   C   A N3    1 
ATOM   195  C  C4    . C   A 1 9  ? -12.432 -3.667  8.128   1.00 105.89 ? 9   C   A C4    1 
ATOM   196  N  N4    . C   A 1 9  ? -11.876 -4.196  7.042   1.00 105.22 ? 9   C   A N4    1 
ATOM   197  C  C5    . C   A 1 9  ? -12.234 -4.276  9.395   1.00 106.28 ? 9   C   A C5    1 
ATOM   198  C  C6    . C   A 1 9  ? -12.818 -3.703  10.450  1.00 106.99 ? 9   C   A C6    1 
ATOM   199  P  P     . A   A 1 10 ? -17.508 -5.114  12.681  1.00 117.81 ? 10  A   A P     1 
ATOM   200  O  OP1   . A   A 1 10 ? -18.527 -5.461  13.697  1.00 118.29 ? 10  A   A OP1   1 
ATOM   201  O  OP2   . A   A 1 10 ? -16.765 -6.199  11.982  1.00 114.98 ? 10  A   A OP2   1 
ATOM   202  O  "O5'" . A   A 1 10 ? -18.186 -4.209  11.563  1.00 118.54 ? 10  A   A "O5'" 1 
ATOM   203  C  "C5'" . A   A 1 10 ? -19.271 -3.343  11.871  1.00 122.04 ? 10  A   A "C5'" 1 
ATOM   204  C  "C4'" . A   A 1 10 ? -19.961 -2.936  10.595  1.00 124.66 ? 10  A   A "C4'" 1 
ATOM   205  O  "O4'" . A   A 1 10 ? -19.004 -2.214  9.771   1.00 125.01 ? 10  A   A "O4'" 1 
ATOM   206  C  "C3'" . A   A 1 10 ? -20.393 -4.090  9.705   1.00 126.44 ? 10  A   A "C3'" 1 
ATOM   207  O  "O3'" . A   A 1 10 ? -21.633 -4.693  10.041  1.00 127.98 ? 10  A   A "O3'" 1 
ATOM   208  C  "C2'" . A   A 1 10 ? -20.438 -3.440  8.332   1.00 125.52 ? 10  A   A "C2'" 1 
ATOM   209  O  "O2'" . A   A 1 10 ? -21.614 -2.681  8.118   1.00 125.47 ? 10  A   A "O2'" 1 
ATOM   210  C  "C1'" . A   A 1 10 ? -19.207 -2.540  8.402   1.00 123.54 ? 10  A   A "C1'" 1 
ATOM   211  N  N9    . A   A 1 10 ? -18.035 -3.279  7.936   1.00 121.37 ? 10  A   A N9    1 
ATOM   212  C  C8    . A   A 1 10 ? -17.031 -3.847  8.684   1.00 120.50 ? 10  A   A C8    1 
ATOM   213  N  N7    . A   A 1 10 ? -16.122 -4.460  7.967   1.00 119.52 ? 10  A   A N7    1 
ATOM   214  C  C5    . A   A 1 10 ? -16.552 -4.280  6.661   1.00 119.27 ? 10  A   A C5    1 
ATOM   215  C  C6    . A   A 1 10 ? -16.015 -4.683  5.430   1.00 119.01 ? 10  A   A C6    1 
ATOM   216  N  N6    . A   A 1 10 ? -14.884 -5.380  5.310   1.00 117.57 ? 10  A   A N6    1 
ATOM   217  N  N1    . A   A 1 10 ? -16.689 -4.338  4.309   1.00 119.57 ? 10  A   A N1    1 
ATOM   218  C  C2    . A   A 1 10 ? -17.825 -3.635  4.433   1.00 120.25 ? 10  A   A C2    1 
ATOM   219  N  N3    . A   A 1 10 ? -18.427 -3.196  5.537   1.00 120.02 ? 10  A   A N3    1 
ATOM   220  C  C4    . A   A 1 10 ? -17.729 -3.555  6.627   1.00 119.92 ? 10  A   A C4    1 
ATOM   221  P  P     . C   A 1 11 ? -22.007 -6.106  9.376   1.00 129.88 ? 11  C   A P     1 
ATOM   222  O  OP1   . C   A 1 11 ? -23.369 -6.514  9.790   1.00 129.49 ? 11  C   A OP1   1 
ATOM   223  O  OP2   . C   A 1 11 ? -20.856 -7.012  9.614   1.00 131.00 ? 11  C   A OP2   1 
ATOM   224  O  "O5'" . C   A 1 11 ? -22.025 -5.807  7.815   1.00 128.79 ? 11  C   A "O5'" 1 
ATOM   225  C  "C5'" . C   A 1 11 ? -23.097 -5.091  7.234   1.00 127.65 ? 11  C   A "C5'" 1 
ATOM   226  C  "C4'" . C   A 1 11 ? -23.096 -5.282  5.746   1.00 127.46 ? 11  C   A "C4'" 1 
ATOM   227  O  "O4'" . C   A 1 11 ? -21.818 -4.833  5.221   1.00 126.67 ? 11  C   A "O4'" 1 
ATOM   228  C  "C3'" . C   A 1 11 ? -23.147 -6.737  5.308   1.00 128.10 ? 11  C   A "C3'" 1 
ATOM   229  O  "O3'" . C   A 1 11 ? -24.469 -7.246  5.282   1.00 129.37 ? 11  C   A "O3'" 1 
ATOM   230  C  "C2'" . C   A 1 11 ? -22.550 -6.677  3.912   1.00 127.47 ? 11  C   A "C2'" 1 
ATOM   231  O  "O2'" . C   A 1 11 ? -23.463 -6.243  2.923   1.00 129.17 ? 11  C   A "O2'" 1 
ATOM   232  C  "C1'" . C   A 1 11 ? -21.462 -5.625  4.102   1.00 125.35 ? 11  C   A "C1'" 1 
ATOM   233  N  N1    . C   A 1 11 ? -20.160 -6.252  4.327   1.00 123.13 ? 11  C   A N1    1 
ATOM   234  C  C2    . C   A 1 11 ? -19.449 -6.677  3.204   1.00 122.68 ? 11  C   A C2    1 
ATOM   235  O  O2    . C   A 1 11 ? -19.935 -6.470  2.075   1.00 121.73 ? 11  C   A O2    1 
ATOM   236  N  N3    . C   A 1 11 ? -18.263 -7.295  3.367   1.00 122.77 ? 11  C   A N3    1 
ATOM   237  C  C4    . C   A 1 11 ? -17.776 -7.488  4.594   1.00 122.49 ? 11  C   A C4    1 
ATOM   238  N  N4    . C   A 1 11 ? -16.602 -8.114  4.702   1.00 123.01 ? 11  C   A N4    1 
ATOM   239  C  C5    . C   A 1 11 ? -18.474 -7.050  5.763   1.00 121.24 ? 11  C   A C5    1 
ATOM   240  C  C6    . C   A 1 11 ? -19.653 -6.440  5.584   1.00 121.13 ? 11  C   A C6    1 
ATOM   241  P  P     . C   A 1 12 ? -24.701 -8.834  5.201   1.00 130.10 ? 12  C   A P     1 
ATOM   242  O  OP1   . C   A 1 12 ? -26.164 -9.070  5.207   1.00 130.90 ? 12  C   A OP1   1 
ATOM   243  O  OP2   . C   A 1 12 ? -23.847 -9.474  6.231   1.00 131.38 ? 12  C   A OP2   1 
ATOM   244  O  "O5'" . C   A 1 12 ? -24.141 -9.248  3.770   1.00 126.97 ? 12  C   A "O5'" 1 
ATOM   245  C  "C5'" . C   A 1 12 ? -24.839 -8.871  2.598   1.00 124.60 ? 12  C   A "C5'" 1 
ATOM   246  C  "C4'" . C   A 1 12 ? -24.149 -9.406  1.373   1.00 123.99 ? 12  C   A "C4'" 1 
ATOM   247  O  "O4'" . C   A 1 12 ? -22.814 -8.834  1.290   1.00 123.12 ? 12  C   A "O4'" 1 
ATOM   248  C  "C3'" . C   A 1 12 ? -23.874 -10.898 1.390   1.00 124.63 ? 12  C   A "C3'" 1 
ATOM   249  O  "O3'" . C   A 1 12 ? -24.990 -11.692 1.041   1.00 126.83 ? 12  C   A "O3'" 1 
ATOM   250  C  "C2'" . C   A 1 12 ? -22.737 -11.027 0.389   1.00 123.83 ? 12  C   A "C2'" 1 
ATOM   251  O  "O2'" . C   A 1 12 ? -23.155 -10.964 -0.963  1.00 123.20 ? 12  C   A "O2'" 1 
ATOM   252  C  "C1'" . C   A 1 12 ? -21.920 -9.784  0.722   1.00 121.37 ? 12  C   A "C1'" 1 
ATOM   253  N  N1    . C   A 1 12 ? -20.870 -10.116 1.693   1.00 118.05 ? 12  C   A N1    1 
ATOM   254  C  C2    . C   A 1 12 ? -19.713 -10.764 1.226   1.00 116.96 ? 12  C   A C2    1 
ATOM   255  O  O2    . C   A 1 12 ? -19.605 -11.003 0.003   1.00 115.32 ? 12  C   A O2    1 
ATOM   256  N  N3    . C   A 1 12 ? -18.749 -11.106 2.108   1.00 116.12 ? 12  C   A N3    1 
ATOM   257  C  C4    . C   A 1 12 ? -18.903 -10.829 3.407   1.00 115.87 ? 12  C   A C4    1 
ATOM   258  N  N4    . C   A 1 12 ? -17.930 -11.194 4.242   1.00 115.52 ? 12  C   A N4    1 
ATOM   259  C  C5    . C   A 1 12 ? -20.061 -10.164 3.906   1.00 115.85 ? 12  C   A C5    1 
ATOM   260  C  C6    . C   A 1 12 ? -21.011 -9.829  3.023   1.00 116.31 ? 12  C   A C6    1 
ATOM   261  P  P     . G   A 1 13 ? -24.981 -13.257 1.407   1.00 127.16 ? 13  G   A P     1 
ATOM   262  O  OP1   . G   A 1 13 ? -26.261 -13.832 0.912   1.00 129.22 ? 13  G   A OP1   1 
ATOM   263  O  OP2   . G   A 1 13 ? -24.616 -13.382 2.849   1.00 125.13 ? 13  G   A OP2   1 
ATOM   264  O  "O5'" . G   A 1 13 ? -23.801 -13.865 0.523   1.00 122.28 ? 13  G   A "O5'" 1 
ATOM   265  C  "C5'" . G   A 1 13 ? -23.891 -13.913 -0.906  1.00 116.96 ? 13  G   A "C5'" 1 
ATOM   266  C  "C4'" . G   A 1 13 ? -22.701 -14.654 -1.480  1.00 114.60 ? 13  G   A "C4'" 1 
ATOM   267  O  "O4'" . G   A 1 13 ? -21.481 -13.948 -1.129  1.00 113.45 ? 13  G   A "O4'" 1 
ATOM   268  C  "C3'" . G   A 1 13 ? -22.491 -16.060 -0.942  1.00 112.92 ? 13  G   A "C3'" 1 
ATOM   269  O  "O3'" . G   A 1 13 ? -23.366 -17.014 -1.549  1.00 113.51 ? 13  G   A "O3'" 1 
ATOM   270  C  "C2'" . G   A 1 13 ? -20.996 -16.279 -1.162  1.00 111.21 ? 13  G   A "C2'" 1 
ATOM   271  O  "O2'" . G   A 1 13 ? -20.652 -16.655 -2.484  1.00 109.41 ? 13  G   A "O2'" 1 
ATOM   272  C  "C1'" . G   A 1 13 ? -20.443 -14.882 -0.860  1.00 109.17 ? 13  G   A "C1'" 1 
ATOM   273  N  N9    . G   A 1 13 ? -19.989 -14.677 0.519   1.00 105.63 ? 13  G   A N9    1 
ATOM   274  C  C8    . G   A 1 13 ? -20.703 -14.128 1.569   1.00 103.44 ? 13  G   A C8    1 
ATOM   275  N  N7    . G   A 1 13 ? -20.006 -14.027 2.673   1.00 101.75 ? 13  G   A N7    1 
ATOM   276  C  C5    . G   A 1 13 ? -18.756 -14.549 2.343   1.00 102.53 ? 13  G   A C5    1 
ATOM   277  C  C6    . G   A 1 13 ? -17.567 -14.702 3.139   1.00 102.37 ? 13  G   A C6    1 
ATOM   278  O  O6    . G   A 1 13 ? -17.381 -14.378 4.333   1.00 100.46 ? 13  G   A O6    1 
ATOM   279  N  N1    . G   A 1 13 ? -16.531 -15.297 2.404   1.00 102.16 ? 13  G   A N1    1 
ATOM   280  C  C2    . G   A 1 13 ? -16.619 -15.698 1.077   1.00 102.21 ? 13  G   A C2    1 
ATOM   281  N  N2    . G   A 1 13 ? -15.514 -16.276 0.541   1.00 100.14 ? 13  G   A N2    1 
ATOM   282  N  N3    . G   A 1 13 ? -17.714 -15.549 0.330   1.00 102.72 ? 13  G   A N3    1 
ATOM   283  C  C4    . G   A 1 13 ? -18.733 -14.972 1.021   1.00 103.49 ? 13  G   A C4    1 
ATOM   284  O  "O5'" . C   B 2 1  ? -7.270  -16.606 3.559   1.00 121.84 ? 2   C   B "O5'" 1 
ATOM   285  C  "C5'" . C   B 2 1  ? -7.433  -17.956 3.123   1.00 123.24 ? 2   C   B "C5'" 1 
ATOM   286  C  "C4'" . C   B 2 1  ? -8.517  -18.073 2.076   1.00 125.61 ? 2   C   B "C4'" 1 
ATOM   287  O  "O4'" . C   B 2 1  ? -9.703  -18.644 2.688   1.00 127.10 ? 2   C   B "O4'" 1 
ATOM   288  C  "C3'" . C   B 2 1  ? -9.028  -16.765 1.491   1.00 127.44 ? 2   C   B "C3'" 1 
ATOM   289  O  "O3'" . C   B 2 1  ? -8.160  -16.164 0.545   1.00 129.58 ? 2   C   B "O3'" 1 
ATOM   290  C  "C2'" . C   B 2 1  ? -10.416 -17.148 0.989   1.00 126.26 ? 2   C   B "C2'" 1 
ATOM   291  O  "O2'" . C   B 2 1  ? -10.477 -17.864 -0.234  1.00 125.50 ? 2   C   B "O2'" 1 
ATOM   292  C  "C1'" . C   B 2 1  ? -10.870 -18.044 2.132   1.00 125.21 ? 2   C   B "C1'" 1 
ATOM   293  N  N1    . C   B 2 1  ? -11.480 -17.187 3.159   1.00 123.73 ? 2   C   B N1    1 
ATOM   294  C  C2    . C   B 2 1  ? -12.819 -16.808 3.002   1.00 122.45 ? 2   C   B C2    1 
ATOM   295  O  O2    . C   B 2 1  ? -13.438 -17.199 1.997   1.00 121.02 ? 2   C   B O2    1 
ATOM   296  N  N3    . C   B 2 1  ? -13.401 -16.027 3.942   1.00 121.33 ? 2   C   B N3    1 
ATOM   297  C  C4    . C   B 2 1  ? -12.698 -15.625 5.003   1.00 121.71 ? 2   C   B C4    1 
ATOM   298  N  N4    . C   B 2 1  ? -13.324 -14.875 5.911   1.00 120.80 ? 2   C   B N4    1 
ATOM   299  C  C5    . C   B 2 1  ? -11.322 -15.982 5.180   1.00 122.41 ? 2   C   B C5    1 
ATOM   300  C  C6    . C   B 2 1  ? -10.760 -16.759 4.245   1.00 123.39 ? 2   C   B C6    1 
ATOM   301  P  P     . G   B 2 2  ? -8.097  -14.556 0.446   1.00 128.96 ? 3   G   B P     1 
ATOM   302  O  OP1   . G   B 2 2  ? -6.855  -14.232 -0.309  1.00 128.61 ? 3   G   B OP1   1 
ATOM   303  O  OP2   . G   B 2 2  ? -8.319  -13.959 1.794   1.00 126.27 ? 3   G   B OP2   1 
ATOM   304  O  "O5'" . G   B 2 2  ? -9.334  -14.244 -0.500  1.00 124.28 ? 3   G   B "O5'" 1 
ATOM   305  C  "C5'" . G   B 2 2  ? -9.424  -14.939 -1.733  1.00 119.17 ? 3   G   B "C5'" 1 
ATOM   306  C  "C4'" . G   B 2 2  ? -10.775 -14.770 -2.354  1.00 115.93 ? 3   G   B "C4'" 1 
ATOM   307  O  "O4'" . G   B 2 2  ? -11.786 -15.276 -1.440  1.00 112.02 ? 3   G   B "O4'" 1 
ATOM   308  C  "C3'" . G   B 2 2  ? -11.181 -13.322 -2.553  1.00 117.55 ? 3   G   B "C3'" 1 
ATOM   309  O  "O3'" . G   B 2 2  ? -10.529 -12.734 -3.678  1.00 122.46 ? 3   G   B "O3'" 1 
ATOM   310  C  "C2'" . G   B 2 2  ? -12.699 -13.439 -2.642  1.00 113.02 ? 3   G   B "C2'" 1 
ATOM   311  O  "O2'" . G   B 2 2  ? -13.175 -13.906 -3.892  1.00 112.24 ? 3   G   B "O2'" 1 
ATOM   312  C  "C1'" . G   B 2 2  ? -12.969 -14.518 -1.596  1.00 107.51 ? 3   G   B "C1'" 1 
ATOM   313  N  N9    . G   B 2 2  ? -13.381 -13.929 -0.324  1.00 101.49 ? 3   G   B N9    1 
ATOM   314  C  C8    . G   B 2 2  ? -12.683 -13.775 0.854   1.00 97.97  ? 3   G   B C8    1 
ATOM   315  N  N7    . G   B 2 2  ? -13.377 -13.153 1.775   1.00 96.76  ? 3   G   B N7    1 
ATOM   316  C  C5    . G   B 2 2  ? -14.601 -12.894 1.163   1.00 98.23  ? 3   G   B C5    1 
ATOM   317  C  C6    . G   B 2 2  ? -15.780 -12.224 1.646   1.00 97.88  ? 3   G   B C6    1 
ATOM   318  O  O6    . G   B 2 2  ? -15.971 -11.700 2.757   1.00 96.73  ? 3   G   B O6    1 
ATOM   319  N  N1    . G   B 2 2  ? -16.792 -12.190 0.674   1.00 96.82  ? 3   G   B N1    1 
ATOM   320  C  C2    . G   B 2 2  ? -16.693 -12.717 -0.598  1.00 97.25  ? 3   G   B C2    1 
ATOM   321  N  N2    . G   B 2 2  ? -17.776 -12.576 -1.403  1.00 95.68  ? 3   G   B N2    1 
ATOM   322  N  N3    . G   B 2 2  ? -15.610 -13.334 -1.052  1.00 98.33  ? 3   G   B N3    1 
ATOM   323  C  C4    . G   B 2 2  ? -14.616 -13.381 -0.129  1.00 99.44  ? 3   G   B C4    1 
ATOM   324  P  P     . G   B 2 3  ? -10.388 -11.131 -3.774  1.00 124.08 ? 4   G   B P     1 
ATOM   325  O  OP1   . G   B 2 3  ? -9.829  -10.827 -5.119  1.00 124.48 ? 4   G   B OP1   1 
ATOM   326  O  OP2   . G   B 2 3  ? -9.741  -10.565 -2.556  1.00 122.69 ? 4   G   B OP2   1 
ATOM   327  O  "O5'" . G   B 2 3  ? -11.898 -10.668 -3.819  1.00 120.12 ? 4   G   B "O5'" 1 
ATOM   328  C  "C5'" . G   B 2 3  ? -12.685 -11.061 -4.922  1.00 120.20 ? 4   G   B "C5'" 1 
ATOM   329  C  "C4'" . G   B 2 3  ? -14.015 -10.396 -4.863  1.00 120.00 ? 4   G   B "C4'" 1 
ATOM   330  O  "O4'" . G   B 2 3  ? -14.811 -11.025 -3.830  1.00 117.66 ? 4   G   B "O4'" 1 
ATOM   331  C  "C3'" . G   B 2 3  ? -13.950 -8.952  -4.421  1.00 120.53 ? 4   G   B "C3'" 1 
ATOM   332  O  "O3'" . G   B 2 3  ? -13.563 -8.069  -5.446  1.00 126.69 ? 4   G   B "O3'" 1 
ATOM   333  C  "C2'" . G   B 2 3  ? -15.356 -8.718  -3.904  1.00 116.11 ? 4   G   B "C2'" 1 
ATOM   334  O  "O2'" . G   B 2 3  ? -16.302 -8.533  -4.934  1.00 113.75 ? 4   G   B "O2'" 1 
ATOM   335  C  "C1'" . G   B 2 3  ? -15.612 -10.043 -3.200  1.00 112.78 ? 4   G   B "C1'" 1 
ATOM   336  N  N9    . G   B 2 3  ? -15.162 -9.882  -1.827  1.00 108.18 ? 4   G   B N9    1 
ATOM   337  C  C8    . G   B 2 3  ? -13.964 -10.248 -1.256  1.00 106.93 ? 4   G   B C8    1 
ATOM   338  N  N7    . G   B 2 3  ? -13.882 -9.911  0.003   1.00 106.20 ? 4   G   B N7    1 
ATOM   339  C  C5    . G   B 2 3  ? -15.099 -9.296  0.268   1.00 104.43 ? 4   G   B C5    1 
ATOM   340  C  C6    . G   B 2 3  ? -15.603 -8.728  1.457   1.00 102.89 ? 4   G   B C6    1 
ATOM   341  O  O6    . G   B 2 3  ? -15.057 -8.655  2.565   1.00 101.13 ? 4   G   B O6    1 
ATOM   342  N  N1    . G   B 2 3  ? -16.887 -8.209  1.269   1.00 101.93 ? 4   G   B N1    1 
ATOM   343  C  C2    . G   B 2 3  ? -17.591 -8.243  0.084   1.00 101.92 ? 4   G   B C2    1 
ATOM   344  N  N2    . G   B 2 3  ? -18.814 -7.692  0.085   1.00 101.15 ? 4   G   B N2    1 
ATOM   345  N  N3    . G   B 2 3  ? -17.131 -8.780  -1.020  1.00 102.55 ? 4   G   B N3    1 
ATOM   346  C  C4    . G   B 2 3  ? -15.894 -9.279  -0.860  1.00 104.94 ? 4   G   B C4    1 
ATOM   347  P  P     . U   B 2 4  ? -13.029 -6.617  -5.049  1.00 129.88 ? 5   U   B P     1 
ATOM   348  O  OP1   . U   B 2 4  ? -11.977 -6.206  -6.019  1.00 129.93 ? 5   U   B OP1   1 
ATOM   349  O  OP2   . U   B 2 4  ? -12.731 -6.618  -3.586  1.00 127.44 ? 5   U   B OP2   1 
ATOM   350  O  "O5'" . U   B 2 4  ? -14.317 -5.714  -5.247  1.00 127.34 ? 5   U   B "O5'" 1 
ATOM   351  C  "C5'" . U   B 2 4  ? -14.474 -4.558  -4.471  1.00 124.61 ? 5   U   B "C5'" 1 
ATOM   352  C  "C4'" . U   B 2 4  ? -15.874 -4.467  -3.948  1.00 121.96 ? 5   U   B "C4'" 1 
ATOM   353  O  "O4'" . U   B 2 4  ? -16.156 -5.590  -3.074  1.00 119.84 ? 5   U   B "O4'" 1 
ATOM   354  C  "C3'" . U   B 2 4  ? -16.048 -3.272  -3.048  1.00 121.98 ? 5   U   B "C3'" 1 
ATOM   355  O  "O3'" . U   B 2 4  ? -16.190 -2.099  -3.807  1.00 122.24 ? 5   U   B "O3'" 1 
ATOM   356  C  "C2'" . U   B 2 4  ? -17.247 -3.662  -2.208  1.00 119.85 ? 5   U   B "C2'" 1 
ATOM   357  O  "O2'" . U   B 2 4  ? -18.489 -3.464  -2.846  1.00 118.44 ? 5   U   B "O2'" 1 
ATOM   358  C  "C1'" . U   B 2 4  ? -16.962 -5.147  -1.989  1.00 119.15 ? 5   U   B "C1'" 1 
ATOM   359  N  N1    . U   B 2 4  ? -16.178 -5.281  -0.756  1.00 117.24 ? 5   U   B N1    1 
ATOM   360  C  C2    . U   B 2 4  ? -16.783 -4.873  0.420   1.00 116.61 ? 5   U   B C2    1 
ATOM   361  O  O2    . U   B 2 4  ? -17.924 -4.421  0.461   1.00 115.74 ? 5   U   B O2    1 
ATOM   362  N  N3    . U   B 2 4  ? -16.001 -5.005  1.540   1.00 115.92 ? 5   U   B N3    1 
ATOM   363  C  C4    . U   B 2 4  ? -14.705 -5.487  1.601   1.00 115.21 ? 5   U   B C4    1 
ATOM   364  O  O4    . U   B 2 4  ? -14.138 -5.555  2.689   1.00 115.74 ? 5   U   B O4    1 
ATOM   365  C  C5    . U   B 2 4  ? -14.152 -5.885  0.344   1.00 114.62 ? 5   U   B C5    1 
ATOM   366  C  C6    . U   B 2 4  ? -14.889 -5.776  -0.763  1.00 115.62 ? 5   U   B C6    1 
ATOM   367  P  P     . G   B 2 5  ? -15.287 -0.832  -3.442  1.00 121.23 ? 6   G   B P     1 
ATOM   368  O  OP1   . G   B 2 5  ? -15.541 0.172   -4.505  1.00 123.51 ? 6   G   B OP1   1 
ATOM   369  O  OP2   . G   B 2 5  ? -13.894 -1.269  -3.144  1.00 119.39 ? 6   G   B OP2   1 
ATOM   370  O  "O5'" . G   B 2 5  ? -15.963 -0.316  -2.107  1.00 115.37 ? 6   G   B "O5'" 1 
ATOM   371  C  "C5'" . G   B 2 5  ? -17.339 -0.002  -2.120  1.00 110.19 ? 6   G   B "C5'" 1 
ATOM   372  C  "C4'" . G   B 2 5  ? -17.786 0.402   -0.755  1.00 106.42 ? 6   G   B "C4'" 1 
ATOM   373  O  "O4'" . G   B 2 5  ? -17.886 -0.778  0.080   1.00 104.35 ? 6   G   B "O4'" 1 
ATOM   374  C  "C3'" . G   B 2 5  ? -16.780 1.260   -0.019  1.00 104.48 ? 6   G   B "C3'" 1 
ATOM   375  O  "O3'" . G   B 2 5  ? -16.806 2.615   -0.412  1.00 106.44 ? 6   G   B "O3'" 1 
ATOM   376  C  "C2'" . G   B 2 5  ? -17.178 1.043   1.428   1.00 102.11 ? 6   G   B "C2'" 1 
ATOM   377  O  "O2'" . G   B 2 5  ? -18.309 1.793   1.820   1.00 99.19  ? 6   G   B "O2'" 1 
ATOM   378  C  "C1'" . G   B 2 5  ? -17.519 -0.443  1.407   1.00 100.80 ? 6   G   B "C1'" 1 
ATOM   379  N  N9    . G   B 2 5  ? -16.332 -1.198  1.781   1.00 98.46  ? 6   G   B N9    1 
ATOM   380  C  C8    . G   B 2 5  ? -15.476 -1.905  0.971   1.00 97.16  ? 6   G   B C8    1 
ATOM   381  N  N7    . G   B 2 5  ? -14.486 -2.448  1.629   1.00 96.59  ? 6   G   B N7    1 
ATOM   382  C  C5    . G   B 2 5  ? -14.712 -2.079  2.950   1.00 96.68  ? 6   G   B C5    1 
ATOM   383  C  C6    . G   B 2 5  ? -13.978 -2.369  4.128   1.00 96.67  ? 6   G   B C6    1 
ATOM   384  O  O6    . G   B 2 5  ? -12.946 -3.041  4.245   1.00 97.18  ? 6   G   B O6    1 
ATOM   385  N  N1    . G   B 2 5  ? -14.559 -1.784  5.256   1.00 95.91  ? 6   G   B N1    1 
ATOM   386  C  C2    . G   B 2 5  ? -15.704 -1.021  5.251   1.00 95.93  ? 6   G   B C2    1 
ATOM   387  N  N2    . G   B 2 5  ? -16.111 -0.534  6.440   1.00 95.82  ? 6   G   B N2    1 
ATOM   388  N  N3    . G   B 2 5  ? -16.399 -0.752  4.160   1.00 96.79  ? 6   G   B N3    1 
ATOM   389  C  C4    . G   B 2 5  ? -15.848 -1.309  3.056   1.00 97.12  ? 6   G   B C4    1 
ATOM   390  P  P     . A   B 2 6  ? -15.494 3.512   -0.201  1.00 105.48 ? 7   A   B P     1 
ATOM   391  O  OP1   . A   B 2 6  ? -15.790 4.878   -0.697  1.00 107.08 ? 7   A   B OP1   1 
ATOM   392  O  OP2   . A   B 2 6  ? -14.330 2.760   -0.746  1.00 102.29 ? 7   A   B OP2   1 
ATOM   393  O  "O5'" . A   B 2 6  ? -15.375 3.600   1.380   1.00 103.37 ? 7   A   B "O5'" 1 
ATOM   394  C  "C5'" . A   B 2 6  ? -16.468 4.079   2.157   1.00 100.29 ? 7   A   B "C5'" 1 
ATOM   395  C  "C4'" . A   B 2 6  ? -16.175 3.888   3.619   1.00 97.33  ? 7   A   B "C4'" 1 
ATOM   396  O  "O4'" . A   B 2 6  ? -16.040 2.470   3.893   1.00 98.51  ? 7   A   B "O4'" 1 
ATOM   397  C  "C3'" . A   B 2 6  ? -14.843 4.460   4.057   1.00 94.96  ? 7   A   B "C3'" 1 
ATOM   398  O  "O3'" . A   B 2 6  ? -14.922 5.837   4.348   1.00 94.03  ? 7   A   B "O3'" 1 
ATOM   399  C  "C2'" . A   B 2 6  ? -14.527 3.642   5.297   1.00 94.11  ? 7   A   B "C2'" 1 
ATOM   400  O  "O2'" . A   B 2 6  ? -15.213 4.094   6.444   1.00 93.15  ? 7   A   B "O2'" 1 
ATOM   401  C  "C1'" . A   B 2 6  ? -15.031 2.268   4.871   1.00 94.93  ? 7   A   B "C1'" 1 
ATOM   402  N  N9    . A   B 2 6  ? -13.951 1.485   4.275   1.00 93.72  ? 7   A   B N9    1 
ATOM   403  C  C8    . A   B 2 6  ? -13.680 1.229   2.946   1.00 92.73  ? 7   A   B C8    1 
ATOM   404  N  N7    . A   B 2 6  ? -12.624 0.471   2.761   1.00 91.62  ? 7   A   B N7    1 
ATOM   405  C  C5    . A   B 2 6  ? -12.172 0.213   4.048   1.00 92.32  ? 7   A   B C5    1 
ATOM   406  C  C6    . A   B 2 6  ? -11.098 -0.541  4.537   1.00 92.50  ? 7   A   B C6    1 
ATOM   407  N  N6    . A   B 2 6  ? -10.254 -1.214  3.747   1.00 92.85  ? 7   A   B N6    1 
ATOM   408  N  N1    . A   B 2 6  ? -10.916 -0.585  5.881   1.00 92.15  ? 7   A   B N1    1 
ATOM   409  C  C2    . A   B 2 6  ? -11.773 0.084   6.669   1.00 90.88  ? 7   A   B C2    1 
ATOM   410  N  N3    . A   B 2 6  ? -12.826 0.818   6.327   1.00 91.30  ? 7   A   B N3    1 
ATOM   411  C  C4    . A   B 2 6  ? -12.972 0.840   4.989   1.00 92.64  ? 7   A   B C4    1 
ATOM   412  P  P     . G   B 2 7  ? -13.620 6.745   4.153   1.00 94.18  ? 8   G   B P     1 
ATOM   413  O  OP1   . G   B 2 7  ? -13.951 8.146   4.502   1.00 93.61  ? 8   G   B OP1   1 
ATOM   414  O  OP2   . G   B 2 7  ? -13.106 6.425   2.788   1.00 90.22  ? 8   G   B OP2   1 
ATOM   415  O  "O5'" . G   B 2 7  ? -12.591 6.171   5.232   1.00 95.79  ? 8   G   B "O5'" 1 
ATOM   416  C  "C5'" . G   B 2 7  ? -12.958 5.952   6.606   1.00 93.82  ? 8   G   B "C5'" 1 
ATOM   417  C  "C4'" . G   B 2 7  ? -11.756 5.424   7.394   1.00 93.63  ? 8   G   B "C4'" 1 
ATOM   418  O  "O4'" . G   B 2 7  ? -11.403 4.084   6.925   1.00 93.42  ? 8   G   B "O4'" 1 
ATOM   419  C  "C3'" . G   B 2 7  ? -10.529 6.300   7.082   1.00 93.19  ? 8   G   B "C3'" 1 
ATOM   420  O  "O3'" . G   B 2 7  ? -9.634  6.469   8.160   1.00 92.16  ? 8   G   B "O3'" 1 
ATOM   421  C  "C2'" . G   B 2 7  ? -9.763  5.573   6.006   1.00 92.69  ? 8   G   B "C2'" 1 
ATOM   422  O  "O2'" . G   B 2 7  ? -8.360  5.707   6.098   1.00 94.44  ? 8   G   B "O2'" 1 
ATOM   423  C  "C1'" . G   B 2 7  ? -10.136 4.129   6.304   1.00 90.61  ? 8   G   B "C1'" 1 
ATOM   424  N  N9    . G   B 2 7  ? -10.080 3.421   5.046   1.00 88.71  ? 8   G   B N9    1 
ATOM   425  C  C8    . G   B 2 7  ? -10.789 3.601   3.878   1.00 88.64  ? 8   G   B C8    1 
ATOM   426  N  N7    . G   B 2 7  ? -10.368 2.782   2.920   1.00 88.48  ? 8   G   B N7    1 
ATOM   427  C  C5    . G   B 2 7  ? -9.349  2.046   3.516   1.00 87.66  ? 8   G   B C5    1 
ATOM   428  C  C6    . G   B 2 7  ? -8.504  1.028   2.991   1.00 87.09  ? 8   G   B C6    1 
ATOM   429  O  O6    . G   B 2 7  ? -8.437  0.604   1.852   1.00 85.43  ? 8   G   B O6    1 
ATOM   430  N  N1    . G   B 2 7  ? -7.646  0.494   3.950   1.00 86.16  ? 8   G   B N1    1 
ATOM   431  C  C2    . G   B 2 7  ? -7.612  0.902   5.264   1.00 86.02  ? 8   G   B C2    1 
ATOM   432  N  N2    . G   B 2 7  ? -6.735  0.239   6.024   1.00 86.02  ? 8   G   B N2    1 
ATOM   433  N  N3    . G   B 2 7  ? -8.351  1.847   5.772   1.00 86.51  ? 8   G   B N3    1 
ATOM   434  C  C4    . G   B 2 7  ? -9.176  2.397   4.838   1.00 87.91  ? 8   G   B C4    1 
ATOM   435  P  P     . A   B 2 8  ? -8.568  7.685   8.172   1.00 90.37  ? 9   A   B P     1 
ATOM   436  O  OP1   . A   B 2 8  ? -9.419  8.667   8.836   1.00 92.18  ? 9   A   B OP1   1 
ATOM   437  O  OP2   . A   B 2 8  ? -7.793  8.081   6.944   1.00 87.20  ? 9   A   B OP2   1 
ATOM   438  O  "O5'" . A   B 2 8  ? -7.547  7.176   9.265   1.00 88.17  ? 9   A   B "O5'" 1 
ATOM   439  C  "C5'" . A   B 2 8  ? -8.034  6.947   10.574  1.00 87.57  ? 9   A   B "C5'" 1 
ATOM   440  C  "C4'" . A   B 2 8  ? -7.043  6.168   11.373  1.00 86.80  ? 9   A   B "C4'" 1 
ATOM   441  O  "O4'" . A   B 2 8  ? -7.082  4.778   10.985  1.00 86.67  ? 9   A   B "O4'" 1 
ATOM   442  C  "C3'" . A   B 2 8  ? -5.613  6.581   11.133  1.00 85.66  ? 9   A   B "C3'" 1 
ATOM   443  O  "O3'" . A   B 2 8  ? -5.292  7.737   11.890  1.00 86.63  ? 9   A   B "O3'" 1 
ATOM   444  C  "C2'" . A   B 2 8  ? -4.851  5.338   11.554  1.00 86.07  ? 9   A   B "C2'" 1 
ATOM   445  O  "O2'" . A   B 2 8  ? -4.756  5.224   12.958  1.00 86.89  ? 9   A   B "O2'" 1 
ATOM   446  C  "C1'" . A   B 2 8  ? -5.774  4.243   11.030  1.00 85.29  ? 9   A   B "C1'" 1 
ATOM   447  N  N9    . A   B 2 8  ? -5.440  3.819   9.681   1.00 83.80  ? 9   A   B N9    1 
ATOM   448  C  C8    . A   B 2 8  ? -6.063  4.188   8.523   1.00 83.50  ? 9   A   B C8    1 
ATOM   449  N  N7    . A   B 2 8  ? -5.593  3.592   7.462   1.00 83.81  ? 9   A   B N7    1 
ATOM   450  C  C5    . A   B 2 8  ? -4.583  2.786   7.955   1.00 82.88  ? 9   A   B C5    1 
ATOM   451  C  C6    . A   B 2 8  ? -3.721  1.882   7.339   1.00 82.93  ? 9   A   B C6    1 
ATOM   452  N  N6    . A   B 2 8  ? -3.747  1.621   6.038   1.00 83.65  ? 9   A   B N6    1 
ATOM   453  N  N1    . A   B 2 8  ? -2.826  1.236   8.111   1.00 82.31  ? 9   A   B N1    1 
ATOM   454  C  C2    . A   B 2 8  ? -2.816  1.490   9.421   1.00 82.80  ? 9   A   B C2    1 
ATOM   455  N  N3    . A   B 2 8  ? -3.584  2.313   10.121  1.00 82.73  ? 9   A   B N3    1 
ATOM   456  C  C4    . A   B 2 8  ? -4.461  2.934   9.317   1.00 83.10  ? 9   A   B C4    1 
ATOM   457  P  P     . A   B 2 9  ? -4.268  8.819   11.282  1.00 87.11  ? 10  A   B P     1 
ATOM   458  O  OP1   . A   B 2 9  ? -3.897  9.782   12.321  1.00 91.87  ? 10  A   B OP1   1 
ATOM   459  O  OP2   . A   B 2 9  ? -4.721  9.308   9.995   1.00 86.27  ? 10  A   B OP2   1 
ATOM   460  O  "O5'" . A   B 2 9  ? -3.001  7.879   11.119  1.00 84.45  ? 10  A   B "O5'" 1 
ATOM   461  C  "C5'" . A   B 2 9  ? -2.253  7.534   12.255  1.00 80.11  ? 10  A   B "C5'" 1 
ATOM   462  C  "C4'" . A   B 2 9  ? -1.008  6.850   11.867  1.00 74.90  ? 10  A   B "C4'" 1 
ATOM   463  O  "O4'" . A   B 2 9  ? -1.378  5.605   11.248  1.00 72.87  ? 10  A   B "O4'" 1 
ATOM   464  C  "C3'" . A   B 2 9  ? -0.246  7.590   10.797  1.00 71.51  ? 10  A   B "C3'" 1 
ATOM   465  O  "O3'" . A   B 2 9  ? 0.608   8.545   11.403  1.00 72.16  ? 10  A   B "O3'" 1 
ATOM   466  C  "C2'" . A   B 2 9  ? 0.536   6.456   10.147  1.00 71.09  ? 10  A   B "C2'" 1 
ATOM   467  O  "O2'" . A   B 2 9  ? 1.660   6.047   10.876  1.00 70.25  ? 10  A   B "O2'" 1 
ATOM   468  C  "C1'" . A   B 2 9  ? -0.493  5.335   10.182  1.00 70.54  ? 10  A   B "C1'" 1 
ATOM   469  N  N9    . A   B 2 9  ? -1.271  5.252   8.955   1.00 72.35  ? 10  A   B N9    1 
ATOM   470  C  C8    . A   B 2 9  ? -2.467  5.838   8.624   1.00 73.42  ? 10  A   B C8    1 
ATOM   471  N  N7    . A   B 2 9  ? -2.857  5.572   7.396   1.00 74.04  ? 10  A   B N7    1 
ATOM   472  C  C5    . A   B 2 9  ? -1.855  4.753   6.902   1.00 73.36  ? 10  A   B C5    1 
ATOM   473  C  C6    . A   B 2 9  ? -1.669  4.138   5.658   1.00 73.78  ? 10  A   B C6    1 
ATOM   474  N  N6    . A   B 2 9  ? -2.521  4.266   4.636   1.00 74.24  ? 10  A   B N6    1 
ATOM   475  N  N1    . A   B 2 9  ? -0.558  3.376   5.496   1.00 73.72  ? 10  A   B N1    1 
ATOM   476  C  C2    . A   B 2 9  ? 0.293   3.253   6.529   1.00 72.78  ? 10  A   B C2    1 
ATOM   477  N  N3    . A   B 2 9  ? 0.225   3.787   7.742   1.00 72.28  ? 10  A   B N3    1 
ATOM   478  C  C4    . A   B 2 9  ? -0.881  4.536   7.863   1.00 72.56  ? 10  A   B C4    1 
ATOM   479  P  P     . G   B 2 10 ? 1.365   9.625   10.491  1.00 70.99  ? 11  G   B P     1 
ATOM   480  O  OP1   . G   B 2 10 ? 2.505   10.150  11.275  1.00 72.75  ? 11  G   B OP1   1 
ATOM   481  O  OP2   . G   B 2 10 ? 0.333   10.550  9.975   1.00 72.41  ? 11  G   B OP2   1 
ATOM   482  O  "O5'" . G   B 2 10 ? 1.977   8.774   9.295   1.00 69.95  ? 11  G   B "O5'" 1 
ATOM   483  C  "C5'" . G   B 2 10 ? 3.226   8.119   9.453   1.00 68.30  ? 11  G   B "C5'" 1 
ATOM   484  C  "C4'" . G   B 2 10 ? 3.642   7.498   8.156   1.00 65.31  ? 11  G   B "C4'" 1 
ATOM   485  O  "O4'" . G   B 2 10 ? 2.607   6.571   7.749   1.00 65.46  ? 11  G   B "O4'" 1 
ATOM   486  C  "C3'" . G   B 2 10 ? 3.739   8.462   6.993   1.00 66.74  ? 11  G   B "C3'" 1 
ATOM   487  O  "O3'" . G   B 2 10 ? 4.998   9.095   6.923   1.00 68.87  ? 11  G   B "O3'" 1 
ATOM   488  C  "C2'" . G   B 2 10 ? 3.557   7.536   5.810   1.00 67.80  ? 11  G   B "C2'" 1 
ATOM   489  O  "O2'" . G   B 2 10 ? 4.753   6.819   5.588   1.00 65.57  ? 11  G   B "O2'" 1 
ATOM   490  C  "C1'" . G   B 2 10 ? 2.477   6.595   6.339   1.00 65.01  ? 11  G   B "C1'" 1 
ATOM   491  N  N9    . G   B 2 10 ? 1.119   7.024   6.003   1.00 65.47  ? 11  G   B N9    1 
ATOM   492  C  C8    . G   B 2 10 ? 0.234   7.712   6.801   1.00 64.85  ? 11  G   B C8    1 
ATOM   493  N  N7    . G   B 2 10 ? -0.918  7.926   6.222   1.00 65.83  ? 11  G   B N7    1 
ATOM   494  C  C5    . G   B 2 10 ? -0.784  7.353   4.962   1.00 65.40  ? 11  G   B C5    1 
ATOM   495  C  C6    . G   B 2 10 ? -1.709  7.263   3.881   1.00 66.12  ? 11  G   B C6    1 
ATOM   496  O  O6    . G   B 2 10 ? -2.875  7.692   3.817   1.00 64.74  ? 11  G   B O6    1 
ATOM   497  N  N1    . G   B 2 10 ? -1.154  6.592   2.794   1.00 65.79  ? 11  G   B N1    1 
ATOM   498  C  C2    . G   B 2 10 ? 0.121   6.074   2.750   1.00 65.07  ? 11  G   B C2    1 
ATOM   499  N  N2    . G   B 2 10 ? 0.478   5.447   1.622   1.00 64.90  ? 11  G   B N2    1 
ATOM   500  N  N3    . G   B 2 10 ? 0.984   6.158   3.741   1.00 64.66  ? 11  G   B N3    1 
ATOM   501  C  C4    . G   B 2 10 ? 0.471   6.800   4.810   1.00 64.45  ? 11  G   B C4    1 
ATOM   502  P  P     . G   B 2 11 ? 5.157   10.429  6.040   1.00 70.43  ? 12  G   B P     1 
ATOM   503  O  OP1   . G   B 2 11 ? 6.522   10.956  6.286   1.00 69.54  ? 12  G   B OP1   1 
ATOM   504  O  OP2   . G   B 2 11 ? 3.974   11.281  6.310   1.00 69.86  ? 12  G   B OP2   1 
ATOM   505  O  "O5'" . G   B 2 11 ? 5.076   9.935   4.527   1.00 68.02  ? 12  G   B "O5'" 1 
ATOM   506  C  "C5'" . G   B 2 11 ? 6.117   9.138   3.992   1.00 66.22  ? 12  G   B "C5'" 1 
ATOM   507  C  "C4'" . G   B 2 11 ? 5.778   8.665   2.606   1.00 64.92  ? 12  G   B "C4'" 1 
ATOM   508  O  "O4'" . G   B 2 11 ? 4.550   7.901   2.660   1.00 64.74  ? 12  G   B "O4'" 1 
ATOM   509  C  "C3'" . G   B 2 11 ? 5.455   9.751   1.601   1.00 67.28  ? 12  G   B "C3'" 1 
ATOM   510  O  "O3'" . G   B 2 11 ? 6.607   10.328  1.040   1.00 73.17  ? 12  G   B "O3'" 1 
ATOM   511  C  "C2'" . G   B 2 11 ? 4.658   8.986   0.564   1.00 66.29  ? 12  G   B "C2'" 1 
ATOM   512  O  "O2'" . G   B 2 11 ? 5.512   8.161   -0.203  1.00 65.40  ? 12  G   B "O2'" 1 
ATOM   513  C  "C1'" . G   B 2 11 ? 3.818   8.096   1.465   1.00 63.13  ? 12  G   B "C1'" 1 
ATOM   514  N  N9    . G   B 2 11 ? 2.544   8.716   1.787   1.00 62.51  ? 12  G   B N9    1 
ATOM   515  C  C8    . G   B 2 11 ? 2.171   9.336   2.951   1.00 62.45  ? 12  G   B C8    1 
ATOM   516  N  N7    . G   B 2 11 ? 0.931   9.741   2.936   1.00 64.41  ? 12  G   B N7    1 
ATOM   517  C  C5    . G   B 2 11 ? 0.466   9.370   1.682   1.00 62.89  ? 12  G   B C5    1 
ATOM   518  C  C6    . G   B 2 11 ? -0.812  9.518   1.091   1.00 64.60  ? 12  G   B C6    1 
ATOM   519  O  O6    . G   B 2 11 ? -1.838  10.003  1.583   1.00 65.87  ? 12  G   B O6    1 
ATOM   520  N  N1    . G   B 2 11 ? -0.833  9.016   -0.205  1.00 64.17  ? 12  G   B N1    1 
ATOM   521  C  C2    . G   B 2 11 ? 0.232   8.437   -0.846  1.00 63.09  ? 12  G   B C2    1 
ATOM   522  N  N2    . G   B 2 11 ? 0.020   8.018   -2.098  1.00 63.54  ? 12  G   B N2    1 
ATOM   523  N  N3    . G   B 2 11 ? 1.417   8.278   -0.301  1.00 63.40  ? 12  G   B N3    1 
ATOM   524  C  C4    . G   B 2 11 ? 1.461   8.762   0.955   1.00 62.87  ? 12  G   B C4    1 
ATOM   525  P  P     . G   B 2 12 ? 6.544   11.837  0.515   1.00 72.99  ? 13  G   B P     1 
ATOM   526  O  OP1   . G   B 2 12 ? 7.909   12.163  0.034   1.00 73.95  ? 13  G   B OP1   1 
ATOM   527  O  OP2   . G   B 2 12 ? 5.912   12.661  1.588   1.00 72.03  ? 13  G   B OP2   1 
ATOM   528  O  "O5'" . G   B 2 12 ? 5.574   11.740  -0.744  1.00 72.85  ? 13  G   B "O5'" 1 
ATOM   529  C  "C5'" . G   B 2 12 ? 5.950   10.954  -1.868  1.00 72.19  ? 13  G   B "C5'" 1 
ATOM   530  C  "C4'" . G   B 2 12 ? 4.846   10.925  -2.893  1.00 72.09  ? 13  G   B "C4'" 1 
ATOM   531  O  "O4'" . G   B 2 12 ? 3.669   10.324  -2.298  1.00 68.91  ? 13  G   B "O4'" 1 
ATOM   532  C  "C3'" . G   B 2 12 ? 4.354   12.288  -3.357  1.00 76.17  ? 13  G   B "C3'" 1 
ATOM   533  O  "O3'" . G   B 2 12 ? 5.172   12.807  -4.403  1.00 81.48  ? 13  G   B "O3'" 1 
ATOM   534  C  "C2'" . G   B 2 12 ? 2.955   11.958  -3.856  1.00 72.82  ? 13  G   B "C2'" 1 
ATOM   535  O  "O2'" . G   B 2 12 ? 2.952   11.358  -5.131  1.00 74.88  ? 13  G   B "O2'" 1 
ATOM   536  C  "C1'" . G   B 2 12 ? 2.511   10.921  -2.837  1.00 66.35  ? 13  G   B "C1'" 1 
ATOM   537  N  N9    . G   B 2 12 ? 1.738   11.524  -1.769  1.00 61.99  ? 13  G   B N9    1 
ATOM   538  C  C8    . G   B 2 12 ? 2.151   11.881  -0.511  1.00 60.70  ? 13  G   B C8    1 
ATOM   539  N  N7    . G   B 2 12 ? 1.197   12.399  0.209   1.00 60.07  ? 13  G   B N7    1 
ATOM   540  C  C5    . G   B 2 12 ? 0.097   12.381  -0.632  1.00 60.28  ? 13  G   B C5    1 
ATOM   541  C  C6    . G   B 2 12 ? -1.223  12.799  -0.408  1.00 62.05  ? 13  G   B C6    1 
ATOM   542  O  O6    . G   B 2 12 ? -1.705  13.299  0.616   1.00 65.87  ? 13  G   B O6    1 
ATOM   543  N  N1    . G   B 2 12 ? -2.023  12.585  -1.526  1.00 62.56  ? 13  G   B N1    1 
ATOM   544  C  C2    . G   B 2 12 ? -1.596  12.035  -2.706  1.00 62.34  ? 13  G   B C2    1 
ATOM   545  N  N2    . G   B 2 12 ? -2.519  11.885  -3.660  1.00 63.36  ? 13  G   B N2    1 
ATOM   546  N  N3    . G   B 2 12 ? -0.357  11.651  -2.929  1.00 61.36  ? 13  G   B N3    1 
ATOM   547  C  C4    . G   B 2 12 ? 0.424   11.847  -1.853  1.00 60.52  ? 13  G   B C4    1 
HETATM 548  P  P     . S9L B 2 13 ? 5.357   14.399  -4.567  1.00 83.70  ? 14  S9L B P     1 
HETATM 549  O  O1P   . S9L B 2 13 ? 5.680   14.984  -3.237  1.00 81.10  ? 14  S9L B O1P   1 
HETATM 550  O  O2P   . S9L B 2 13 ? 6.313   14.622  -5.688  1.00 84.99  ? 14  S9L B O2P   1 
HETATM 551  O  "O5'" . S9L B 2 13 ? 3.909   14.921  -5.001  1.00 91.42  ? 14  S9L B "O5'" 1 
HETATM 552  C  C12   . S9L B 2 13 ? 3.107   14.338  -6.055  1.00 100.68 ? 14  S9L B C12   1 
HETATM 553  C  C22   . S9L B 2 13 ? 3.932   14.015  -7.331  1.00 105.22 ? 14  S9L B C22   1 
HETATM 554  O  OH3   . S9L B 2 13 ? 3.419   14.733  -8.460  1.00 111.09 ? 14  S9L B OH3   1 
HETATM 555  C  C13   . S9L B 2 13 ? 2.731   17.065  -8.544  1.00 115.07 ? 14  S9L B C13   1 
HETATM 556  C  C23   . S9L B 2 13 ? 3.921   16.082  -8.543  1.00 114.28 ? 14  S9L B C23   1 
HETATM 557  O  OH4   . S9L B 2 13 ? 2.742   17.844  -9.750  1.00 115.96 ? 14  S9L B OH4   1 
HETATM 558  C  C14   . S9L B 2 13 ? 1.855   17.674  -11.982 1.00 103.28 ? 14  S9L B C14   1 
HETATM 559  C  C24   . S9L B 2 13 ? 1.519   17.707  -10.487 1.00 107.02 ? 14  S9L B C24   1 
HETATM 560  O  "O3'" . S9L B 2 13 ? 2.203   16.336  -12.321 1.00 89.77  ? 14  S9L B "O3'" 1 
ATOM   561  P  P     . G   B 2 14 ? 1.995   14.818  -12.797 1.00 84.00  ? 15  G   B P     1 
ATOM   562  O  OP1   . G   B 2 14 ? 1.424   14.027  -11.677 1.00 86.57  ? 15  G   B OP1   1 
ATOM   563  O  OP2   . G   B 2 14 ? 3.262   14.375  -13.431 1.00 86.86  ? 15  G   B OP2   1 
ATOM   564  O  "O5'" . G   B 2 14 ? 0.908   14.930  -13.954 1.00 83.06  ? 15  G   B "O5'" 1 
ATOM   565  C  "C5'" . G   B 2 14 ? -0.297  15.660  -13.769 1.00 76.27  ? 15  G   B "C5'" 1 
ATOM   566  C  "C4'" . G   B 2 14 ? -1.291  15.271  -14.828 1.00 73.78  ? 15  G   B "C4'" 1 
ATOM   567  O  "O4'" . G   B 2 14 ? -0.896  15.828  -16.104 1.00 76.12  ? 15  G   B "O4'" 1 
ATOM   568  C  "C3'" . G   B 2 14 ? -1.391  13.782  -15.081 1.00 72.59  ? 15  G   B "C3'" 1 
ATOM   569  O  "O3'" . G   B 2 14 ? -2.278  13.229  -14.126 1.00 70.30  ? 15  G   B "O3'" 1 
ATOM   570  C  "C2'" . G   B 2 14 ? -1.946  13.745  -16.497 1.00 73.57  ? 15  G   B "C2'" 1 
ATOM   571  O  "O2'" . G   B 2 14 ? -3.325  14.036  -16.524 1.00 75.04  ? 15  G   B "O2'" 1 
ATOM   572  C  "C1'" . G   B 2 14 ? -1.208  14.916  -17.138 1.00 72.49  ? 15  G   B "C1'" 1 
ATOM   573  N  N9    . G   B 2 14 ? 0.038   14.512  -17.773 1.00 71.64  ? 15  G   B N9    1 
ATOM   574  C  C8    . G   B 2 14 ? 1.305   14.676  -17.283 1.00 72.05  ? 15  G   B C8    1 
ATOM   575  N  N7    . G   B 2 14 ? 2.225   14.201  -18.073 1.00 73.53  ? 15  G   B N7    1 
ATOM   576  C  C5    . G   B 2 14 ? 1.518   13.695  -19.151 1.00 74.38  ? 15  G   B C5    1 
ATOM   577  C  C6    . G   B 2 14 ? 1.973   13.055  -20.323 1.00 75.26  ? 15  G   B C6    1 
ATOM   578  O  O6    . G   B 2 14 ? 3.132   12.787  -20.649 1.00 76.10  ? 15  G   B O6    1 
ATOM   579  N  N1    . G   B 2 14 ? 0.918   12.718  -21.163 1.00 75.58  ? 15  G   B N1    1 
ATOM   580  C  C2    . G   B 2 14 ? -0.405  12.962  -20.904 1.00 76.03  ? 15  G   B C2    1 
ATOM   581  N  N2    . G   B 2 14 ? -1.280  12.579  -21.841 1.00 77.00  ? 15  G   B N2    1 
ATOM   582  N  N3    . G   B 2 14 ? -0.842  13.546  -19.806 1.00 76.40  ? 15  G   B N3    1 
ATOM   583  C  C4    . G   B 2 14 ? 0.168   13.885  -18.981 1.00 73.87  ? 15  G   B C4    1 
ATOM   584  P  P     . G   B 2 15 ? -2.462  11.639  -14.017 1.00 67.73  ? 16  G   B P     1 
ATOM   585  O  OP1   . G   B 2 15 ? -3.531  11.436  -13.025 1.00 71.52  ? 16  G   B OP1   1 
ATOM   586  O  OP2   . G   B 2 15 ? -1.167  10.942  -13.858 1.00 66.36  ? 16  G   B OP2   1 
ATOM   587  O  "O5'" . G   B 2 15 ? -3.058  11.226  -15.420 1.00 71.67  ? 16  G   B "O5'" 1 
ATOM   588  C  "C5'" . G   B 2 15 ? -4.457  11.181  -15.630 1.00 73.07  ? 16  G   B "C5'" 1 
ATOM   589  C  "C4'" . G   B 2 15 ? -4.733  10.393  -16.870 1.00 73.51  ? 16  G   B "C4'" 1 
ATOM   590  O  "O4'" . G   B 2 15 ? -4.038  11.035  -17.967 1.00 75.22  ? 16  G   B "O4'" 1 
ATOM   591  C  "C3'" . G   B 2 15 ? -4.149  8.999   -16.847 1.00 75.40  ? 16  G   B "C3'" 1 
ATOM   592  O  "O3'" . G   B 2 15 ? -5.016  8.076   -16.245 1.00 74.16  ? 16  G   B "O3'" 1 
ATOM   593  C  "C2'" . G   B 2 15 ? -4.000  8.695   -18.320 1.00 77.20  ? 16  G   B "C2'" 1 
ATOM   594  O  "O2'" . G   B 2 15 ? -5.258  8.363   -18.870 1.00 78.23  ? 16  G   B "O2'" 1 
ATOM   595  C  "C1'" . G   B 2 15 ? -3.524  10.050  -18.842 1.00 77.81  ? 16  G   B "C1'" 1 
ATOM   596  N  N9    . G   B 2 15 ? -2.067  10.155  -18.816 1.00 78.80  ? 16  G   B N9    1 
ATOM   597  C  C8    . G   B 2 15 ? -1.284  10.695  -17.827 1.00 78.95  ? 16  G   B C8    1 
ATOM   598  N  N7    . G   B 2 15 ? -0.009  10.645  -18.101 1.00 79.90  ? 16  G   B N7    1 
ATOM   599  C  C5    . G   B 2 15 ? 0.046   10.036  -19.343 1.00 80.04  ? 16  G   B C5    1 
ATOM   600  C  C6    . G   B 2 15 ? 1.156   9.714   -20.158 1.00 81.85  ? 16  G   B C6    1 
ATOM   601  O  O6    . G   B 2 15 ? 2.358   9.911   -19.939 1.00 81.88  ? 16  G   B O6    1 
ATOM   602  N  N1    . G   B 2 15 ? 0.757   9.102   -21.341 1.00 82.62  ? 16  G   B N1    1 
ATOM   603  C  C2    . G   B 2 15 ? -0.545  8.834   -21.693 1.00 81.92  ? 16  G   B C2    1 
ATOM   604  N  N2    . G   B 2 15 ? -0.738  8.232   -22.872 1.00 82.72  ? 16  G   B N2    1 
ATOM   605  N  N3    . G   B 2 15 ? -1.583  9.133   -20.945 1.00 81.40  ? 16  G   B N3    1 
ATOM   606  C  C4    . G   B 2 15 ? -1.218  9.725   -19.794 1.00 79.99  ? 16  G   B C4    1 
ATOM   607  P  P     . C   B 2 16 ? -4.398  6.766   -15.581 1.00 74.40  ? 17  C   B P     1 
ATOM   608  O  OP1   . C   B 2 16 ? -5.502  6.076   -14.877 1.00 74.89  ? 17  C   B OP1   1 
ATOM   609  O  OP2   . C   B 2 16 ? -3.177  7.182   -14.842 1.00 74.13  ? 17  C   B OP2   1 
ATOM   610  O  "O5'" . C   B 2 16 ? -3.936  5.871   -16.806 1.00 73.92  ? 17  C   B "O5'" 1 
ATOM   611  C  "C5'" . C   B 2 16 ? -4.897  5.296   -17.671 1.00 76.22  ? 17  C   B "C5'" 1 
ATOM   612  C  "C4'" . C   B 2 16 ? -4.208  4.663   -18.838 1.00 74.46  ? 17  C   B "C4'" 1 
ATOM   613  O  "O4'" . C   B 2 16 ? -3.455  5.694   -19.520 1.00 73.89  ? 17  C   B "O4'" 1 
ATOM   614  C  "C3'" . C   B 2 16 ? -3.138  3.667   -18.455 1.00 73.77  ? 17  C   B "C3'" 1 
ATOM   615  O  "O3'" . C   B 2 16 ? -3.652  2.391   -18.168 1.00 77.36  ? 17  C   B "O3'" 1 
ATOM   616  C  "C2'" . C   B 2 16 ? -2.261  3.663   -19.689 1.00 73.89  ? 17  C   B "C2'" 1 
ATOM   617  O  "O2'" . C   B 2 16 ? -2.866  2.945   -20.744 1.00 71.50  ? 17  C   B "O2'" 1 
ATOM   618  C  "C1'" . C   B 2 16 ? -2.256  5.147   -20.031 1.00 72.94  ? 17  C   B "C1'" 1 
ATOM   619  N  N1    . C   B 2 16 ? -1.123  5.818   -19.387 1.00 73.76  ? 17  C   B N1    1 
ATOM   620  C  C2    . C   B 2 16 ? 0.115   5.748   -20.007 1.00 75.05  ? 17  C   B C2    1 
ATOM   621  O  O2    . C   B 2 16 ? 0.202   5.145   -21.084 1.00 77.21  ? 17  C   B O2    1 
ATOM   622  N  N3    . C   B 2 16 ? 1.184   6.334   -19.429 1.00 75.33  ? 17  C   B N3    1 
ATOM   623  C  C4    . C   B 2 16 ? 1.040   6.980   -18.276 1.00 74.92  ? 17  C   B C4    1 
ATOM   624  N  N4    . C   B 2 16 ? 2.121   7.542   -17.741 1.00 76.22  ? 17  C   B N4    1 
ATOM   625  C  C5    . C   B 2 16 ? -0.219  7.076   -17.620 1.00 74.62  ? 17  C   B C5    1 
ATOM   626  C  C6    . C   B 2 16 ? -1.267  6.485   -18.206 1.00 73.57  ? 17  C   B C6    1 
ATOM   627  P  P     . A   B 2 17 ? -2.804  1.410   -17.230 1.00 77.39  ? 18  A   B P     1 
ATOM   628  O  OP1   . A   B 2 17 ? -3.562  0.141   -17.104 1.00 81.31  ? 18  A   B OP1   1 
ATOM   629  O  OP2   . A   B 2 17 ? -2.411  2.164   -16.014 1.00 76.99  ? 18  A   B OP2   1 
ATOM   630  O  "O5'" . A   B 2 17 ? -1.488  1.125   -18.075 1.00 78.56  ? 18  A   B "O5'" 1 
ATOM   631  C  "C5'" . A   B 2 17 ? -1.558  0.356   -19.262 1.00 78.54  ? 18  A   B "C5'" 1 
ATOM   632  C  "C4'" . A   B 2 17 ? -0.180  0.090   -19.792 1.00 77.35  ? 18  A   B "C4'" 1 
ATOM   633  O  "O4'" . A   B 2 17 ? 0.401   1.333   -20.262 1.00 77.18  ? 18  A   B "O4'" 1 
ATOM   634  C  "C3'" . A   B 2 17 ? 0.808   -0.371  -18.743 1.00 76.88  ? 18  A   B "C3'" 1 
ATOM   635  O  "O3'" . A   B 2 17 ? 0.696   -1.744  -18.460 1.00 80.95  ? 18  A   B "O3'" 1 
ATOM   636  C  "C2'" . A   B 2 17 ? 2.134   -0.014  -19.382 1.00 76.43  ? 18  A   B "C2'" 1 
ATOM   637  O  "O2'" . A   B 2 17 ? 2.491   -0.925  -20.399 1.00 80.60  ? 18  A   B "O2'" 1 
ATOM   638  C  "C1'" . A   B 2 17 ? 1.794   1.325   -20.018 1.00 73.75  ? 18  A   B "C1'" 1 
ATOM   639  N  N9    . A   B 2 17 ? 2.106   2.389   -19.080 1.00 72.03  ? 18  A   B N9    1 
ATOM   640  C  C8    . A   B 2 17 ? 1.286   3.075   -18.225 1.00 70.88  ? 18  A   B C8    1 
ATOM   641  N  N7    . A   B 2 17 ? 1.916   3.954   -17.485 1.00 71.24  ? 18  A   B N7    1 
ATOM   642  C  C5    . A   B 2 17 ? 3.238   3.837   -17.890 1.00 70.52  ? 18  A   B C5    1 
ATOM   643  C  C6    . A   B 2 17 ? 4.409   4.489   -17.491 1.00 70.57  ? 18  A   B C6    1 
ATOM   644  N  N6    . A   B 2 17 ? 4.451   5.433   -16.554 1.00 71.04  ? 18  A   B N6    1 
ATOM   645  N  N1    . A   B 2 17 ? 5.560   4.134   -18.096 1.00 71.88  ? 18  A   B N1    1 
ATOM   646  C  C2    . A   B 2 17 ? 5.524   3.186   -19.041 1.00 72.26  ? 18  A   B C2    1 
ATOM   647  N  N3    . A   B 2 17 ? 4.487   2.504   -19.504 1.00 71.50  ? 18  A   B N3    1 
ATOM   648  C  C4    . A   B 2 17 ? 3.363   2.882   -18.876 1.00 71.34  ? 18  A   B C4    1 
ATOM   649  P  P     . G   B 2 18 ? 1.294   -2.308  -17.080 1.00 85.95  ? 19  G   B P     1 
ATOM   650  O  OP1   . G   B 2 18 ? 0.903   -3.742  -16.999 1.00 83.78  ? 19  G   B OP1   1 
ATOM   651  O  OP2   . G   B 2 18 ? 0.924   -1.375  -15.981 1.00 84.61  ? 19  G   B OP2   1 
ATOM   652  O  "O5'" . G   B 2 18 ? 2.868   -2.206  -17.292 1.00 82.98  ? 19  G   B "O5'" 1 
ATOM   653  C  "C5'" . G   B 2 18 ? 3.495   -2.977  -18.305 1.00 81.49  ? 19  G   B "C5'" 1 
ATOM   654  C  "C4'" . G   B 2 18 ? 4.972   -2.696  -18.355 1.00 80.37  ? 19  G   B "C4'" 1 
ATOM   655  O  "O4'" . G   B 2 18 ? 5.170   -1.292  -18.659 1.00 78.76  ? 19  G   B "O4'" 1 
ATOM   656  C  "C3'" . G   B 2 18 ? 5.714   -2.872  -17.040 1.00 82.08  ? 19  G   B "C3'" 1 
ATOM   657  O  "O3'" . G   B 2 18 ? 6.048   -4.227  -16.774 1.00 86.26  ? 19  G   B "O3'" 1 
ATOM   658  C  "C2'" . G   B 2 18 ? 6.943   -2.001  -17.250 1.00 79.71  ? 19  G   B "C2'" 1 
ATOM   659  O  "O2'" . G   B 2 18 ? 7.935   -2.591  -18.062 1.00 80.76  ? 19  G   B "O2'" 1 
ATOM   660  C  "C1'" . G   B 2 18 ? 6.342   -0.834  -18.018 1.00 76.58  ? 19  G   B "C1'" 1 
ATOM   661  N  N9    . G   B 2 18 ? 5.998   0.242   -17.113 1.00 74.28  ? 19  G   B N9    1 
ATOM   662  C  C8    . G   B 2 18 ? 4.762   0.603   -16.644 1.00 73.64  ? 19  G   B C8    1 
ATOM   663  N  N7    . G   B 2 18 ? 4.805   1.623   -15.836 1.00 74.36  ? 19  G   B N7    1 
ATOM   664  C  C5    . G   B 2 18 ? 6.155   1.948   -15.778 1.00 74.55  ? 19  G   B C5    1 
ATOM   665  C  C6    . G   B 2 18 ? 6.821   2.967   -15.068 1.00 75.12  ? 19  G   B C6    1 
ATOM   666  O  O6    . G   B 2 18 ? 6.341   3.826   -14.333 1.00 76.17  ? 19  G   B O6    1 
ATOM   667  N  N1    . G   B 2 18 ? 8.196   2.929   -15.281 1.00 74.80  ? 19  G   B N1    1 
ATOM   668  C  C2    . G   B 2 18 ? 8.845   2.026   -16.079 1.00 74.94  ? 19  G   B C2    1 
ATOM   669  N  N2    . G   B 2 18 ? 10.182  2.144   -16.143 1.00 76.32  ? 19  G   B N2    1 
ATOM   670  N  N3    . G   B 2 18 ? 8.231   1.076   -16.758 1.00 74.77  ? 19  G   B N3    1 
ATOM   671  C  C4    . G   B 2 18 ? 6.896   1.100   -16.558 1.00 74.43  ? 19  G   B C4    1 
ATOM   672  P  P     . A   B 2 19 ? 6.258   -4.711  -15.251 1.00 86.92  ? 20  A   B P     1 
ATOM   673  O  OP1   . A   B 2 19 ? 6.775   -6.108  -15.317 1.00 87.90  ? 20  A   B OP1   1 
ATOM   674  O  OP2   . A   B 2 19 ? 5.018   -4.417  -14.487 1.00 87.27  ? 20  A   B OP2   1 
ATOM   675  O  "O5'" . A   B 2 19 ? 7.417   -3.767  -14.701 1.00 84.07  ? 20  A   B "O5'" 1 
ATOM   676  C  "C5'" . A   B 2 19 ? 8.749   -3.958  -15.153 1.00 83.07  ? 20  A   B "C5'" 1 
ATOM   677  C  "C4'" . A   B 2 19 ? 9.682   -2.954  -14.533 1.00 79.03  ? 20  A   B "C4'" 1 
ATOM   678  O  "O4'" . A   B 2 19 ? 9.302   -1.627  -14.959 1.00 76.13  ? 20  A   B "O4'" 1 
ATOM   679  C  "C3'" . A   B 2 19 ? 9.665   -2.876  -13.020 1.00 78.07  ? 20  A   B "C3'" 1 
ATOM   680  O  "O3'" . A   B 2 19 ? 10.504  -3.848  -12.436 1.00 79.28  ? 20  A   B "O3'" 1 
ATOM   681  C  "C2'" . A   B 2 19 ? 10.195  -1.475  -12.769 1.00 75.97  ? 20  A   B "C2'" 1 
ATOM   682  O  "O2'" . A   B 2 19 ? 11.595  -1.359  -12.869 1.00 77.27  ? 20  A   B "O2'" 1 
ATOM   683  C  "C1'" . A   B 2 19 ? 9.543   -0.714  -13.912 1.00 74.69  ? 20  A   B "C1'" 1 
ATOM   684  N  N9    . A   B 2 19 ? 8.267   -0.197  -13.459 1.00 73.87  ? 20  A   B N9    1 
ATOM   685  C  C8    . A   B 2 19 ? 6.986   -0.637  -13.682 1.00 73.29  ? 20  A   B C8    1 
ATOM   686  N  N7    . A   B 2 19 ? 6.074   0.082   -13.076 1.00 72.82  ? 20  A   B N7    1 
ATOM   687  C  C5    . A   B 2 19 ? 6.811   1.058   -12.416 1.00 71.50  ? 20  A   B C5    1 
ATOM   688  C  C6    . A   B 2 19 ? 6.444   2.122   -11.592 1.00 71.86  ? 20  A   B C6    1 
ATOM   689  N  N6    . A   B 2 19 ? 5.183   2.395   -11.264 1.00 72.46  ? 20  A   B N6    1 
ATOM   690  N  N1    . A   B 2 19 ? 7.429   2.906   -11.099 1.00 72.14  ? 20  A   B N1    1 
ATOM   691  C  C2    . A   B 2 19 ? 8.699   2.621   -11.419 1.00 72.45  ? 20  A   B C2    1 
ATOM   692  N  N3    . A   B 2 19 ? 9.170   1.646   -12.181 1.00 72.58  ? 20  A   B N3    1 
ATOM   693  C  C4    . A   B 2 19 ? 8.160   0.896   -12.652 1.00 72.44  ? 20  A   B C4    1 
ATOM   694  P  P     . G   B 2 20 ? 10.181  -4.368  -10.962 1.00 80.66  ? 21  G   B P     1 
ATOM   695  O  OP1   . G   B 2 20 ? 11.297  -5.242  -10.514 1.00 83.07  ? 21  G   B OP1   1 
ATOM   696  O  OP2   . G   B 2 20 ? 8.786   -4.885  -10.985 1.00 80.96  ? 21  G   B OP2   1 
ATOM   697  O  "O5'" . G   B 2 20 ? 10.235  -3.055  -10.071 1.00 79.79  ? 21  G   B "O5'" 1 
ATOM   698  C  "C5'" . G   B 2 20 ? 11.485  -2.497  -9.697  1.00 78.98  ? 21  G   B "C5'" 1 
ATOM   699  C  "C4'" . G   B 2 20 ? 11.270  -1.312  -8.797  1.00 77.31  ? 21  G   B "C4'" 1 
ATOM   700  O  "O4'" . G   B 2 20 ? 10.432  -0.357  -9.487  1.00 77.10  ? 21  G   B "O4'" 1 
ATOM   701  C  "C3'" . G   B 2 20 ? 10.513  -1.596  -7.516  1.00 77.00  ? 21  G   B "C3'" 1 
ATOM   702  O  "O3'" . G   B 2 20 ? 11.404  -1.956  -6.498  1.00 78.13  ? 21  G   B "O3'" 1 
ATOM   703  C  "C2'" . G   B 2 20 ? 9.944   -0.237  -7.174  1.00 75.86  ? 21  G   B "C2'" 1 
ATOM   704  O  "O2'" . G   B 2 20 ? 10.940  0.591   -6.616  1.00 76.46  ? 21  G   B "O2'" 1 
ATOM   705  C  "C1'" . G   B 2 20 ? 9.573   0.276   -8.558  1.00 72.82  ? 21  G   B "C1'" 1 
ATOM   706  N  N9    . G   B 2 20 ? 8.198   -0.070  -8.891  1.00 69.67  ? 21  G   B N9    1 
ATOM   707  C  C8    . G   B 2 20 ? 7.748   -1.183  -9.568  1.00 69.00  ? 21  G   B C8    1 
ATOM   708  N  N7    . G   B 2 20 ? 6.451   -1.196  -9.724  1.00 68.62  ? 21  G   B N7    1 
ATOM   709  C  C5    . G   B 2 20 ? 6.022   -0.022  -9.110  1.00 68.56  ? 21  G   B C5    1 
ATOM   710  C  C6    . G   B 2 20 ? 4.716   0.525   -8.964  1.00 68.80  ? 21  G   B C6    1 
ATOM   711  O  O6    . G   B 2 20 ? 3.636   0.071   -9.372  1.00 70.12  ? 21  G   B O6    1 
ATOM   712  N  N1    . G   B 2 20 ? 4.741   1.731   -8.265  1.00 66.51  ? 21  G   B N1    1 
ATOM   713  C  C2    . G   B 2 20 ? 5.868   2.338   -7.774  1.00 64.68  ? 21  G   B C2    1 
ATOM   714  N  N2    . G   B 2 20 ? 5.680   3.495   -7.125  1.00 61.42  ? 21  G   B N2    1 
ATOM   715  N  N3    . G   B 2 20 ? 7.085   1.847   -7.910  1.00 65.55  ? 21  G   B N3    1 
ATOM   716  C  C4    . G   B 2 20 ? 7.089   0.675   -8.583  1.00 67.49  ? 21  G   B C4    1 
ATOM   717  P  P     . A   B 2 21 ? 11.195  -3.336  -5.739  1.00 79.76  ? 22  A   B P     1 
ATOM   718  O  OP1   . A   B 2 21 ? 11.856  -4.385  -6.561  1.00 81.08  ? 22  A   B OP1   1 
ATOM   719  O  OP2   . A   B 2 21 ? 9.752   -3.464  -5.391  1.00 80.71  ? 22  A   B OP2   1 
ATOM   720  O  "O5'" . A   B 2 21 ? 12.020  -3.123  -4.404  1.00 76.71  ? 22  A   B "O5'" 1 
ATOM   721  C  "C5'" . A   B 2 21 ? 11.453  -2.426  -3.317  1.00 73.11  ? 22  A   B "C5'" 1 
ATOM   722  C  "C4'" . A   B 2 21 ? 12.188  -1.139  -3.107  1.00 72.31  ? 22  A   B "C4'" 1 
ATOM   723  O  "O4'" . A   B 2 21 ? 11.760  -0.178  -4.104  1.00 71.20  ? 22  A   B "O4'" 1 
ATOM   724  C  "C3'" . A   B 2 21 ? 11.869  -0.469  -1.794  1.00 71.94  ? 22  A   B "C3'" 1 
ATOM   725  O  "O3'" . A   B 2 21 ? 12.670  -1.030  -0.777  1.00 72.93  ? 22  A   B "O3'" 1 
ATOM   726  C  "C2'" . A   B 2 21 ? 12.205  0.985   -2.081  1.00 72.70  ? 22  A   B "C2'" 1 
ATOM   727  O  "O2'" . A   B 2 21 ? 13.578  1.282   -1.989  1.00 75.63  ? 22  A   B "O2'" 1 
ATOM   728  C  "C1'" . A   B 2 21 ? 11.728  1.118   -3.525  1.00 72.13  ? 22  A   B "C1'" 1 
ATOM   729  N  N9    . A   B 2 21 ? 10.349  1.589   -3.525  1.00 70.49  ? 22  A   B N9    1 
ATOM   730  C  C8    . A   B 2 21 ? 9.207   0.914   -3.864  1.00 70.39  ? 22  A   B C8    1 
ATOM   731  N  N7    . A   B 2 21 ? 8.114   1.619   -3.707  1.00 69.59  ? 22  A   B N7    1 
ATOM   732  C  C5    . A   B 2 21 ? 8.573   2.843   -3.239  1.00 69.93  ? 22  A   B C5    1 
ATOM   733  C  C6    . A   B 2 21 ? 7.910   4.021   -2.868  1.00 69.54  ? 22  A   B C6    1 
ATOM   734  N  N6    . A   B 2 21 ? 6.588   4.157   -2.899  1.00 70.79  ? 22  A   B N6    1 
ATOM   735  N  N1    . A   B 2 21 ? 8.657   5.065   -2.451  1.00 68.97  ? 22  A   B N1    1 
ATOM   736  C  C2    . A   B 2 21 ? 9.982   4.917   -2.407  1.00 70.68  ? 22  A   B C2    1 
ATOM   737  N  N3    . A   B 2 21 ? 10.724  3.855   -2.720  1.00 71.44  ? 22  A   B N3    1 
ATOM   738  C  C4    . A   B 2 21 ? 9.945   2.840   -3.135  1.00 70.19  ? 22  A   B C4    1 
ATOM   739  P  P     . A   B 2 22 ? 12.105  -1.093  0.716   1.00 75.53  ? 23  A   B P     1 
ATOM   740  O  OP1   . A   B 2 22 ? 13.153  -1.636  1.610   1.00 79.76  ? 23  A   B OP1   1 
ATOM   741  O  OP2   . A   B 2 22 ? 10.766  -1.725  0.691   1.00 76.21  ? 23  A   B OP2   1 
ATOM   742  O  "O5'" . A   B 2 22 ? 11.959  0.439   1.076   1.00 76.03  ? 23  A   B "O5'" 1 
ATOM   743  C  "C5'" . A   B 2 22 ? 13.100  1.274   1.069   1.00 75.93  ? 23  A   B "C5'" 1 
ATOM   744  C  "C4'" . A   B 2 22 ? 12.692  2.657   1.447   1.00 74.86  ? 23  A   B "C4'" 1 
ATOM   745  O  "O4'" . A   B 2 22 ? 11.860  3.188   0.393   1.00 74.81  ? 23  A   B "O4'" 1 
ATOM   746  C  "C3'" . A   B 2 22 ? 11.813  2.710   2.680   1.00 74.46  ? 23  A   B "C3'" 1 
ATOM   747  O  "O3'" . A   B 2 22 ? 12.603  2.732   3.852   1.00 74.06  ? 23  A   B "O3'" 1 
ATOM   748  C  "C2'" . A   B 2 22 ? 11.060  4.013   2.472   1.00 74.44  ? 23  A   B "C2'" 1 
ATOM   749  O  "O2'" . A   B 2 22 ? 11.815  5.150   2.818   1.00 77.85  ? 23  A   B "O2'" 1 
ATOM   750  C  "C1'" . A   B 2 22 ? 10.834  3.978   0.962   1.00 73.97  ? 23  A   B "C1'" 1 
ATOM   751  N  N9    . A   B 2 22 ? 9.566   3.334   0.656   1.00 72.05  ? 23  A   B N9    1 
ATOM   752  C  C8    . A   B 2 22 ? 9.353   2.065   0.189   1.00 70.31  ? 23  A   B C8    1 
ATOM   753  N  N7    . A   B 2 22 ? 8.090   1.771   0.031   1.00 69.57  ? 23  A   B N7    1 
ATOM   754  C  C5    . A   B 2 22 ? 7.430   2.927   0.418   1.00 68.80  ? 23  A   B C5    1 
ATOM   755  C  C6    . A   B 2 22 ? 6.078   3.255   0.491   1.00 68.54  ? 23  A   B C6    1 
ATOM   756  N  N6    . A   B 2 22 ? 5.098   2.407   0.175   1.00 66.81  ? 23  A   B N6    1 
ATOM   757  N  N1    . A   B 2 22 ? 5.754   4.497   0.910   1.00 68.80  ? 23  A   B N1    1 
ATOM   758  C  C2    . A   B 2 22 ? 6.737   5.339   1.242   1.00 69.84  ? 23  A   B C2    1 
ATOM   759  N  N3    . A   B 2 22 ? 8.045   5.140   1.226   1.00 71.03  ? 23  A   B N3    1 
ATOM   760  C  C4    . A   B 2 22 ? 8.327   3.900   0.797   1.00 70.02  ? 23  A   B C4    1 
ATOM   761  P  P     . A   B 2 23 ? 11.924  2.421   5.270   1.00 74.58  ? 24  A   B P     1 
ATOM   762  O  OP1   . A   B 2 23 ? 12.916  2.725   6.333   1.00 77.64  ? 24  A   B OP1   1 
ATOM   763  O  OP2   . A   B 2 23 ? 11.296  1.077   5.205   1.00 73.78  ? 24  A   B OP2   1 
ATOM   764  O  "O5'" . A   B 2 23 ? 10.774  3.507   5.384   1.00 74.02  ? 24  A   B "O5'" 1 
ATOM   765  C  "C5'" . A   B 2 23 ? 11.063  4.828   5.807   1.00 71.40  ? 24  A   B "C5'" 1 
ATOM   766  C  "C4'" . A   B 2 23 ? 9.779   5.540   6.079   1.00 69.49  ? 24  A   B "C4'" 1 
ATOM   767  O  "O4'" . A   B 2 23 ? 8.999   5.516   4.864   1.00 68.31  ? 24  A   B "O4'" 1 
ATOM   768  C  "C3'" . A   B 2 23 ? 8.896   4.850   7.096   1.00 69.93  ? 24  A   B "C3'" 1 
ATOM   769  O  "O3'" . A   B 2 23 ? 9.226   5.244   8.408   1.00 69.40  ? 24  A   B "O3'" 1 
ATOM   770  C  "C2'" . A   B 2 23 ? 7.516   5.340   6.706   1.00 70.78  ? 24  A   B "C2'" 1 
ATOM   771  O  "O2'" . A   B 2 23 ? 7.223   6.634   7.189   1.00 72.79  ? 24  A   B "O2'" 1 
ATOM   772  C  "C1'" . A   B 2 23 ? 7.635   5.344   5.183   1.00 68.68  ? 24  A   B "C1'" 1 
ATOM   773  N  N9    . A   B 2 23 ? 7.224   4.058   4.639   1.00 68.66  ? 24  A   B N9    1 
ATOM   774  C  C8    . A   B 2 23 ? 8.002   2.985   4.282   1.00 67.45  ? 24  A   B C8    1 
ATOM   775  N  N7    . A   B 2 23 ? 7.316   1.967   3.823   1.00 66.53  ? 24  A   B N7    1 
ATOM   776  C  C5    . A   B 2 23 ? 5.999   2.403   3.880   1.00 65.60  ? 24  A   B C5    1 
ATOM   777  C  C6    . A   B 2 23 ? 4.778   1.797   3.527   1.00 65.98  ? 24  A   B C6    1 
ATOM   778  N  N6    . A   B 2 23 ? 4.672   0.564   3.028   1.00 63.27  ? 24  A   B N6    1 
ATOM   779  N  N1    . A   B 2 23 ? 3.649   2.515   3.706   1.00 64.71  ? 24  A   B N1    1 
ATOM   780  C  C2    . A   B 2 23 ? 3.747   3.751   4.211   1.00 66.61  ? 24  A   B C2    1 
ATOM   781  N  N3    . A   B 2 23 ? 4.829   4.424   4.583   1.00 67.54  ? 24  A   B N3    1 
ATOM   782  C  C4    . A   B 2 23 ? 5.932   3.687   4.386   1.00 68.01  ? 24  A   B C4    1 
ATOM   783  P  P     . C   B 2 24 ? 8.866   4.274   9.625   1.00 69.83  ? 25  C   B P     1 
ATOM   784  O  OP1   . C   B 2 24 ? 9.116   5.002   10.894  1.00 69.57  ? 25  C   B OP1   1 
ATOM   785  O  OP2   . C   B 2 24 ? 9.540   2.972   9.358   1.00 69.05  ? 25  C   B OP2   1 
ATOM   786  O  "O5'" . C   B 2 24 ? 7.297   4.069   9.501   1.00 67.64  ? 25  C   B "O5'" 1 
ATOM   787  C  "C5'" . C   B 2 24 ? 6.407   5.092   9.905   1.00 65.83  ? 25  C   B "C5'" 1 
ATOM   788  C  "C4'" . C   B 2 24 ? 4.996   4.653   9.656   1.00 65.43  ? 25  C   B "C4'" 1 
ATOM   789  O  "O4'" . C   B 2 24 ? 4.876   4.296   8.262   1.00 64.21  ? 25  C   B "O4'" 1 
ATOM   790  C  "C3'" . C   B 2 24 ? 4.590   3.386   10.385  1.00 65.99  ? 25  C   B "C3'" 1 
ATOM   791  O  "O3'" . C   B 2 24 ? 4.113   3.701   11.679  1.00 68.04  ? 25  C   B "O3'" 1 
ATOM   792  C  "C2'" . C   B 2 24 ? 3.464   2.865   9.515   1.00 65.34  ? 25  C   B "C2'" 1 
ATOM   793  O  "O2'" . C   B 2 24 ? 2.259   3.557   9.741   1.00 65.63  ? 25  C   B "O2'" 1 
ATOM   794  C  "C1'" . C   B 2 24 ? 3.984   3.213   8.127   1.00 62.64  ? 25  C   B "C1'" 1 
ATOM   795  N  N1    . C   B 2 24 ? 4.709   2.104   7.523   1.00 63.47  ? 25  C   B N1    1 
ATOM   796  C  C2    . C   B 2 24 ? 3.974   1.058   6.989   1.00 64.12  ? 25  C   B C2    1 
ATOM   797  O  O2    . C   B 2 24 ? 2.744   1.094   7.086   1.00 65.61  ? 25  C   B O2    1 
ATOM   798  N  N3    . C   B 2 24 ? 4.611   0.034   6.387   1.00 63.36  ? 25  C   B N3    1 
ATOM   799  C  C4    . C   B 2 24 ? 5.939   0.029   6.326   1.00 64.05  ? 25  C   B C4    1 
ATOM   800  N  N4    . C   B 2 24 ? 6.526   -0.996  5.715   1.00 64.62  ? 25  C   B N4    1 
ATOM   801  C  C5    . C   B 2 24 ? 6.723   1.081   6.887   1.00 64.25  ? 25  C   B C5    1 
ATOM   802  C  C6    . C   B 2 24 ? 6.071   2.091   7.471   1.00 63.20  ? 25  C   B C6    1 
ATOM   803  P  P     . A   B 2 25 ? 3.895   2.528   12.751  1.00 68.40  ? 26  A   B P     1 
ATOM   804  O  OP1   . A   B 2 25 ? 3.278   3.152   13.949  1.00 66.88  ? 26  A   B OP1   1 
ATOM   805  O  OP2   . A   B 2 25 ? 5.151   1.750   12.882  1.00 67.69  ? 26  A   B OP2   1 
ATOM   806  O  "O5'" . A   B 2 25 ? 2.830   1.566   12.078  1.00 64.85  ? 26  A   B "O5'" 1 
ATOM   807  C  "C5'" . A   B 2 25 ? 1.460   1.884   12.134  1.00 64.18  ? 26  A   B "C5'" 1 
ATOM   808  C  "C4'" . A   B 2 25 ? 0.663   0.766   11.544  1.00 64.52  ? 26  A   B "C4'" 1 
ATOM   809  O  "O4'" . A   B 2 25 ? 1.144   0.543   10.203  1.00 62.46  ? 26  A   B "O4'" 1 
ATOM   810  C  "C3'" . A   B 2 25 ? 0.856   -0.581  12.210  1.00 68.42  ? 26  A   B "C3'" 1 
ATOM   811  O  "O3'" . A   B 2 25 ? 0.045   -0.715  13.357  1.00 73.20  ? 26  A   B "O3'" 1 
ATOM   812  C  "C2'" . A   B 2 25 ? 0.467   -1.541  11.098  1.00 67.50  ? 26  A   B "C2'" 1 
ATOM   813  O  "O2'" . A   B 2 25 ? -0.928  -1.646  10.893  1.00 66.27  ? 26  A   B "O2'" 1 
ATOM   814  C  "C1'" . A   B 2 25 ? 1.083   -0.835  9.901   1.00 63.35  ? 26  A   B "C1'" 1 
ATOM   815  N  N9    . A   B 2 25 ? 2.439   -1.291  9.667   1.00 60.65  ? 26  A   B N9    1 
ATOM   816  C  C8    . A   B 2 25 ? 3.621   -0.678  9.993   1.00 60.98  ? 26  A   B C8    1 
ATOM   817  N  N7    . A   B 2 25 ? 4.680   -1.333  9.590   1.00 60.49  ? 26  A   B N7    1 
ATOM   818  C  C5    . A   B 2 25 ? 4.154   -2.459  8.970   1.00 59.99  ? 26  A   B C5    1 
ATOM   819  C  C6    . A   B 2 25 ? 4.752   -3.546  8.323   1.00 60.18  ? 26  A   B C6    1 
ATOM   820  N  N6    . A   B 2 25 ? 6.071   -3.685  8.185   1.00 62.76  ? 26  A   B N6    1 
ATOM   821  N  N1    . A   B 2 25 ? 3.941   -4.500  7.815   1.00 60.49  ? 26  A   B N1    1 
ATOM   822  C  C2    . A   B 2 25 ? 2.617   -4.358  7.956   1.00 61.55  ? 26  A   B C2    1 
ATOM   823  N  N3    . A   B 2 25 ? 1.936   -3.377  8.541   1.00 61.49  ? 26  A   B N3    1 
ATOM   824  C  C4    . A   B 2 25 ? 2.777   -2.450  9.029   1.00 59.83  ? 26  A   B C4    1 
ATOM   825  P  P     . C   B 2 26 ? 0.524   -1.673  14.550  1.00 70.83  ? 27  C   B P     1 
ATOM   826  O  OP1   . C   B 2 26 ? -0.590  -1.636  15.531  1.00 73.23  ? 27  C   B OP1   1 
ATOM   827  O  OP2   . C   B 2 26 ? 1.895   -1.280  14.966  1.00 67.24  ? 27  C   B OP2   1 
ATOM   828  O  "O5'" . C   B 2 26 ? 0.560   -3.118  13.880  1.00 68.95  ? 27  C   B "O5'" 1 
ATOM   829  C  "C5'" . C   B 2 26 ? -0.654  -3.709  13.444  1.00 66.35  ? 27  C   B "C5'" 1 
ATOM   830  C  "C4'" . C   B 2 26 ? -0.401  -4.996  12.707  1.00 63.64  ? 27  C   B "C4'" 1 
ATOM   831  O  "O4'" . C   B 2 26 ? 0.409   -4.730  11.533  1.00 63.03  ? 27  C   B "O4'" 1 
ATOM   832  C  "C3'" . C   B 2 26 ? 0.401   -6.033  13.462  1.00 65.52  ? 27  C   B "C3'" 1 
ATOM   833  O  "O3'" . C   B 2 26 ? -0.430  -6.762  14.352  1.00 71.36  ? 27  C   B "O3'" 1 
ATOM   834  C  "C2'" . C   B 2 26 ? 0.941   -6.892  12.327  1.00 63.83  ? 27  C   B "C2'" 1 
ATOM   835  O  "O2'" . C   B 2 26 ? -0.041  -7.746  11.782  1.00 65.03  ? 27  C   B "O2'" 1 
ATOM   836  C  "C1'" . C   B 2 26 ? 1.254   -5.834  11.278  1.00 60.10  ? 27  C   B "C1'" 1 
ATOM   837  N  N1    . C   B 2 26 ? 2.648   -5.391  11.331  1.00 58.78  ? 27  C   B N1    1 
ATOM   838  C  C2    . C   B 2 26 ? 3.602   -6.125  10.623  1.00 58.59  ? 27  C   B C2    1 
ATOM   839  O  O2    . C   B 2 26 ? 3.228   -7.109  9.962   1.00 57.88  ? 27  C   B O2    1 
ATOM   840  N  N3    . C   B 2 26 ? 4.902   -5.746  10.672  1.00 58.76  ? 27  C   B N3    1 
ATOM   841  C  C4    . C   B 2 26 ? 5.258   -4.677  11.392  1.00 58.54  ? 27  C   B C4    1 
ATOM   842  N  N4    . C   B 2 26 ? 6.555   -4.344  11.422  1.00 58.28  ? 27  C   B N4    1 
ATOM   843  C  C5    . C   B 2 26 ? 4.300   -3.905  12.117  1.00 58.66  ? 27  C   B C5    1 
ATOM   844  C  C6    . C   B 2 26 ? 3.018   -4.294  12.059  1.00 58.10  ? 27  C   B C6    1 
ATOM   845  P  P     . A   B 2 27 ? 0.194   -7.381  15.696  1.00 70.28  ? 28  A   B P     1 
ATOM   846  O  OP1   . A   B 2 27 ? -0.934  -7.961  16.465  1.00 70.79  ? 28  A   B OP1   1 
ATOM   847  O  OP2   . A   B 2 27 ? 1.053   -6.343  16.320  1.00 69.88  ? 28  A   B OP2   1 
ATOM   848  O  "O5'" . A   B 2 27 ? 1.096   -8.578  15.162  1.00 68.44  ? 28  A   B "O5'" 1 
ATOM   849  C  "C5'" . A   B 2 27 ? 0.472   -9.684  14.529  1.00 68.62  ? 28  A   B "C5'" 1 
ATOM   850  C  "C4'" . A   B 2 27 ? 1.495   -10.615 13.944  1.00 68.21  ? 28  A   B "C4'" 1 
ATOM   851  O  "O4'" . A   B 2 27 ? 2.191   -9.947  12.866  1.00 69.22  ? 28  A   B "O4'" 1 
ATOM   852  C  "C3'" . A   B 2 27 ? 2.606   -11.033 14.880  1.00 69.79  ? 28  A   B "C3'" 1 
ATOM   853  O  "O3'" . A   B 2 27 ? 2.193   -12.097 15.699  1.00 71.10  ? 28  A   B "O3'" 1 
ATOM   854  C  "C2'" . A   B 2 27 ? 3.700   -11.441 13.909  1.00 70.45  ? 28  A   B "C2'" 1 
ATOM   855  O  "O2'" . A   B 2 27 ? 3.447   -12.699 13.317  1.00 72.03  ? 28  A   B "O2'" 1 
ATOM   856  C  "C1'" . A   B 2 27 ? 3.544   -10.370 12.837  1.00 67.57  ? 28  A   B "C1'" 1 
ATOM   857  N  N9    . A   B 2 27 ? 4.398   -9.222  13.128  1.00 65.10  ? 28  A   B N9    1 
ATOM   858  C  C8    . A   B 2 27 ? 4.097   -8.082  13.834  1.00 63.16  ? 28  A   B C8    1 
ATOM   859  N  N7    . A   B 2 27 ? 5.103   -7.247  13.936  1.00 63.46  ? 28  A   B N7    1 
ATOM   860  C  C5    . A   B 2 27 ? 6.132   -7.878  13.247  1.00 62.91  ? 28  A   B C5    1 
ATOM   861  C  C6    . A   B 2 27 ? 7.461   -7.510  12.984  1.00 63.94  ? 28  A   B C6    1 
ATOM   862  N  N6    . A   B 2 27 ? 8.004   -6.362  13.390  1.00 65.18  ? 28  A   B N6    1 
ATOM   863  N  N1    . A   B 2 27 ? 8.222   -8.370  12.273  1.00 64.50  ? 28  A   B N1    1 
ATOM   864  C  C2    . A   B 2 27 ? 7.672   -9.516  11.851  1.00 64.79  ? 28  A   B C2    1 
ATOM   865  N  N3    . A   B 2 27 ? 6.435   -9.969  12.025  1.00 64.19  ? 28  A   B N3    1 
ATOM   866  C  C4    . A   B 2 27 ? 5.709   -9.094  12.743  1.00 63.54  ? 28  A   B C4    1 
ATOM   867  P  P     . C   B 2 28 ? 2.827   -12.256 17.160  1.00 71.63  ? 29  C   B P     1 
ATOM   868  O  OP1   . C   B 2 28 ? 2.045   -13.338 17.797  1.00 75.14  ? 29  C   B OP1   1 
ATOM   869  O  OP2   . C   B 2 28 ? 2.922   -10.929 17.825  1.00 71.50  ? 29  C   B OP2   1 
ATOM   870  O  "O5'" . C   B 2 28 ? 4.292   -12.803 16.861  1.00 70.51  ? 29  C   B "O5'" 1 
ATOM   871  C  "C5'" . C   B 2 28 ? 4.458   -14.100 16.306  1.00 65.98  ? 29  C   B "C5'" 1 
ATOM   872  C  "C4'" . C   B 2 28 ? 5.865   -14.302 15.808  1.00 62.23  ? 29  C   B "C4'" 1 
ATOM   873  O  "O4'" . C   B 2 28 ? 6.149   -13.307 14.795  1.00 59.94  ? 29  C   B "O4'" 1 
ATOM   874  C  "C3'" . C   B 2 28 ? 6.974   -14.105 16.825  1.00 61.67  ? 29  C   B "C3'" 1 
ATOM   875  O  "O3'" . C   B 2 28 ? 7.176   -15.261 17.617  1.00 65.12  ? 29  C   B "O3'" 1 
ATOM   876  C  "C2'" . C   B 2 28 ? 8.164   -13.801 15.929  1.00 62.13  ? 29  C   B "C2'" 1 
ATOM   877  O  "O2'" . C   B 2 28 ? 8.700   -14.938 15.294  1.00 63.14  ? 29  C   B "O2'" 1 
ATOM   878  C  "C1'" . C   B 2 28 ? 7.510   -12.931 14.866  1.00 59.62  ? 29  C   B "C1'" 1 
ATOM   879  N  N1    . C   B 2 28 ? 7.582   -11.538 15.280  1.00 58.22  ? 29  C   B N1    1 
ATOM   880  C  C2    . C   B 2 28 ? 8.745   -10.827 15.006  1.00 59.19  ? 29  C   B C2    1 
ATOM   881  O  O2    . C   B 2 28 ? 9.664   -11.399 14.393  1.00 61.32  ? 29  C   B O2    1 
ATOM   882  N  N3    . C   B 2 28 ? 8.843   -9.543  15.412  1.00 58.79  ? 29  C   B N3    1 
ATOM   883  C  C4    . C   B 2 28 ? 7.826   -8.976  16.065  1.00 59.74  ? 29  C   B C4    1 
ATOM   884  N  N4    . C   B 2 28 ? 7.958   -7.712  16.460  1.00 59.83  ? 29  C   B N4    1 
ATOM   885  C  C5    . C   B 2 28 ? 6.623   -9.681  16.346  1.00 59.22  ? 29  C   B C5    1 
ATOM   886  C  C6    . C   B 2 28 ? 6.544   -10.947 15.936  1.00 57.78  ? 29  C   B C6    1 
ATOM   887  P  P     . G   B 2 29 ? 7.879   -15.128 19.057  1.00 64.92  ? 30  G   B P     1 
ATOM   888  O  OP1   . G   B 2 29 ? 7.944   -16.493 19.625  1.00 67.68  ? 30  G   B OP1   1 
ATOM   889  O  OP2   . G   B 2 29 ? 7.262   -14.029 19.846  1.00 64.79  ? 30  G   B OP2   1 
ATOM   890  O  "O5'" . G   B 2 29 ? 9.359   -14.695 18.696  1.00 66.27  ? 30  G   B "O5'" 1 
ATOM   891  C  "C5'" . G   B 2 29 ? 10.156  -15.537 17.893  1.00 65.39  ? 30  G   B "C5'" 1 
ATOM   892  C  "C4'" . G   B 2 29 ? 11.520  -14.945 17.726  1.00 67.33  ? 30  G   B "C4'" 1 
ATOM   893  O  "O4'" . G   B 2 29 ? 11.431  -13.819 16.820  1.00 67.61  ? 30  G   B "O4'" 1 
ATOM   894  C  "C3'" . G   B 2 29 ? 12.138  -14.352 18.985  1.00 68.18  ? 30  G   B "C3'" 1 
ATOM   895  O  "O3'" . G   B 2 29 ? 12.774  -15.322 19.802  1.00 69.34  ? 30  G   B "O3'" 1 
ATOM   896  C  "C2'" . G   B 2 29 ? 13.147  -13.390 18.387  1.00 68.75  ? 30  G   B "C2'" 1 
ATOM   897  O  "O2'" . G   B 2 29 ? 14.253  -14.081 17.847  1.00 68.11  ? 30  G   B "O2'" 1 
ATOM   898  C  "C1'" . G   B 2 29 ? 12.347  -12.822 17.223  1.00 67.16  ? 30  G   B "C1'" 1 
ATOM   899  N  N9    . G   B 2 29 ? 11.604  -11.659 17.680  1.00 66.52  ? 30  G   B N9    1 
ATOM   900  C  C8    . G   B 2 29 ? 10.289  -11.590 18.062  1.00 67.45  ? 30  G   B C8    1 
ATOM   901  N  N7    . G   B 2 29 ? 9.931   -10.393 18.440  1.00 69.26  ? 30  G   B N7    1 
ATOM   902  C  C5    . G   B 2 29 ? 11.084  -9.631  18.289  1.00 69.01  ? 30  G   B C5    1 
ATOM   903  C  C6    . G   B 2 29 ? 11.323  -8.249  18.536  1.00 69.25  ? 30  G   B C6    1 
ATOM   904  O  O6    . G   B 2 29 ? 10.532  -7.386  18.929  1.00 68.26  ? 30  G   B O6    1 
ATOM   905  N  N1    . G   B 2 29 ? 12.643  -7.906  18.272  1.00 68.90  ? 30  G   B N1    1 
ATOM   906  C  C2    . G   B 2 29 ? 13.605  -8.768  17.823  1.00 67.78  ? 30  G   B C2    1 
ATOM   907  N  N2    . G   B 2 29 ? 14.828  -8.254  17.653  1.00 70.02  ? 30  G   B N2    1 
ATOM   908  N  N3    . G   B 2 29 ? 13.390  -10.041 17.566  1.00 67.07  ? 30  G   B N3    1 
ATOM   909  C  C4    . G   B 2 29 ? 12.121  -10.402 17.825  1.00 67.56  ? 30  G   B C4    1 
ATOM   910  P  P     . A   B 2 30 ? 13.033  -15.019 21.361  1.00 65.21  ? 31  A   B P     1 
ATOM   911  O  OP1   . A   B 2 30 ? 13.896  -16.141 21.793  1.00 69.12  ? 31  A   B OP1   1 
ATOM   912  O  OP2   . A   B 2 30 ? 11.748  -14.771 22.051  1.00 64.97  ? 31  A   B OP2   1 
ATOM   913  O  "O5'" . A   B 2 30 ? 13.885  -13.674 21.393  1.00 68.43  ? 31  A   B "O5'" 1 
ATOM   914  C  "C5'" . A   B 2 30 ? 15.259  -13.693 21.046  1.00 71.11  ? 31  A   B "C5'" 1 
ATOM   915  C  "C4'" . A   B 2 30 ? 15.899  -12.352 21.303  1.00 72.06  ? 31  A   B "C4'" 1 
ATOM   916  O  "O4'" . A   B 2 30 ? 15.257  -11.350 20.475  1.00 73.66  ? 31  A   B "O4'" 1 
ATOM   917  C  "C3'" . A   B 2 30 ? 15.724  -11.801 22.706  1.00 73.81  ? 31  A   B "C3'" 1 
ATOM   918  O  "O3'" . A   B 2 30 ? 16.545  -12.382 23.695  1.00 77.55  ? 31  A   B "O3'" 1 
ATOM   919  C  "C2'" . A   B 2 30 ? 15.939  -10.310 22.498  1.00 77.08  ? 31  A   B "C2'" 1 
ATOM   920  O  "O2'" . A   B 2 30 ? 17.295  -9.933  22.365  1.00 78.89  ? 31  A   B "O2'" 1 
ATOM   921  C  "C1'" . A   B 2 30 ? 15.253  -10.103 21.153  1.00 75.35  ? 31  A   B "C1'" 1 
ATOM   922  N  N9    . A   B 2 30 ? 13.882  -9.642  21.332  1.00 73.58  ? 31  A   B N9    1 
ATOM   923  C  C8    . A   B 2 30 ? 12.725  -10.363 21.444  1.00 74.59  ? 31  A   B C8    1 
ATOM   924  N  N7    . A   B 2 30 ? 11.663  -9.624  21.660  1.00 74.66  ? 31  A   B N7    1 
ATOM   925  C  C5    . A   B 2 30 ? 12.159  -8.328  21.679  1.00 72.89  ? 31  A   B C5    1 
ATOM   926  C  C6    . A   B 2 30 ? 11.543  -7.080  21.869  1.00 71.21  ? 31  A   B C6    1 
ATOM   927  N  N6    . A   B 2 30 ? 10.236  -6.923  22.079  1.00 71.04  ? 31  A   B N6    1 
ATOM   928  N  N1    . A   B 2 30 ? 12.324  -5.985  21.835  1.00 70.41  ? 31  A   B N1    1 
ATOM   929  C  C2    . A   B 2 30 ? 13.633  -6.143  21.616  1.00 71.49  ? 31  A   B C2    1 
ATOM   930  N  N3    . A   B 2 30 ? 14.326  -7.257  21.419  1.00 71.79  ? 31  A   B N3    1 
ATOM   931  C  C4    . A   B 2 30 ? 13.521  -8.326  21.466  1.00 72.95  ? 31  A   B C4    1 
ATOM   932  O  "O5'" . U   C 3 1  ? 10.373  2.140   20.718  1.00 67.22  ? 31  U   C "O5'" 1 
ATOM   933  C  "C5'" . U   C 3 1  ? 11.443  3.016   21.072  1.00 69.23  ? 31  U   C "C5'" 1 
ATOM   934  C  "C4'" . U   C 3 1  ? 12.738  2.254   21.107  1.00 67.42  ? 31  U   C "C4'" 1 
ATOM   935  O  "O4'" . U   C 3 1  ? 12.711  1.346   22.233  1.00 67.46  ? 31  U   C "O4'" 1 
ATOM   936  C  "C3'" . U   C 3 1  ? 13.000  1.365   19.905  1.00 67.48  ? 31  U   C "C3'" 1 
ATOM   937  O  "O3'" . U   C 3 1  ? 13.650  2.087   18.880  1.00 67.18  ? 31  U   C "O3'" 1 
ATOM   938  C  "C2'" . U   C 3 1  ? 13.947  0.332   20.482  1.00 68.42  ? 31  U   C "C2'" 1 
ATOM   939  O  "O2'" . U   C 3 1  ? 15.264  0.835   20.567  1.00 66.79  ? 31  U   C "O2'" 1 
ATOM   940  C  "C1'" . U   C 3 1  ? 13.361  0.139   21.882  1.00 69.17  ? 31  U   C "C1'" 1 
ATOM   941  N  N1    . U   C 3 1  ? 12.359  -0.935  21.920  1.00 70.27  ? 31  U   C N1    1 
ATOM   942  C  C2    . U   C 3 1  ? 12.795  -2.250  21.823  1.00 70.10  ? 31  U   C C2    1 
ATOM   943  O  O2    . U   C 3 1  ? 13.977  -2.563  21.754  1.00 70.38  ? 31  U   C O2    1 
ATOM   944  N  N3    . U   C 3 1  ? 11.792  -3.187  21.818  1.00 69.15  ? 31  U   C N3    1 
ATOM   945  C  C4    . U   C 3 1  ? 10.439  -2.951  21.913  1.00 69.05  ? 31  U   C C4    1 
ATOM   946  O  O4    . U   C 3 1  ? 9.656   -3.892  21.834  1.00 69.44  ? 31  U   C O4    1 
ATOM   947  C  C5    . U   C 3 1  ? 10.081  -1.577  22.042  1.00 69.57  ? 31  U   C C5    1 
ATOM   948  C  C6    . U   C 3 1  ? 11.028  -0.640  22.038  1.00 69.63  ? 31  U   C C6    1 
ATOM   949  P  P     . C   C 3 2  ? 13.503  1.610   17.356  1.00 68.24  ? 32  C   C P     1 
ATOM   950  O  OP1   . C   C 3 2  ? 14.030  2.722   16.525  1.00 69.80  ? 32  C   C OP1   1 
ATOM   951  O  OP2   . C   C 3 2  ? 12.117  1.113   17.150  1.00 65.46  ? 32  C   C OP2   1 
ATOM   952  O  "O5'" . C   C 3 2  ? 14.514  0.395   17.203  1.00 65.57  ? 32  C   C "O5'" 1 
ATOM   953  C  "C5'" . C   C 3 2  ? 15.903  0.604   17.372  1.00 64.90  ? 32  C   C "C5'" 1 
ATOM   954  C  "C4'" . C   C 3 2  ? 16.618  -0.712  17.438  1.00 64.05  ? 32  C   C "C4'" 1 
ATOM   955  O  "O4'" . C   C 3 2  ? 16.157  -1.446  18.599  1.00 65.82  ? 32  C   C "O4'" 1 
ATOM   956  C  "C3'" . C   C 3 2  ? 16.339  -1.644  16.279  1.00 63.16  ? 32  C   C "C3'" 1 
ATOM   957  O  "O3'" . C   C 3 2  ? 17.215  -1.388  15.213  1.00 62.60  ? 32  C   C "O3'" 1 
ATOM   958  C  "C2'" . C   C 3 2  ? 16.656  -2.995  16.882  1.00 65.69  ? 32  C   C "C2'" 1 
ATOM   959  O  "O2'" . C   C 3 2  ? 18.051  -3.190  16.960  1.00 65.92  ? 32  C   C "O2'" 1 
ATOM   960  C  "C1'" . C   C 3 2  ? 16.098  -2.825  18.290  1.00 65.82  ? 32  C   C "C1'" 1 
ATOM   961  N  N1    . C   C 3 2  ? 14.696  -3.245  18.358  1.00 67.30  ? 32  C   C N1    1 
ATOM   962  C  C2    . C   C 3 2  ? 14.403  -4.605  18.310  1.00 68.22  ? 32  C   C C2    1 
ATOM   963  O  O2    . C   C 3 2  ? 15.329  -5.409  18.173  1.00 69.97  ? 32  C   C O2    1 
ATOM   964  N  N3    . C   C 3 2  ? 13.120  -5.009  18.410  1.00 68.51  ? 32  C   C N3    1 
ATOM   965  C  C4    . C   C 3 2  ? 12.149  -4.105  18.556  1.00 69.58  ? 32  C   C C4    1 
ATOM   966  N  N4    . C   C 3 2  ? 10.899  -4.543  18.690  1.00 70.14  ? 32  C   C N4    1 
ATOM   967  C  C5    . C   C 3 2  ? 12.418  -2.708  18.580  1.00 68.88  ? 32  C   C C5    1 
ATOM   968  C  C6    . C   C 3 2  ? 13.694  -2.326  18.478  1.00 68.15  ? 32  C   C C6    1 
ATOM   969  P  P     . G   C 3 3  ? 16.743  -1.705  13.727  1.00 63.63  ? 33  G   C P     1 
ATOM   970  O  OP1   . G   C 3 3  ? 17.725  -1.084  12.810  1.00 66.69  ? 33  G   C OP1   1 
ATOM   971  O  OP2   . G   C 3 3  ? 15.302  -1.346  13.655  1.00 62.56  ? 33  G   C OP2   1 
ATOM   972  O  "O5'" . G   C 3 3  ? 16.849  -3.278  13.581  1.00 64.37  ? 33  G   C "O5'" 1 
ATOM   973  C  "C5'" . G   C 3 3  ? 18.097  -3.944  13.654  1.00 66.51  ? 33  G   C "C5'" 1 
ATOM   974  C  "C4'" . G   C 3 3  ? 17.857  -5.422  13.599  1.00 65.62  ? 33  G   C "C4'" 1 
ATOM   975  O  "O4'" . G   C 3 3  ? 17.010  -5.782  14.713  1.00 66.24  ? 33  G   C "O4'" 1 
ATOM   976  C  "C3'" . G   C 3 3  ? 17.070  -5.862  12.384  1.00 66.15  ? 33  G   C "C3'" 1 
ATOM   977  O  "O3'" . G   C 3 3  ? 17.966  -6.119  11.319  1.00 68.40  ? 33  G   C "O3'" 1 
ATOM   978  C  "C2'" . G   C 3 3  ? 16.413  -7.145  12.867  1.00 64.20  ? 33  G   C "C2'" 1 
ATOM   979  O  "O2'" . G   C 3 3  ? 17.305  -8.227  12.873  1.00 62.90  ? 33  G   C "O2'" 1 
ATOM   980  C  "C1'" . G   C 3 3  ? 16.110  -6.794  14.319  1.00 63.40  ? 33  G   C "C1'" 1 
ATOM   981  N  N9    . G   C 3 3  ? 14.760  -6.321  14.594  1.00 65.57  ? 33  G   C N9    1 
ATOM   982  C  C8    . G   C 3 3  ? 14.382  -5.040  14.912  1.00 65.34  ? 33  G   C C8    1 
ATOM   983  N  N7    . G   C 3 3  ? 13.114  -4.940  15.207  1.00 66.08  ? 33  G   C N7    1 
ATOM   984  C  C5    . G   C 3 3  ? 12.625  -6.228  15.048  1.00 65.35  ? 33  G   C C5    1 
ATOM   985  C  C6    . G   C 3 3  ? 11.323  -6.743  15.244  1.00 65.93  ? 33  G   C C6    1 
ATOM   986  O  O6    . G   C 3 3  ? 10.307  -6.138  15.610  1.00 66.34  ? 33  G   C O6    1 
ATOM   987  N  N1    . G   C 3 3  ? 11.265  -8.110  14.973  1.00 64.76  ? 33  G   C N1    1 
ATOM   988  C  C2    . G   C 3 3  ? 12.331  -8.880  14.568  1.00 64.38  ? 33  G   C C2    1 
ATOM   989  N  N2    . G   C 3 3  ? 12.087  -10.180 14.363  1.00 64.51  ? 33  G   C N2    1 
ATOM   990  N  N3    . G   C 3 3  ? 13.549  -8.409  14.382  1.00 65.41  ? 33  G   C N3    1 
ATOM   991  C  C4    . G   C 3 3  ? 13.624  -7.087  14.645  1.00 65.73  ? 33  G   C C4    1 
ATOM   992  P  P     . U   C 3 4  ? 17.415  -6.139  9.819   1.00 69.79  ? 34  U   C P     1 
ATOM   993  O  OP1   . U   C 3 4  ? 18.549  -6.455  8.908   1.00 71.10  ? 34  U   C OP1   1 
ATOM   994  O  OP2   . U   C 3 4  ? 16.632  -4.890  9.629   1.00 72.16  ? 34  U   C OP2   1 
ATOM   995  O  "O5'" . U   C 3 4  ? 16.400  -7.363  9.812   1.00 69.56  ? 34  U   C "O5'" 1 
ATOM   996  C  "C5'" . U   C 3 4  ? 16.894  -8.685  9.864   1.00 70.26  ? 34  U   C "C5'" 1 
ATOM   997  C  "C4'" . U   C 3 4  ? 15.767  -9.679  9.909   1.00 67.56  ? 34  U   C "C4'" 1 
ATOM   998  O  "O4'" . U   C 3 4  ? 14.995  -9.465  11.116  1.00 68.23  ? 34  U   C "O4'" 1 
ATOM   999  C  "C3'" . U   C 3 4  ? 14.740  -9.535  8.805   1.00 67.61  ? 34  U   C "C3'" 1 
ATOM   1000 O  "O3'" . U   C 3 4  ? 15.152  -10.211 7.635   1.00 70.47  ? 34  U   C "O3'" 1 
ATOM   1001 C  "C2'" . U   C 3 4  ? 13.535  -10.218 9.418   1.00 68.65  ? 34  U   C "C2'" 1 
ATOM   1002 O  "O2'" . U   C 3 4  ? 13.705  -11.613 9.420   1.00 72.05  ? 34  U   C "O2'" 1 
ATOM   1003 C  "C1'" . U   C 3 4  ? 13.646  -9.773  10.866  1.00 67.51  ? 34  U   C "C1'" 1 
ATOM   1004 N  N1    . U   C 3 4  ? 12.816  -8.608  11.166  1.00 67.52  ? 34  U   C N1    1 
ATOM   1005 C  C2    . U   C 3 4  ? 11.492  -8.860  11.390  1.00 68.94  ? 34  U   C C2    1 
ATOM   1006 O  O2    . U   C 3 4  ? 11.024  -9.981  11.319  1.00 70.86  ? 34  U   C O2    1 
ATOM   1007 N  N3    . U   C 3 4  ? 10.734  -7.763  11.698  1.00 68.89  ? 34  U   C N3    1 
ATOM   1008 C  C4    . U   C 3 4  ? 11.166  -6.465  11.793  1.00 68.81  ? 34  U   C C4    1 
ATOM   1009 O  O4    . U   C 3 4  ? 10.366  -5.587  12.125  1.00 70.11  ? 34  U   C O4    1 
ATOM   1010 C  C5    . U   C 3 4  ? 12.561  -6.282  11.526  1.00 68.49  ? 34  U   C C5    1 
ATOM   1011 C  C6    . U   C 3 4  ? 13.320  -7.339  11.229  1.00 67.57  ? 34  U   C C6    1 
ATOM   1012 P  P     . G   C 3 5  ? 14.425  -9.893  6.239   1.00 72.57  ? 35  G   C P     1 
ATOM   1013 O  OP1   . G   C 3 5  ? 15.131  -10.637 5.168   1.00 72.60  ? 35  G   C OP1   1 
ATOM   1014 O  OP2   . G   C 3 5  ? 14.250  -8.422  6.127   1.00 75.01  ? 35  G   C OP2   1 
ATOM   1015 O  "O5'" . G   C 3 5  ? 12.971  -10.512 6.407   1.00 71.90  ? 35  G   C "O5'" 1 
ATOM   1016 C  "C5'" . G   C 3 5  ? 12.787  -11.915 6.494   1.00 68.61  ? 35  G   C "C5'" 1 
ATOM   1017 C  "C4'" . G   C 3 5  ? 11.326  -12.229 6.664   1.00 66.53  ? 35  G   C "C4'" 1 
ATOM   1018 O  "O4'" . G   C 3 5  ? 10.861  -11.635 7.895   1.00 66.47  ? 35  G   C "O4'" 1 
ATOM   1019 C  "C3'" . G   C 3 5  ? 10.420  -11.650 5.596   1.00 67.75  ? 35  G   C "C3'" 1 
ATOM   1020 O  "O3'" . G   C 3 5  ? 10.378  -12.562 4.502   1.00 69.66  ? 35  G   C "O3'" 1 
ATOM   1021 C  "C2'" . G   C 3 5  ? 9.085   -11.557 6.326   1.00 68.09  ? 35  G   C "C2'" 1 
ATOM   1022 O  "O2'" . G   C 3 5  ? 8.386   -12.778 6.412   1.00 70.73  ? 35  G   C "O2'" 1 
ATOM   1023 C  "C1'" . G   C 3 5  ? 9.534   -11.184 7.735   1.00 65.80  ? 35  G   C "C1'" 1 
ATOM   1024 N  N9    . G   C 3 5  ? 9.506   -9.763  8.049   1.00 66.11  ? 35  G   C N9    1 
ATOM   1025 C  C8    . G   C 3 5  ? 10.549  -8.872  7.968   1.00 66.05  ? 35  G   C C8    1 
ATOM   1026 N  N7    . G   C 3 5  ? 10.234  -7.677  8.388   1.00 67.22  ? 35  G   C N7    1 
ATOM   1027 C  C5    . G   C 3 5  ? 8.896   -7.786  8.758   1.00 65.95  ? 35  G   C C5    1 
ATOM   1028 C  C6    . G   C 3 5  ? 8.005   -6.821  9.307   1.00 65.89  ? 35  G   C C6    1 
ATOM   1029 O  O6    . G   C 3 5  ? 8.234   -5.642  9.617   1.00 66.59  ? 35  G   C O6    1 
ATOM   1030 N  N1    . G   C 3 5  ? 6.735   -7.355  9.495   1.00 63.56  ? 35  G   C N1    1 
ATOM   1031 C  C2    . G   C 3 5  ? 6.369   -8.646  9.207   1.00 63.12  ? 35  G   C C2    1 
ATOM   1032 N  N2    . G   C 3 5  ? 5.093   -8.954  9.417   1.00 64.68  ? 35  G   C N2    1 
ATOM   1033 N  N3    . G   C 3 5  ? 7.191   -9.561  8.735   1.00 64.08  ? 35  G   C N3    1 
ATOM   1034 C  C4    . G   C 3 5  ? 8.429   -9.064  8.530   1.00 66.01  ? 35  G   C C4    1 
ATOM   1035 P  P     . G   C 3 6  ? 10.009  -12.045 3.029   1.00 70.03  ? 36  G   C P     1 
ATOM   1036 O  OP1   . G   C 3 6  ? 10.477  -13.070 2.068   1.00 72.22  ? 36  G   C OP1   1 
ATOM   1037 O  OP2   . G   C 3 6  ? 10.490  -10.651 2.896   1.00 74.40  ? 36  G   C OP2   1 
ATOM   1038 O  "O5'" . G   C 3 6  ? 8.417   -12.077 3.023   1.00 71.95  ? 36  G   C "O5'" 1 
ATOM   1039 C  "C5'" . G   C 3 6  ? 7.715   -13.269 3.344   1.00 70.43  ? 36  G   C "C5'" 1 
ATOM   1040 C  "C4'" . G   C 3 6  ? 6.252   -12.978 3.529   1.00 69.83  ? 36  G   C "C4'" 1 
ATOM   1041 O  "O4'" . G   C 3 6  ? 6.115   -11.900 4.488   1.00 68.70  ? 36  G   C "O4'" 1 
ATOM   1042 C  "C3'" . G   C 3 6  ? 5.568   -12.504 2.251   1.00 69.42  ? 36  G   C "C3'" 1 
ATOM   1043 O  "O3'" . G   C 3 6  ? 4.225   -12.963 2.410   1.00 72.23  ? 36  G   C "O3'" 1 
ATOM   1044 C  "C2'" . G   C 3 6  ? 5.622   -10.974 2.314   1.00 66.95  ? 36  G   C "C2'" 1 
ATOM   1045 O  "O2'" . G   C 3 6  ? 4.461   -10.330 1.850   1.00 69.34  ? 36  G   C "O2'" 1 
ATOM   1046 C  "C1'" . G   C 3 6  ? 5.649   -10.751 3.826   1.00 66.22  ? 36  G   C "C1'" 1 
ATOM   1047 N  N9    . G   C 3 6  ? 6.297   -9.564  4.361   1.00 65.49  ? 36  G   C N9    1 
ATOM   1048 C  C8    . G   C 3 6  ? 7.546   -9.046  4.119   1.00 67.18  ? 36  G   C C8    1 
ATOM   1049 N  N7    . G   C 3 6  ? 7.773   -7.943  4.791   1.00 67.49  ? 36  G   C N7    1 
ATOM   1050 C  C5    . G   C 3 6  ? 6.593   -7.730  5.492   1.00 65.56  ? 36  G   C C5    1 
ATOM   1051 C  C6    . G   C 3 6  ? 6.220   -6.691  6.374   1.00 66.02  ? 36  G   C C6    1 
ATOM   1052 O  O6    . G   C 3 6  ? 6.871   -5.699  6.713   1.00 67.36  ? 36  G   C O6    1 
ATOM   1053 N  N1    . G   C 3 6  ? 4.930   -6.879  6.867   1.00 65.11  ? 36  G   C N1    1 
ATOM   1054 C  C2    . G   C 3 6  ? 4.106   -7.923  6.536   1.00 64.98  ? 36  G   C C2    1 
ATOM   1055 N  N2    . G   C 3 6  ? 2.893   -7.935  7.099   1.00 65.13  ? 36  G   C N2    1 
ATOM   1056 N  N3    . G   C 3 6  ? 4.441   -8.884  5.708   1.00 65.21  ? 36  G   C N3    1 
ATOM   1057 C  C4    . G   C 3 6  ? 5.684   -8.730  5.232   1.00 64.66  ? 36  G   C C4    1 
ATOM   1058 P  P     . U   C 3 7  ? 3.457   -13.696 1.216   1.00 74.28  ? 37  U   C P     1 
ATOM   1059 O  OP1   . U   C 3 7  ? 2.490   -14.653 1.832   1.00 71.36  ? 37  U   C OP1   1 
ATOM   1060 O  OP2   . U   C 3 7  ? 4.475   -14.184 0.266   1.00 74.76  ? 37  U   C OP2   1 
ATOM   1061 O  "O5'" . U   C 3 7  ? 2.568   -12.558 0.561   1.00 75.00  ? 37  U   C "O5'" 1 
ATOM   1062 C  "C5'" . U   C 3 7  ? 1.475   -12.925 -0.246  1.00 79.12  ? 37  U   C "C5'" 1 
ATOM   1063 C  "C4'" . U   C 3 7  ? 0.329   -11.982 -0.052  1.00 81.11  ? 37  U   C "C4'" 1 
ATOM   1064 O  "O4'" . U   C 3 7  ? -0.106  -12.016 1.335   1.00 83.05  ? 37  U   C "O4'" 1 
ATOM   1065 C  "C3'" . U   C 3 7  ? 0.780   -10.549 -0.313  1.00 80.67  ? 37  U   C "C3'" 1 
ATOM   1066 O  "O3'" . U   C 3 7  ? -0.119  -9.933  -1.196  1.00 79.50  ? 37  U   C "O3'" 1 
ATOM   1067 C  "C2'" . U   C 3 7  ? 1.006   -9.899  1.053   1.00 80.76  ? 37  U   C "C2'" 1 
ATOM   1068 O  "O2'" . U   C 3 7  ? 0.446   -8.603  1.156   1.00 81.34  ? 37  U   C "O2'" 1 
ATOM   1069 C  "C1'" . U   C 3 7  ? 0.121   -10.762 1.939   1.00 82.55  ? 37  U   C "C1'" 1 
ATOM   1070 N  N1    . U   C 3 7  ? 0.525   -10.904 3.338   1.00 82.69  ? 37  U   C N1    1 
ATOM   1071 C  C2    . U   C 3 7  ? -0.185  -10.151 4.253   1.00 83.12  ? 37  U   C C2    1 
ATOM   1072 O  O2    . U   C 3 7  ? -1.141  -9.460  3.935   1.00 83.77  ? 37  U   C O2    1 
ATOM   1073 N  N3    . U   C 3 7  ? 0.258   -10.238 5.548   1.00 84.57  ? 37  U   C N3    1 
ATOM   1074 C  C4    . U   C 3 7  ? 1.315   -10.999 6.013   1.00 85.33  ? 37  U   C C4    1 
ATOM   1075 O  O4    . U   C 3 7  ? 1.653   -10.914 7.203   1.00 86.46  ? 37  U   C O4    1 
ATOM   1076 C  C5    . U   C 3 7  ? 1.974   -11.780 5.001   1.00 84.75  ? 37  U   C C5    1 
ATOM   1077 C  C6    . U   C 3 7  ? 1.561   -11.707 3.728   1.00 83.39  ? 37  U   C C6    1 
HETATM 1078 P  P     . N6G C 3 8  ? 0.336   -8.728  -2.137  1.00 72.47  ? 38  N6G C P     1 
HETATM 1079 O  OP1   . N6G C 3 8  ? -0.814  -7.806  -1.954  1.00 74.94  ? 38  N6G C OP1   1 
HETATM 1080 O  OP2   . N6G C 3 8  ? 0.646   -9.288  -3.467  1.00 73.39  ? 38  N6G C OP2   1 
HETATM 1081 O  "O5'" . N6G C 3 8  ? 1.646   -8.049  -1.539  1.00 74.52  ? 38  N6G C "O5'" 1 
HETATM 1082 C  "C5'" . N6G C 3 8  ? 1.743   -6.615  -1.543  1.00 71.90  ? 38  N6G C "C5'" 1 
HETATM 1083 C  "C4'" . N6G C 3 8  ? 3.157   -6.137  -1.302  1.00 71.39  ? 38  N6G C "C4'" 1 
HETATM 1084 O  "O4'" . N6G C 3 8  ? 3.070   -4.736  -0.943  1.00 67.95  ? 38  N6G C "O4'" 1 
HETATM 1085 C  "C1'" . N6G C 3 8  ? 3.432   -4.567  0.394   1.00 66.94  ? 38  N6G C "C1'" 1 
HETATM 1086 N  N9    . N6G C 3 8  ? 2.602   -3.548  1.005   1.00 67.19  ? 38  N6G C N9    1 
HETATM 1087 C  C4    . N6G C 3 8  ? 1.252   -3.589  1.205   1.00 68.72  ? 38  N6G C C4    1 
HETATM 1088 N  N3    . N6G C 3 8  ? 0.403   -4.567  0.836   1.00 72.08  ? 38  N6G C N3    1 
HETATM 1089 C  C2    . N6G C 3 8  ? -0.839  -4.293  1.230   1.00 73.38  ? 38  N6G C C2    1 
HETATM 1090 N  N2    . N6G C 3 8  ? -1.751  -5.221  0.928   1.00 75.27  ? 38  N6G C N2    1 
HETATM 1091 N  N1    . N6G C 3 8  ? -1.291  -3.197  1.914   1.00 72.70  ? 38  N6G C N1    1 
HETATM 1092 C  C6    . N6G C 3 8  ? -0.393  -2.239  2.267   1.00 71.11  ? 38  N6G C C6    1 
HETATM 1093 N  N6    . N6G C 3 8  ? -0.816  -1.171  2.954   1.00 70.98  ? 38  N6G C N6    1 
HETATM 1094 C  C5    . N6G C 3 8  ? 0.945   -2.429  1.896   1.00 69.46  ? 38  N6G C C5    1 
HETATM 1095 N  N7    . N6G C 3 8  ? 2.085   -1.665  2.101   1.00 66.79  ? 38  N6G C N7    1 
HETATM 1096 C  C8    . N6G C 3 8  ? 3.032   -2.363  1.539   1.00 65.85  ? 38  N6G C C8    1 
HETATM 1097 C  "C2'" . N6G C 3 8  ? 3.511   -5.923  1.083   1.00 70.38  ? 38  N6G C "C2'" 1 
HETATM 1098 O  "O2'" . N6G C 3 8  ? 4.591   -5.842  1.993   1.00 70.58  ? 38  N6G C "O2'" 1 
HETATM 1099 C  "C3'" . N6G C 3 8  ? 3.771   -6.849  -0.098  1.00 72.52  ? 38  N6G C "C3'" 1 
HETATM 1100 O  "O3'" . N6G C 3 8  ? 5.195   -7.002  -0.179  1.00 77.72  ? 38  N6G C "O3'" 1 
ATOM   1101 P  P     . C   C 3 9  ? 5.908   -7.985  -1.249  1.00 75.11  ? 39  C   C P     1 
ATOM   1102 O  OP1   . C   C 3 9  ? 5.999   -9.369  -0.812  1.00 76.01  ? 39  C   C OP1   1 
ATOM   1103 O  OP2   . C   C 3 9  ? 7.154   -7.221  -1.526  1.00 79.18  ? 39  C   C OP2   1 
ATOM   1104 O  "O5'" . C   C 3 9  ? 5.111   -7.860  -2.615  1.00 77.49  ? 39  C   C "O5'" 1 
ATOM   1105 C  "C5'" . C   C 3 9  ? 5.832   -7.358  -3.724  1.00 78.56  ? 39  C   C "C5'" 1 
ATOM   1106 C  "C4'" . C   C 3 9  ? 5.403   -7.981  -5.008  1.00 79.20  ? 39  C   C "C4'" 1 
ATOM   1107 O  "O4'" . C   C 3 9  ? 5.600   -9.412  -4.924  1.00 80.37  ? 39  C   C "O4'" 1 
ATOM   1108 C  "C3'" . C   C 3 9  ? 3.901   -7.752  -5.184  1.00 79.77  ? 39  C   C "C3'" 1 
ATOM   1109 O  "O3'" . C   C 3 9  ? 3.513   -7.540  -6.539  1.00 78.81  ? 39  C   C "O3'" 1 
ATOM   1110 C  "C2'" . C   C 3 9  ? 3.247   -9.037  -4.711  1.00 79.64  ? 39  C   C "C2'" 1 
ATOM   1111 O  "O2'" . C   C 3 9  ? 2.183   -9.418  -5.544  1.00 81.27  ? 39  C   C "O2'" 1 
ATOM   1112 C  "C1'" . C   C 3 9  ? 4.352   -10.033 -5.010  1.00 82.61  ? 39  C   C "C1'" 1 
ATOM   1113 N  N1    . C   C 3 9  ? 4.311   -11.301 -4.315  1.00 86.23  ? 39  C   C N1    1 
ATOM   1114 C  C2    . C   C 3 9  ? 4.011   -12.438 -5.077  1.00 88.46  ? 39  C   C C2    1 
ATOM   1115 O  O2    . C   C 3 9  ? 3.922   -12.329 -6.315  1.00 89.62  ? 39  C   C O2    1 
ATOM   1116 N  N3    . C   C 3 9  ? 3.833   -13.614 -4.460  1.00 90.20  ? 39  C   C N3    1 
ATOM   1117 C  C4    . C   C 3 9  ? 3.965   -13.692 -3.137  1.00 90.12  ? 39  C   C C4    1 
ATOM   1118 N  N4    . C   C 3 9  ? 3.727   -14.873 -2.568  1.00 91.86  ? 39  C   C N4    1 
ATOM   1119 C  C5    . C   C 3 9  ? 4.334   -12.559 -2.340  1.00 88.54  ? 39  C   C C5    1 
ATOM   1120 C  C6    . C   C 3 9  ? 4.500   -11.395 -2.969  1.00 86.77  ? 39  C   C C6    1 
ATOM   1121 P  P     . A   C 3 10 ? 3.420   -6.073  -7.159  1.00 77.20  ? 40  A   C P     1 
ATOM   1122 O  OP1   . A   C 3 10 ? 2.648   -6.253  -8.406  1.00 78.86  ? 40  A   C OP1   1 
ATOM   1123 O  OP2   . A   C 3 10 ? 4.775   -5.457  -7.211  1.00 78.82  ? 40  A   C OP2   1 
ATOM   1124 O  "O5'" . A   C 3 10 ? 2.510   -5.285  -6.137  1.00 73.66  ? 40  A   C "O5'" 1 
ATOM   1125 C  "C5'" . A   C 3 10 ? 1.155   -5.632  -5.963  1.00 70.14  ? 40  A   C "C5'" 1 
ATOM   1126 C  "C4'" . A   C 3 10 ? 0.545   -4.664  -5.005  1.00 70.36  ? 40  A   C "C4'" 1 
ATOM   1127 O  "O4'" . A   C 3 10 ? 1.319   -4.728  -3.787  1.00 68.52  ? 40  A   C "O4'" 1 
ATOM   1128 C  "C3'" . A   C 3 10 ? 0.679   -3.216  -5.434  1.00 70.35  ? 40  A   C "C3'" 1 
ATOM   1129 O  "O3'" . A   C 3 10 ? -0.404  -2.820  -6.241  1.00 70.18  ? 40  A   C "O3'" 1 
ATOM   1130 C  "C2'" . A   C 3 10 ? 0.629   -2.479  -4.111  1.00 69.70  ? 40  A   C "C2'" 1 
ATOM   1131 O  "O2'" . A   C 3 10 ? -0.684  -2.316  -3.623  1.00 71.10  ? 40  A   C "O2'" 1 
ATOM   1132 C  "C1'" . A   C 3 10 ? 1.418   -3.436  -3.222  1.00 66.82  ? 40  A   C "C1'" 1 
ATOM   1133 N  N9    . A   C 3 10 ? 2.831   -3.086  -3.180  1.00 63.28  ? 40  A   C N9    1 
ATOM   1134 C  C8    . A   C 3 10 ? 3.877   -3.673  -3.841  1.00 61.33  ? 40  A   C C8    1 
ATOM   1135 N  N7    . A   C 3 10 ? 5.038   -3.128  -3.576  1.00 61.31  ? 40  A   C N7    1 
ATOM   1136 C  C5    . A   C 3 10 ? 4.731   -2.112  -2.681  1.00 59.50  ? 40  A   C C5    1 
ATOM   1137 C  C6    . A   C 3 10 ? 5.523   -1.165  -2.017  1.00 60.00  ? 40  A   C C6    1 
ATOM   1138 N  N6    . A   C 3 10 ? 6.849   -1.088  -2.157  1.00 60.13  ? 40  A   C N6    1 
ATOM   1139 N  N1    . A   C 3 10 ? 4.903   -0.290  -1.195  1.00 57.99  ? 40  A   C N1    1 
ATOM   1140 C  C2    . A   C 3 10 ? 3.576   -0.372  -1.061  1.00 58.62  ? 40  A   C C2    1 
ATOM   1141 N  N3    . A   C 3 10 ? 2.722   -1.219  -1.630  1.00 59.84  ? 40  A   C N3    1 
ATOM   1142 C  C4    . A   C 3 10 ? 3.374   -2.072  -2.436  1.00 61.41  ? 40  A   C C4    1 
ATOM   1143 P  P     . U   C 3 11 ? -0.142  -1.826  -7.454  1.00 68.84  ? 41  U   C P     1 
ATOM   1144 O  OP1   . U   C 3 11 ? -1.409  -1.740  -8.223  1.00 71.63  ? 41  U   C OP1   1 
ATOM   1145 O  OP2   . U   C 3 11 ? 1.105   -2.294  -8.111  1.00 69.38  ? 41  U   C OP2   1 
ATOM   1146 O  "O5'" . U   C 3 11 ? 0.191   -0.432  -6.764  1.00 67.80  ? 41  U   C "O5'" 1 
ATOM   1147 C  "C5'" . U   C 3 11 ? -0.725  0.160   -5.869  1.00 66.01  ? 41  U   C "C5'" 1 
ATOM   1148 C  "C4'" . U   C 3 11 ? -0.108  1.364   -5.211  1.00 65.71  ? 41  U   C "C4'" 1 
ATOM   1149 O  "O4'" . U   C 3 11 ? 1.177   0.982   -4.654  1.00 66.08  ? 41  U   C "O4'" 1 
ATOM   1150 C  "C3'" . U   C 3 11 ? 0.196   2.456   -6.232  1.00 67.39  ? 41  U   C "C3'" 1 
ATOM   1151 O  "O3'" . U   C 3 11 ? -0.302  3.716   -5.780  1.00 69.21  ? 41  U   C "O3'" 1 
ATOM   1152 C  "C2'" . U   C 3 11 ? 1.679   2.321   -6.575  1.00 67.26  ? 41  U   C "C2'" 1 
ATOM   1153 O  "O2'" . U   C 3 11 ? 2.373   3.540   -6.674  1.00 73.37  ? 41  U   C "O2'" 1 
ATOM   1154 C  "C1'" . U   C 3 11 ? 2.209   1.663   -5.312  1.00 65.36  ? 41  U   C "C1'" 1 
ATOM   1155 N  N1    . U   C 3 11 ? 3.425   0.850   -5.391  1.00 65.97  ? 41  U   C N1    1 
ATOM   1156 C  C2    . U   C 3 11 ? 4.550   1.400   -4.808  1.00 65.38  ? 41  U   C C2    1 
ATOM   1157 O  O2    . U   C 3 11 ? 4.519   2.457   -4.195  1.00 62.81  ? 41  U   C O2    1 
ATOM   1158 N  N3    . U   C 3 11 ? 5.703   0.669   -4.957  1.00 66.14  ? 41  U   C N3    1 
ATOM   1159 C  C4    . U   C 3 11 ? 5.835   -0.547  -5.599  1.00 68.80  ? 41  U   C C4    1 
ATOM   1160 O  O4    . U   C 3 11 ? 6.957   -1.067  -5.692  1.00 69.16  ? 41  U   C O4    1 
ATOM   1161 C  C5    . U   C 3 11 ? 4.608   -1.072  -6.143  1.00 68.28  ? 41  U   C C5    1 
ATOM   1162 C  C6    . U   C 3 11 ? 3.472   -0.370  -6.021  1.00 66.97  ? 41  U   C C6    1 
ATOM   1163 P  P     . U   C 3 12 ? -0.169  5.030   -6.692  1.00 64.01  ? 42  U   C P     1 
ATOM   1164 O  OP1   . U   C 3 12 ? -1.554  5.386   -7.082  1.00 65.57  ? 42  U   C OP1   1 
ATOM   1165 O  OP2   . U   C 3 12 ? 0.854   4.810   -7.737  1.00 64.29  ? 42  U   C OP2   1 
ATOM   1166 O  "O5'" . U   C 3 12 ? 0.368   6.123   -5.671  1.00 61.42  ? 42  U   C "O5'" 1 
ATOM   1167 C  "C5'" . U   C 3 12 ? 0.569   7.468   -6.065  1.00 65.38  ? 42  U   C "C5'" 1 
ATOM   1168 C  "C4'" . U   C 3 12 ? 1.921   7.910   -5.608  1.00 68.29  ? 42  U   C "C4'" 1 
ATOM   1169 O  "O4'" . U   C 3 12 ? 2.063   7.573   -4.210  1.00 71.08  ? 42  U   C "O4'" 1 
ATOM   1170 C  "C3'" . U   C 3 12 ? 2.968   7.080   -6.342  1.00 70.01  ? 42  U   C "C3'" 1 
ATOM   1171 O  "O3'" . U   C 3 12 ? 4.101   7.899   -6.514  1.00 72.26  ? 42  U   C "O3'" 1 
ATOM   1172 C  "C2'" . U   C 3 12 ? 3.314   5.934   -5.408  1.00 70.24  ? 42  U   C "C2'" 1 
ATOM   1173 O  "O2'" . U   C 3 12 ? 4.679   5.612   -5.416  1.00 73.25  ? 42  U   C "O2'" 1 
ATOM   1174 C  "C1'" . U   C 3 12 ? 3.047   6.588   -4.066  1.00 71.11  ? 42  U   C "C1'" 1 
ATOM   1175 N  N1    . U   C 3 12 ? 2.780   5.738   -2.915  1.00 72.93  ? 42  U   C N1    1 
ATOM   1176 C  C2    . U   C 3 12 ? 3.722   5.778   -1.928  1.00 73.66  ? 42  U   C C2    1 
ATOM   1177 O  O2    . U   C 3 12 ? 4.705   6.487   -1.995  1.00 74.36  ? 42  U   C O2    1 
ATOM   1178 N  N3    . U   C 3 12 ? 3.477   4.969   -0.861  1.00 74.87  ? 42  U   C N3    1 
ATOM   1179 C  C4    . U   C 3 12 ? 2.393   4.149   -0.686  1.00 75.89  ? 42  U   C C4    1 
ATOM   1180 O  O4    . U   C 3 12 ? 2.297   3.492   0.348   1.00 77.09  ? 42  U   C O4    1 
ATOM   1181 C  C5    . U   C 3 12 ? 1.447   4.172   -1.762  1.00 75.91  ? 42  U   C C5    1 
ATOM   1182 C  C6    . U   C 3 12 ? 1.671   4.951   -2.815  1.00 74.77  ? 42  U   C C6    1 
ATOM   1183 P  P     . A   C 3 13 ? 4.691   8.193   -7.957  1.00 70.83  ? 43  A   C P     1 
ATOM   1184 O  OP1   . A   C 3 13 ? 3.695   9.026   -8.663  1.00 74.28  ? 43  A   C OP1   1 
ATOM   1185 O  OP2   . A   C 3 13 ? 5.136   6.909   -8.559  1.00 71.66  ? 43  A   C OP2   1 
ATOM   1186 O  "O5'" . A   C 3 13 ? 5.949   9.094   -7.575  1.00 70.39  ? 43  A   C "O5'" 1 
ATOM   1187 C  "C5'" . A   C 3 13 ? 5.791   10.201  -6.691  1.00 67.48  ? 43  A   C "C5'" 1 
ATOM   1188 C  "C4'" . A   C 3 13 ? 6.966   10.296  -5.753  1.00 70.98  ? 43  A   C "C4'" 1 
ATOM   1189 O  "O4'" . A   C 3 13 ? 6.997   9.135   -4.889  1.00 70.97  ? 43  A   C "O4'" 1 
ATOM   1190 C  "C3'" . A   C 3 13 ? 8.327   10.304  -6.412  1.00 74.04  ? 43  A   C "C3'" 1 
ATOM   1191 O  "O3'" . A   C 3 13 ? 8.657   11.615  -6.820  1.00 77.42  ? 43  A   C "O3'" 1 
ATOM   1192 C  "C2'" . A   C 3 13 ? 9.231   9.806   -5.293  1.00 74.16  ? 43  A   C "C2'" 1 
ATOM   1193 O  "O2'" . A   C 3 13 ? 9.509   10.814  -4.336  1.00 72.51  ? 43  A   C "O2'" 1 
ATOM   1194 C  "C1'" . A   C 3 13 ? 8.341   8.745   -4.651  1.00 71.78  ? 43  A   C "C1'" 1 
ATOM   1195 N  N9    . A   C 3 13 ? 8.510   7.407   -5.219  1.00 70.39  ? 43  A   C N9    1 
ATOM   1196 C  C8    . A   C 3 13 ? 7.502   6.650   -5.752  1.00 70.31  ? 43  A   C C8    1 
ATOM   1197 N  N7    . A   C 3 13 ? 7.887   5.475   -6.185  1.00 69.92  ? 43  A   C N7    1 
ATOM   1198 C  C5    . A   C 3 13 ? 9.247   5.454   -5.925  1.00 70.40  ? 43  A   C C5    1 
ATOM   1199 C  C6    . A   C 3 13 ? 10.234  4.474   -6.155  1.00 70.83  ? 43  A   C C6    1 
ATOM   1200 N  N6    . A   C 3 13 ? 9.986   3.281   -6.711  1.00 69.64  ? 43  A   C N6    1 
ATOM   1201 N  N1    . A   C 3 13 ? 11.500  4.764   -5.785  1.00 71.72  ? 43  A   C N1    1 
ATOM   1202 C  C2    . A   C 3 13 ? 11.746  5.958   -5.219  1.00 72.63  ? 43  A   C C2    1 
ATOM   1203 N  N3    . A   C 3 13 ? 10.900  6.960   -4.948  1.00 72.76  ? 43  A   C N3    1 
ATOM   1204 C  C4    . A   C 3 13 ? 9.650   6.641   -5.330  1.00 71.48  ? 43  A   C C4    1 
ATOM   1205 P  P     . C   C 3 14 ? 9.148   11.864  -8.320  1.00 77.24  ? 44  C   C P     1 
ATOM   1206 O  OP1   . C   C 3 14 ? 9.710   13.231  -8.350  1.00 78.50  ? 44  C   C OP1   1 
ATOM   1207 O  OP2   . C   C 3 14 ? 8.041   11.499  -9.240  1.00 75.42  ? 44  C   C OP2   1 
ATOM   1208 O  "O5'" . C   C 3 14 ? 10.326  10.810  -8.512  1.00 77.41  ? 44  C   C "O5'" 1 
ATOM   1209 C  "C5'" . C   C 3 14 ? 11.621  11.037  -7.960  1.00 79.47  ? 44  C   C "C5'" 1 
ATOM   1210 C  "C4'" . C   C 3 14 ? 12.546  9.918   -8.363  1.00 79.68  ? 44  C   C "C4'" 1 
ATOM   1211 O  "O4'" . C   C 3 14 ? 12.140  8.702   -7.698  1.00 80.21  ? 44  C   C "O4'" 1 
ATOM   1212 C  "C3'" . C   C 3 14 ? 12.507  9.571   -9.836  1.00 81.46  ? 44  C   C "C3'" 1 
ATOM   1213 O  "O3'" . C   C 3 14 ? 13.379  10.418  -10.552 1.00 83.01  ? 44  C   C "O3'" 1 
ATOM   1214 C  "C2'" . C   C 3 14 ? 12.962  8.119   -9.847  1.00 80.31  ? 44  C   C "C2'" 1 
ATOM   1215 O  "O2'" . C   C 3 14 ? 14.359  7.948   -9.763  1.00 81.21  ? 44  C   C "O2'" 1 
ATOM   1216 C  "C1'" . C   C 3 14 ? 12.305  7.600   -8.573  1.00 79.83  ? 44  C   C "C1'" 1 
ATOM   1217 N  N1    . C   C 3 14 ? 10.973  7.053   -8.830  1.00 80.19  ? 44  C   C N1    1 
ATOM   1218 C  C2    . C   C 3 14 ? 10.866  5.772   -9.360  1.00 80.46  ? 44  C   C C2    1 
ATOM   1219 O  O2    . C   C 3 14 ? 11.907  5.133   -9.607  1.00 80.58  ? 44  C   C O2    1 
ATOM   1220 N  N3    . C   C 3 14 ? 9.636   5.257   -9.590  1.00 80.35  ? 44  C   C N3    1 
ATOM   1221 C  C4    . C   C 3 14 ? 8.547   5.979   -9.308  1.00 79.49  ? 44  C   C C4    1 
ATOM   1222 N  N4    . C   C 3 14 ? 7.352   5.428   -9.543  1.00 79.65  ? 44  C   C N4    1 
ATOM   1223 C  C5    . C   C 3 14 ? 8.634   7.294   -8.772  1.00 79.03  ? 44  C   C C5    1 
ATOM   1224 C  C6    . C   C 3 14 ? 9.853   7.788   -8.553  1.00 79.10  ? 44  C   C C6    1 
ATOM   1225 P  P     . C   C 3 15 ? 13.086  10.725  -12.093 1.00 84.71  ? 45  C   C P     1 
ATOM   1226 O  OP1   . C   C 3 15 ? 14.139  11.673  -12.520 1.00 88.01  ? 45  C   C OP1   1 
ATOM   1227 O  OP2   . C   C 3 15 ? 11.657  11.082  -12.269 1.00 83.69  ? 45  C   C OP2   1 
ATOM   1228 O  "O5'" . C   C 3 15 ? 13.340  9.330   -12.811 1.00 81.25  ? 45  C   C "O5'" 1 
ATOM   1229 C  "C5'" . C   C 3 15 ? 14.651  8.818   -12.916 1.00 81.56  ? 45  C   C "C5'" 1 
ATOM   1230 C  "C4'" . C   C 3 15 ? 14.637  7.544   -13.703 1.00 83.54  ? 45  C   C "C4'" 1 
ATOM   1231 O  "O4'" . C   C 3 15 ? 13.912  6.542   -12.951 1.00 83.02  ? 45  C   C "O4'" 1 
ATOM   1232 C  "C3'" . C   C 3 15 ? 13.860  7.636   -15.003 1.00 84.81  ? 45  C   C "C3'" 1 
ATOM   1233 O  "O3'" . C   C 3 15 ? 14.641  8.179   -16.046 1.00 89.72  ? 45  C   C "O3'" 1 
ATOM   1234 C  "C2'" . C   C 3 15 ? 13.487  6.185   -15.268 1.00 84.47  ? 45  C   C "C2'" 1 
ATOM   1235 O  "O2'" . C   C 3 15 ? 14.495  5.399   -15.869 1.00 82.55  ? 45  C   C "O2'" 1 
ATOM   1236 C  "C1'" . C   C 3 15 ? 13.217  5.692   -13.851 1.00 83.06  ? 45  C   C "C1'" 1 
ATOM   1237 N  N1    . C   C 3 15 ? 11.788  5.743   -13.552 1.00 80.44  ? 45  C   C N1    1 
ATOM   1238 C  C2    . C   C 3 15 ? 10.999  4.668   -13.957 1.00 79.62  ? 45  C   C C2    1 
ATOM   1239 O  O2    . C   C 3 15 ? 11.540  3.705   -14.536 1.00 79.28  ? 45  C   C O2    1 
ATOM   1240 N  N3    . C   C 3 15 ? 9.674   4.699   -13.710 1.00 78.96  ? 45  C   C N3    1 
ATOM   1241 C  C4    . C   C 3 15 ? 9.138   5.747   -13.078 1.00 78.08  ? 45  C   C C4    1 
ATOM   1242 N  N4    . C   C 3 15 ? 7.824   5.734   -12.853 1.00 77.58  ? 45  C   C N4    1 
ATOM   1243 C  C5    . C   C 3 15 ? 9.925   6.855   -12.648 1.00 77.35  ? 45  C   C C5    1 
ATOM   1244 C  C6    . C   C 3 15 ? 11.235  6.812   -12.904 1.00 78.65  ? 45  C   C C6    1 
ATOM   1245 P  P     . U   C 3 16 ? 13.916  8.732   -17.361 1.00 89.74  ? 46  U   C P     1 
ATOM   1246 O  OP1   . U   C 3 16 ? 14.994  9.211   -18.257 1.00 94.12  ? 46  U   C OP1   1 
ATOM   1247 O  OP2   . U   C 3 16 ? 12.832  9.661   -16.937 1.00 89.86  ? 46  U   C OP2   1 
ATOM   1248 O  "O5'" . U   C 3 16 ? 13.302  7.424   -18.019 1.00 86.95  ? 46  U   C "O5'" 1 
ATOM   1249 C  "C5'" . U   C 3 16 ? 14.173  6.450   -18.561 1.00 86.00  ? 46  U   C "C5'" 1 
ATOM   1250 C  "C4'" . U   C 3 16 ? 13.397  5.411   -19.316 1.00 87.11  ? 46  U   C "C4'" 1 
ATOM   1251 O  "O4'" . U   C 3 16 ? 12.612  4.637   -18.376 1.00 86.81  ? 46  U   C "O4'" 1 
ATOM   1252 C  "C3'" . U   C 3 16 ? 12.375  5.940   -20.307 1.00 88.06  ? 46  U   C "C3'" 1 
ATOM   1253 O  "O3'" . U   C 3 16 ? 12.952  6.269   -21.557 1.00 89.53  ? 46  U   C "O3'" 1 
ATOM   1254 C  "C2'" . U   C 3 16 ? 11.415  4.767   -20.421 1.00 87.58  ? 46  U   C "C2'" 1 
ATOM   1255 O  "O2'" . U   C 3 16 ? 11.887  3.736   -21.263 1.00 86.68  ? 46  U   C "O2'" 1 
ATOM   1256 C  "C1'" . U   C 3 16 ? 11.376  4.280   -18.974 1.00 85.41  ? 46  U   C "C1'" 1 
ATOM   1257 N  N1    . U   C 3 16 ? 10.298  4.959   -18.248 1.00 81.80  ? 46  U   C N1    1 
ATOM   1258 C  C2    . U   C 3 16 ? 9.023   4.458   -18.406 1.00 80.12  ? 46  U   C C2    1 
ATOM   1259 O  O2    . U   C 3 16 ? 8.776   3.468   -19.084 1.00 78.98  ? 46  U   C O2    1 
ATOM   1260 N  N3    . U   C 3 16 ? 8.048   5.154   -17.743 1.00 79.88  ? 46  U   C N3    1 
ATOM   1261 C  C4    . U   C 3 16 ? 8.217   6.280   -16.955 1.00 80.09  ? 46  U   C C4    1 
ATOM   1262 O  O4    . U   C 3 16 ? 7.225   6.838   -16.469 1.00 79.36  ? 46  U   C O4    1 
ATOM   1263 C  C5    . U   C 3 16 ? 9.572   6.722   -16.831 1.00 78.63  ? 46  U   C C5    1 
ATOM   1264 C  C6    . U   C 3 16 ? 10.541  6.063   -17.462 1.00 79.35  ? 46  U   C C6    1 
ATOM   1265 P  P     . G   C 3 17 ? 12.162  7.237   -22.567 1.00 89.13  ? 47  G   C P     1 
ATOM   1266 O  OP1   . G   C 3 17 ? 13.057  7.476   -23.724 1.00 92.89  ? 47  G   C OP1   1 
ATOM   1267 O  OP2   . G   C 3 17 ? 11.626  8.393   -21.799 1.00 87.89  ? 47  G   C OP2   1 
ATOM   1268 O  "O5'" . G   C 3 17 ? 10.952  6.344   -23.080 1.00 85.57  ? 47  G   C "O5'" 1 
ATOM   1269 C  "C5'" . G   C 3 17 ? 11.186  5.225   -23.922 1.00 85.31  ? 47  G   C "C5'" 1 
ATOM   1270 C  "C4'" . G   C 3 17 ? 9.876   4.616   -24.330 1.00 85.85  ? 47  G   C "C4'" 1 
ATOM   1271 O  "O4'" . G   C 3 17 ? 9.215   4.099   -23.147 1.00 86.03  ? 47  G   C "O4'" 1 
ATOM   1272 C  "C3'" . G   C 3 17 ? 8.872   5.588   -24.920 1.00 85.79  ? 47  G   C "C3'" 1 
ATOM   1273 O  "O3'" . G   C 3 17 ? 9.092   5.793   -26.303 1.00 85.83  ? 47  G   C "O3'" 1 
ATOM   1274 C  "C2'" . G   C 3 17 ? 7.552   4.887   -24.642 1.00 85.28  ? 47  G   C "C2'" 1 
ATOM   1275 O  "O2'" . G   C 3 17 ? 7.282   3.848   -25.563 1.00 81.60  ? 47  G   C "O2'" 1 
ATOM   1276 C  "C1'" . G   C 3 17 ? 7.816   4.305   -23.251 1.00 84.07  ? 47  G   C "C1'" 1 
ATOM   1277 N  N9    . G   C 3 17 ? 7.418   5.219   -22.180 1.00 81.53  ? 47  G   C N9    1 
ATOM   1278 C  C8    . G   C 3 17 ? 8.230   6.074   -21.466 1.00 80.24  ? 47  G   C C8    1 
ATOM   1279 N  N7    . G   C 3 17 ? 7.579   6.784   -20.586 1.00 79.42  ? 47  G   C N7    1 
ATOM   1280 C  C5    . G   C 3 17 ? 6.257   6.371   -20.722 1.00 79.94  ? 47  G   C C5    1 
ATOM   1281 C  C6    . G   C 3 17 ? 5.078   6.790   -20.037 1.00 80.39  ? 47  G   C C6    1 
ATOM   1282 O  O6    . G   C 3 17 ? 4.963   7.641   -19.138 1.00 82.34  ? 47  G   C O6    1 
ATOM   1283 N  N1    . G   C 3 17 ? 3.955   6.107   -20.495 1.00 77.92  ? 47  G   C N1    1 
ATOM   1284 C  C2    . G   C 3 17 ? 3.958   5.149   -21.477 1.00 77.28  ? 47  G   C C2    1 
ATOM   1285 N  N2    . G   C 3 17 ? 2.778   4.602   -21.776 1.00 77.58  ? 47  G   C N2    1 
ATOM   1286 N  N3    . G   C 3 17 ? 5.041   4.753   -22.121 1.00 77.55  ? 47  G   C N3    1 
ATOM   1287 C  C4    . G   C 3 17 ? 6.146   5.400   -21.698 1.00 79.28  ? 47  G   C C4    1 
ATOM   1288 P  P     . C   C 3 18 ? 8.384   7.028   -27.041 1.00 85.75  ? 48  C   C P     1 
ATOM   1289 O  OP1   . C   C 3 18 ? 8.732   6.915   -28.477 1.00 87.58  ? 48  C   C OP1   1 
ATOM   1290 O  OP2   . C   C 3 18 ? 8.662   8.294   -26.310 1.00 84.10  ? 48  C   C OP2   1 
ATOM   1291 O  "O5'" . C   C 3 18 ? 6.840   6.699   -26.890 1.00 83.51  ? 48  C   C "O5'" 1 
ATOM   1292 C  "C5'" . C   C 3 18 ? 6.273   5.615   -27.600 1.00 81.50  ? 48  C   C "C5'" 1 
ATOM   1293 C  "C4'" . C   C 3 18 ? 4.778   5.684   -27.525 1.00 80.93  ? 48  C   C "C4'" 1 
ATOM   1294 O  "O4'" . C   C 3 18 ? 4.357   5.344   -26.183 1.00 83.15  ? 48  C   C "O4'" 1 
ATOM   1295 C  "C3'" . C   C 3 18 ? 4.191   7.060   -27.763 1.00 80.35  ? 48  C   C "C3'" 1 
ATOM   1296 O  "O3'" . C   C 3 18 ? 4.039   7.332   -29.139 1.00 80.44  ? 48  C   C "O3'" 1 
ATOM   1297 C  "C2'" . C   C 3 18 ? 2.853   6.954   -27.054 1.00 81.64  ? 48  C   C "C2'" 1 
ATOM   1298 O  "O2'" . C   C 3 18 ? 1.895   6.246   -27.807 1.00 79.38  ? 48  C   C "O2'" 1 
ATOM   1299 C  "C1'" . C   C 3 18 ? 3.241   6.139   -25.823 1.00 82.79  ? 48  C   C "C1'" 1 
ATOM   1300 N  N1    . C   C 3 18 ? 3.653   7.038   -24.737 1.00 83.70  ? 48  C   C N1    1 
ATOM   1301 C  C2    . C   C 3 18 ? 2.662   7.652   -23.974 1.00 83.51  ? 48  C   C C2    1 
ATOM   1302 O  O2    . C   C 3 18 ? 1.476   7.401   -24.231 1.00 86.03  ? 48  C   C O2    1 
ATOM   1303 N  N3    . C   C 3 18 ? 3.017   8.498   -22.980 1.00 82.35  ? 48  C   C N3    1 
ATOM   1304 C  C4    . C   C 3 18 ? 4.303   8.740   -22.742 1.00 82.27  ? 48  C   C C4    1 
ATOM   1305 N  N4    . C   C 3 18 ? 4.602   9.585   -21.757 1.00 82.02  ? 48  C   C N4    1 
ATOM   1306 C  C5    . C   C 3 18 ? 5.341   8.124   -23.505 1.00 83.44  ? 48  C   C C5    1 
ATOM   1307 C  C6    . C   C 3 18 ? 4.973   7.285   -24.483 1.00 83.56  ? 48  C   C C6    1 
ATOM   1308 P  P     . C   C 3 19 ? 3.975   8.853   -29.639 1.00 82.66  ? 49  C   C P     1 
ATOM   1309 O  OP1   . C   C 3 19 ? 3.890   8.799   -31.115 1.00 82.19  ? 49  C   C OP1   1 
ATOM   1310 O  OP2   . C   C 3 19 ? 5.068   9.634   -28.981 1.00 78.97  ? 49  C   C OP2   1 
ATOM   1311 O  "O5'" . C   C 3 19 ? 2.572   9.373   -29.098 1.00 81.84  ? 49  C   C "O5'" 1 
ATOM   1312 C  "C5'" . C   C 3 19 ? 1.364   8.728   -29.485 1.00 80.46  ? 49  C   C "C5'" 1 
ATOM   1313 C  "C4'" . C   C 3 19 ? 0.196   9.302   -28.720 1.00 81.00  ? 49  C   C "C4'" 1 
ATOM   1314 O  "O4'" . C   C 3 19 ? 0.327   8.950   -27.319 1.00 80.86  ? 49  C   C "O4'" 1 
ATOM   1315 C  "C3'" . C   C 3 19 ? 0.086   10.818  -28.707 1.00 79.13  ? 49  C   C "C3'" 1 
ATOM   1316 O  "O3'" . C   C 3 19 ? -0.437  11.429  -29.877 1.00 84.00  ? 49  C   C "O3'" 1 
ATOM   1317 C  "C2'" . C   C 3 19 ? -0.745  11.054  -27.460 1.00 79.17  ? 49  C   C "C2'" 1 
ATOM   1318 O  "O2'" . C   C 3 19 ? -2.091  10.686  -27.668 1.00 75.76  ? 49  C   C "O2'" 1 
ATOM   1319 C  "C1'" . C   C 3 19 ? -0.145  10.016  -26.517 1.00 80.37  ? 49  C   C "C1'" 1 
ATOM   1320 N  N1    . C   C 3 19 ? 0.985   10.568  -25.756 1.00 81.19  ? 49  C   C N1    1 
ATOM   1321 C  C2    . C   C 3 19 ? 0.721   11.210  -24.555 1.00 80.92  ? 49  C   C C2    1 
ATOM   1322 O  O2    . C   C 3 19 ? -0.445  11.270  -24.157 1.00 83.29  ? 49  C   C O2    1 
ATOM   1323 N  N3    . C   C 3 19 ? 1.737   11.744  -23.851 1.00 80.25  ? 49  C   C N3    1 
ATOM   1324 C  C4    . C   C 3 19 ? 2.981   11.636  -24.299 1.00 79.93  ? 49  C   C C4    1 
ATOM   1325 N  N4    . C   C 3 19 ? 3.951   12.168  -23.564 1.00 80.17  ? 49  C   C N4    1 
ATOM   1326 C  C5    . C   C 3 19 ? 3.286   10.977  -25.521 1.00 80.88  ? 49  C   C C5    1 
ATOM   1327 C  C6    . C   C 3 19 ? 2.266   10.462  -26.214 1.00 81.09  ? 49  C   C C6    1 
HETATM 1328 CO CO    . NCO D 4 .  ? 3.108   -3.577  -11.084 1.00 91.22  ? 101 NCO B CO    1 
HETATM 1329 N  N1    . NCO D 4 .  ? 2.241   -5.367  -10.695 1.00 90.06  ? 101 NCO B N1    1 
HETATM 1330 N  N2    . NCO D 4 .  ? 4.798   -4.580  -11.471 1.00 89.42  ? 101 NCO B N2    1 
HETATM 1331 N  N3    . NCO D 4 .  ? 2.427   -3.503  -12.947 1.00 89.59  ? 101 NCO B N3    1 
HETATM 1332 N  N4    . NCO D 4 .  ? 3.831   -3.463  -9.264  1.00 90.45  ? 101 NCO B N4    1 
HETATM 1333 N  N5    . NCO D 4 .  ? 3.980   -1.866  -11.421 1.00 90.77  ? 101 NCO B N5    1 
HETATM 1334 N  N6    . NCO D 4 .  ? 1.387   -2.644  -10.593 1.00 90.58  ? 101 NCO B N6    1 
HETATM 1335 CO CO    . NCO E 4 .  ? -2.007  12.219  5.078   1.00 158.89 ? 102 NCO B CO    1 
HETATM 1336 N  N1    . NCO E 4 .  ? -3.623  12.167  3.838   1.00 155.75 ? 102 NCO B N1    1 
HETATM 1337 N  N2    . NCO E 4 .  ? -2.920  13.727  6.050   1.00 156.42 ? 102 NCO B N2    1 
HETATM 1338 N  N3    . NCO E 4 .  ? -2.693  10.763  6.263   1.00 156.38 ? 102 NCO B N3    1 
HETATM 1339 N  N4    . NCO E 4 .  ? -1.162  13.616  3.983   1.00 155.48 ? 102 NCO B N4    1 
HETATM 1340 N  N5    . NCO E 4 .  ? -0.404  12.291  6.212   1.00 156.07 ? 102 NCO B N5    1 
HETATM 1341 N  N6    . NCO E 4 .  ? -1.137  10.754  4.017   1.00 156.57 ? 102 NCO B N6    1 
HETATM 1342 O  O     . HOH F 5 .  ? -6.983  13.071  3.911   1.00 62.86  ? 14  HOH A O     1 
HETATM 1343 O  O     . HOH G 5 .  ? 2.150   -16.983 -3.905  1.00 83.30  ? 50  HOH C O     1 
HETATM 1344 O  O     . HOH G 5 .  ? 4.989   -12.697 7.865   1.00 54.23  ? 51  HOH C O     1 
# 
loop_
_pdbx_poly_seq_scheme.asym_id 
_pdbx_poly_seq_scheme.entity_id 
_pdbx_poly_seq_scheme.seq_id 
_pdbx_poly_seq_scheme.mon_id 
_pdbx_poly_seq_scheme.ndb_seq_num 
_pdbx_poly_seq_scheme.pdb_seq_num 
_pdbx_poly_seq_scheme.auth_seq_num 
_pdbx_poly_seq_scheme.pdb_mon_id 
_pdbx_poly_seq_scheme.auth_mon_id 
_pdbx_poly_seq_scheme.pdb_strand_id 
_pdbx_poly_seq_scheme.pdb_ins_code 
_pdbx_poly_seq_scheme.hetero 
A 1 1  U   1  1  1  U   U   A . n 
A 1 2  C   2  2  2  C   C   A . n 
A 1 3  C   3  3  3  C   C   A . n 
A 1 4  C   4  4  4  C   C   A . n 
A 1 5  A   5  5  5  A   A   A . n 
A 1 6  G   6  6  6  G   G   A . n 
A 1 7  U   7  7  7  U   U   A . n 
A 1 8  C   8  8  8  C   C   A . n 
A 1 9  C   9  9  9  C   C   A . n 
A 1 10 A   10 10 10 A   A   A . n 
A 1 11 C   11 11 11 C   C   A . n 
A 1 12 C   12 12 12 C   C   A . n 
A 1 13 G   13 13 13 G   G   A . n 
B 2 1  C   1  2  2  C   C   B . n 
B 2 2  G   2  3  3  G   G   B . n 
B 2 3  G   3  4  4  G   G   B . n 
B 2 4  U   4  5  5  U   U   B . n 
B 2 5  G   5  6  6  G   G   B . n 
B 2 6  A   6  7  7  A   A   B . n 
B 2 7  G   7  8  8  G   G   B . n 
B 2 8  A   8  9  9  A   A   B . n 
B 2 9  A   9  10 10 A   A   B . n 
B 2 10 G   10 11 11 G   G   B . n 
B 2 11 G   11 12 12 G   G   B . n 
B 2 12 G   12 13 13 G   G   B . n 
B 2 13 S9L 13 14 14 S9L S9L B . n 
B 2 14 G   14 15 15 G   G   B . n 
B 2 15 G   15 16 16 G   G   B . n 
B 2 16 C   16 17 17 C   C   B . n 
B 2 17 A   17 18 18 A   A   B . n 
B 2 18 G   18 19 19 G   G   B . n 
B 2 19 A   19 20 20 A   A   B . n 
B 2 20 G   20 21 21 G   G   B . n 
B 2 21 A   21 22 22 A   A   B . n 
B 2 22 A   22 23 23 A   A   B . n 
B 2 23 A   23 24 24 A   A   B . n 
B 2 24 C   24 25 25 C   C   B . n 
B 2 25 A   25 26 26 A   A   B . n 
B 2 26 C   26 27 27 C   C   B . n 
B 2 27 A   27 28 28 A   A   B . n 
B 2 28 C   28 29 29 C   C   B . n 
B 2 29 G   29 30 30 G   G   B . n 
B 2 30 A   30 31 31 A   A   B . n 
C 3 1  U   1  31 31 U   U   C . n 
C 3 2  C   2  32 32 C   C   C . n 
C 3 3  G   3  33 33 G   G   C . n 
C 3 4  U   4  34 34 U   U   C . n 
C 3 5  G   5  35 35 G   G   C . n 
C 3 6  G   6  36 36 G   G   C . n 
C 3 7  U   7  37 37 U   U   C . n 
C 3 8  N6G 8  38 38 N6G N6G C . n 
C 3 9  C   9  39 39 C   C   C . n 
C 3 10 A   10 40 40 A   A   C . n 
C 3 11 U   11 41 41 U   U   C . n 
C 3 12 U   12 42 42 U   U   C . n 
C 3 13 A   13 43 43 A   A   C . n 
C 3 14 C   14 44 44 C   C   C . n 
C 3 15 C   15 45 45 C   C   C . n 
C 3 16 U   16 46 46 U   U   C . n 
C 3 17 G   17 47 47 G   G   C . n 
C 3 18 C   18 48 48 C   C   C . n 
C 3 19 C   19 49 49 C   C   C . n 
# 
loop_
_pdbx_nonpoly_scheme.asym_id 
_pdbx_nonpoly_scheme.entity_id 
_pdbx_nonpoly_scheme.mon_id 
_pdbx_nonpoly_scheme.ndb_seq_num 
_pdbx_nonpoly_scheme.pdb_seq_num 
_pdbx_nonpoly_scheme.auth_seq_num 
_pdbx_nonpoly_scheme.pdb_mon_id 
_pdbx_nonpoly_scheme.auth_mon_id 
_pdbx_nonpoly_scheme.pdb_strand_id 
_pdbx_nonpoly_scheme.pdb_ins_code 
D 4 NCO 1 101 101 NCO NCO B . 
E 4 NCO 1 102 102 NCO NCO B . 
F 5 HOH 1 14  2   HOH HOH A . 
G 5 HOH 1 50  3   HOH HOH C . 
G 5 HOH 2 51  4   HOH HOH C . 
# 
_pdbx_struct_mod_residue.id               1 
_pdbx_struct_mod_residue.label_asym_id    C 
_pdbx_struct_mod_residue.label_comp_id    N6G 
_pdbx_struct_mod_residue.label_seq_id     8 
_pdbx_struct_mod_residue.auth_asym_id     C 
_pdbx_struct_mod_residue.auth_comp_id     N6G 
_pdbx_struct_mod_residue.auth_seq_id      38 
_pdbx_struct_mod_residue.PDB_ins_code     ? 
_pdbx_struct_mod_residue.parent_comp_id   G 
_pdbx_struct_mod_residue.details          ? 
# 
_pdbx_struct_assembly.id                   1 
_pdbx_struct_assembly.details              author_and_software_defined_assembly 
_pdbx_struct_assembly.method_details       PISA 
_pdbx_struct_assembly.oligomeric_details   trimeric 
_pdbx_struct_assembly.oligomeric_count     3 
# 
_pdbx_struct_assembly_gen.assembly_id       1 
_pdbx_struct_assembly_gen.oper_expression   1 
_pdbx_struct_assembly_gen.asym_id_list      A,B,C,D,E,F,G 
# 
loop_
_pdbx_struct_assembly_prop.biol_id 
_pdbx_struct_assembly_prop.type 
_pdbx_struct_assembly_prop.value 
_pdbx_struct_assembly_prop.details 
1 'ABSA (A^2)' 5840 ? 
1 MORE         -11  ? 
1 'SSA (A^2)'  9340 ? 
# 
_pdbx_struct_oper_list.id                   1 
_pdbx_struct_oper_list.type                 'identity operation' 
_pdbx_struct_oper_list.name                 1_555 
_pdbx_struct_oper_list.symmetry_operation   x,y,z 
_pdbx_struct_oper_list.matrix[1][1]         1.0000000000 
_pdbx_struct_oper_list.matrix[1][2]         0.0000000000 
_pdbx_struct_oper_list.matrix[1][3]         0.0000000000 
_pdbx_struct_oper_list.vector[1]            0.0000000000 
_pdbx_struct_oper_list.matrix[2][1]         0.0000000000 
_pdbx_struct_oper_list.matrix[2][2]         1.0000000000 
_pdbx_struct_oper_list.matrix[2][3]         0.0000000000 
_pdbx_struct_oper_list.vector[2]            0.0000000000 
_pdbx_struct_oper_list.matrix[3][1]         0.0000000000 
_pdbx_struct_oper_list.matrix[3][2]         0.0000000000 
_pdbx_struct_oper_list.matrix[3][3]         1.0000000000 
_pdbx_struct_oper_list.vector[3]            0.0000000000 
# 
loop_
_pdbx_audit_revision_history.ordinal 
_pdbx_audit_revision_history.data_content_type 
_pdbx_audit_revision_history.major_revision 
_pdbx_audit_revision_history.minor_revision 
_pdbx_audit_revision_history.revision_date 
1 'Structure model' 1 0 2008-08-12 
2 'Structure model' 1 1 2011-07-13 
3 'Structure model' 1 2 2017-10-25 
4 'Structure model' 1 3 2023-08-30 
# 
_pdbx_audit_revision_details.ordinal             1 
_pdbx_audit_revision_details.revision_ordinal    1 
_pdbx_audit_revision_details.data_content_type   'Structure model' 
_pdbx_audit_revision_details.provider            repository 
_pdbx_audit_revision_details.type                'Initial release' 
_pdbx_audit_revision_details.description         ? 
_pdbx_audit_revision_details.details             ? 
# 
loop_
_pdbx_audit_revision_group.ordinal 
_pdbx_audit_revision_group.revision_ordinal 
_pdbx_audit_revision_group.data_content_type 
_pdbx_audit_revision_group.group 
1 2 'Structure model' 'Version format compliance' 
2 3 'Structure model' 'Refinement description'    
3 4 'Structure model' 'Data collection'           
4 4 'Structure model' 'Database references'       
5 4 'Structure model' 'Derived calculations'      
6 4 'Structure model' 'Refinement description'    
# 
loop_
_pdbx_audit_revision_category.ordinal 
_pdbx_audit_revision_category.revision_ordinal 
_pdbx_audit_revision_category.data_content_type 
_pdbx_audit_revision_category.category 
1 3 'Structure model' software                      
2 4 'Structure model' chem_comp_atom                
3 4 'Structure model' chem_comp_bond                
4 4 'Structure model' database_2                    
5 4 'Structure model' pdbx_initial_refinement_model 
6 4 'Structure model' struct_conn                   
# 
loop_
_pdbx_audit_revision_item.ordinal 
_pdbx_audit_revision_item.revision_ordinal 
_pdbx_audit_revision_item.data_content_type 
_pdbx_audit_revision_item.item 
1 3 'Structure model' '_software.classification'            
2 3 'Structure model' '_software.name'                      
3 4 'Structure model' '_database_2.pdbx_DOI'                
4 4 'Structure model' '_database_2.pdbx_database_accession' 
5 4 'Structure model' '_struct_conn.pdbx_leaving_atom_flag' 
# 
loop_
_software.name 
_software.classification 
_software.version 
_software.citation_id 
_software.pdbx_ordinal 
Adxv         'data processing' . ? 1 
CNS          refinement        . ? 2 
CrystalClear 'data reduction'  . ? 3 
CrystalClear 'data scaling'    . ? 4 
CNS          phasing           . ? 5 
# 
loop_
_pdbx_validate_rmsd_angle.id 
_pdbx_validate_rmsd_angle.PDB_model_num 
_pdbx_validate_rmsd_angle.auth_atom_id_1 
_pdbx_validate_rmsd_angle.auth_asym_id_1 
_pdbx_validate_rmsd_angle.auth_comp_id_1 
_pdbx_validate_rmsd_angle.auth_seq_id_1 
_pdbx_validate_rmsd_angle.PDB_ins_code_1 
_pdbx_validate_rmsd_angle.label_alt_id_1 
_pdbx_validate_rmsd_angle.auth_atom_id_2 
_pdbx_validate_rmsd_angle.auth_asym_id_2 
_pdbx_validate_rmsd_angle.auth_comp_id_2 
_pdbx_validate_rmsd_angle.auth_seq_id_2 
_pdbx_validate_rmsd_angle.PDB_ins_code_2 
_pdbx_validate_rmsd_angle.label_alt_id_2 
_pdbx_validate_rmsd_angle.auth_atom_id_3 
_pdbx_validate_rmsd_angle.auth_asym_id_3 
_pdbx_validate_rmsd_angle.auth_comp_id_3 
_pdbx_validate_rmsd_angle.auth_seq_id_3 
_pdbx_validate_rmsd_angle.PDB_ins_code_3 
_pdbx_validate_rmsd_angle.label_alt_id_3 
_pdbx_validate_rmsd_angle.angle_value 
_pdbx_validate_rmsd_angle.angle_target_value 
_pdbx_validate_rmsd_angle.angle_deviation 
_pdbx_validate_rmsd_angle.angle_standard_deviation 
_pdbx_validate_rmsd_angle.linker_flag 
1 1 "O4'" B G 8  ? ? "C1'" B G 8  ? ? N9  B G 8  ? ? 113.70 108.50 5.20  0.70 N 
2 1 "O3'" B G 8  ? ? P     B A 9  ? ? OP2 B A 9  ? ? 122.11 110.50 11.61 1.10 Y 
3 1 "O4'" C C 39 ? ? "C1'" C C 39 ? ? N1  C C 39 ? ? 112.71 108.50 4.21  0.70 N 
# 
_pdbx_unobs_or_zero_occ_atoms.id               1 
_pdbx_unobs_or_zero_occ_atoms.PDB_model_num    1 
_pdbx_unobs_or_zero_occ_atoms.polymer_flag     Y 
_pdbx_unobs_or_zero_occ_atoms.occupancy_flag   1 
_pdbx_unobs_or_zero_occ_atoms.auth_asym_id     A 
_pdbx_unobs_or_zero_occ_atoms.auth_comp_id     A 
_pdbx_unobs_or_zero_occ_atoms.auth_seq_id      5 
_pdbx_unobs_or_zero_occ_atoms.PDB_ins_code     ? 
_pdbx_unobs_or_zero_occ_atoms.auth_atom_id     "O3'" 
_pdbx_unobs_or_zero_occ_atoms.label_alt_id     ? 
_pdbx_unobs_or_zero_occ_atoms.label_asym_id    A 
_pdbx_unobs_or_zero_occ_atoms.label_comp_id    A 
_pdbx_unobs_or_zero_occ_atoms.label_seq_id     5 
_pdbx_unobs_or_zero_occ_atoms.label_atom_id    "O3'" 
# 
loop_
_chem_comp_atom.comp_id 
_chem_comp_atom.atom_id 
_chem_comp_atom.type_symbol 
_chem_comp_atom.pdbx_aromatic_flag 
_chem_comp_atom.pdbx_stereo_config 
_chem_comp_atom.pdbx_ordinal 
A   OP3    O  N N 1   
A   P      P  N N 2   
A   OP1    O  N N 3   
A   OP2    O  N N 4   
A   "O5'"  O  N N 5   
A   "C5'"  C  N N 6   
A   "C4'"  C  N R 7   
A   "O4'"  O  N N 8   
A   "C3'"  C  N S 9   
A   "O3'"  O  N N 10  
A   "C2'"  C  N R 11  
A   "O2'"  O  N N 12  
A   "C1'"  C  N R 13  
A   N9     N  Y N 14  
A   C8     C  Y N 15  
A   N7     N  Y N 16  
A   C5     C  Y N 17  
A   C6     C  Y N 18  
A   N6     N  N N 19  
A   N1     N  Y N 20  
A   C2     C  Y N 21  
A   N3     N  Y N 22  
A   C4     C  Y N 23  
A   HOP3   H  N N 24  
A   HOP2   H  N N 25  
A   "H5'"  H  N N 26  
A   "H5''" H  N N 27  
A   "H4'"  H  N N 28  
A   "H3'"  H  N N 29  
A   "HO3'" H  N N 30  
A   "H2'"  H  N N 31  
A   "HO2'" H  N N 32  
A   "H1'"  H  N N 33  
A   H8     H  N N 34  
A   H61    H  N N 35  
A   H62    H  N N 36  
A   H2     H  N N 37  
C   OP3    O  N N 38  
C   P      P  N N 39  
C   OP1    O  N N 40  
C   OP2    O  N N 41  
C   "O5'"  O  N N 42  
C   "C5'"  C  N N 43  
C   "C4'"  C  N R 44  
C   "O4'"  O  N N 45  
C   "C3'"  C  N S 46  
C   "O3'"  O  N N 47  
C   "C2'"  C  N R 48  
C   "O2'"  O  N N 49  
C   "C1'"  C  N R 50  
C   N1     N  N N 51  
C   C2     C  N N 52  
C   O2     O  N N 53  
C   N3     N  N N 54  
C   C4     C  N N 55  
C   N4     N  N N 56  
C   C5     C  N N 57  
C   C6     C  N N 58  
C   HOP3   H  N N 59  
C   HOP2   H  N N 60  
C   "H5'"  H  N N 61  
C   "H5''" H  N N 62  
C   "H4'"  H  N N 63  
C   "H3'"  H  N N 64  
C   "HO3'" H  N N 65  
C   "H2'"  H  N N 66  
C   "HO2'" H  N N 67  
C   "H1'"  H  N N 68  
C   H41    H  N N 69  
C   H42    H  N N 70  
C   H5     H  N N 71  
C   H6     H  N N 72  
G   OP3    O  N N 73  
G   P      P  N N 74  
G   OP1    O  N N 75  
G   OP2    O  N N 76  
G   "O5'"  O  N N 77  
G   "C5'"  C  N N 78  
G   "C4'"  C  N R 79  
G   "O4'"  O  N N 80  
G   "C3'"  C  N S 81  
G   "O3'"  O  N N 82  
G   "C2'"  C  N R 83  
G   "O2'"  O  N N 84  
G   "C1'"  C  N R 85  
G   N9     N  Y N 86  
G   C8     C  Y N 87  
G   N7     N  Y N 88  
G   C5     C  Y N 89  
G   C6     C  N N 90  
G   O6     O  N N 91  
G   N1     N  N N 92  
G   C2     C  N N 93  
G   N2     N  N N 94  
G   N3     N  N N 95  
G   C4     C  Y N 96  
G   HOP3   H  N N 97  
G   HOP2   H  N N 98  
G   "H5'"  H  N N 99  
G   "H5''" H  N N 100 
G   "H4'"  H  N N 101 
G   "H3'"  H  N N 102 
G   "HO3'" H  N N 103 
G   "H2'"  H  N N 104 
G   "HO2'" H  N N 105 
G   "H1'"  H  N N 106 
G   H8     H  N N 107 
G   H1     H  N N 108 
G   H21    H  N N 109 
G   H22    H  N N 110 
HOH O      O  N N 111 
HOH H1     H  N N 112 
HOH H2     H  N N 113 
N6G P      P  N N 114 
N6G OP1    O  N N 115 
N6G OP2    O  N N 116 
N6G "O5'"  O  N N 117 
N6G "C5'"  C  N N 118 
N6G "C4'"  C  N R 119 
N6G "O4'"  O  N N 120 
N6G "C1'"  C  N R 121 
N6G N9     N  Y N 122 
N6G C4     C  Y N 123 
N6G N3     N  Y N 124 
N6G C2     C  Y N 125 
N6G N2     N  N N 126 
N6G N1     N  Y N 127 
N6G C6     C  Y N 128 
N6G N6     N  N N 129 
N6G C5     C  Y N 130 
N6G N7     N  Y N 131 
N6G C8     C  Y N 132 
N6G "C2'"  C  N R 133 
N6G "O2'"  O  N N 134 
N6G "C3'"  C  N S 135 
N6G "O3'"  O  N N 136 
N6G OP3    O  N N 137 
N6G HOP2   H  N N 138 
N6G "H5'"  H  N N 139 
N6G "H5''" H  N N 140 
N6G "H4'"  H  N N 141 
N6G "H1'"  H  N N 142 
N6G HN21   H  N N 143 
N6G HN22   H  N N 144 
N6G HN61   H  N N 145 
N6G HN62   H  N N 146 
N6G H8     H  N N 147 
N6G "H2'"  H  N N 148 
N6G "HO2'" H  N N 149 
N6G "H3'"  H  N N 150 
N6G "HO3'" H  N N 151 
N6G HOP3   H  N N 152 
NCO CO     CO N N 153 
NCO N1     N  N N 154 
NCO N2     N  N N 155 
NCO N3     N  N N 156 
NCO N4     N  N N 157 
NCO N5     N  N N 158 
NCO N6     N  N N 159 
NCO HN11   H  N N 160 
NCO HN12   H  N N 161 
NCO HN13   H  N N 162 
NCO HN21   H  N N 163 
NCO HN22   H  N N 164 
NCO HN23   H  N N 165 
NCO HN31   H  N N 166 
NCO HN32   H  N N 167 
NCO HN33   H  N N 168 
NCO HN41   H  N N 169 
NCO HN42   H  N N 170 
NCO HN43   H  N N 171 
NCO HN51   H  N N 172 
NCO HN52   H  N N 173 
NCO HN53   H  N N 174 
NCO HN61   H  N N 175 
NCO HN62   H  N N 176 
NCO HN63   H  N N 177 
S9L O3P    O  N N 178 
S9L P      P  N N 179 
S9L O1P    O  N N 180 
S9L O2P    O  N N 181 
S9L "O5'"  O  N N 182 
S9L C12    C  N N 183 
S9L C22    C  N N 184 
S9L OH3    O  N N 185 
S9L C13    C  N N 186 
S9L C23    C  N N 187 
S9L OH4    O  N N 188 
S9L C14    C  N N 189 
S9L C24    C  N N 190 
S9L "O3'"  O  N N 191 
S9L HO3P   H  N N 192 
S9L HO1P   H  N N 193 
S9L H121   H  N N 194 
S9L H122   H  N N 195 
S9L H221   H  N N 196 
S9L H222   H  N N 197 
S9L H131   H  N N 198 
S9L H132   H  N N 199 
S9L H231   H  N N 200 
S9L H232   H  N N 201 
S9L H141   H  N N 202 
S9L H142   H  N N 203 
S9L H241   H  N N 204 
S9L H242   H  N N 205 
S9L "HO3'" H  N N 206 
U   OP3    O  N N 207 
U   P      P  N N 208 
U   OP1    O  N N 209 
U   OP2    O  N N 210 
U   "O5'"  O  N N 211 
U   "C5'"  C  N N 212 
U   "C4'"  C  N R 213 
U   "O4'"  O  N N 214 
U   "C3'"  C  N S 215 
U   "O3'"  O  N N 216 
U   "C2'"  C  N R 217 
U   "O2'"  O  N N 218 
U   "C1'"  C  N R 219 
U   N1     N  N N 220 
U   C2     C  N N 221 
U   O2     O  N N 222 
U   N3     N  N N 223 
U   C4     C  N N 224 
U   O4     O  N N 225 
U   C5     C  N N 226 
U   C6     C  N N 227 
U   HOP3   H  N N 228 
U   HOP2   H  N N 229 
U   "H5'"  H  N N 230 
U   "H5''" H  N N 231 
U   "H4'"  H  N N 232 
U   "H3'"  H  N N 233 
U   "HO3'" H  N N 234 
U   "H2'"  H  N N 235 
U   "HO2'" H  N N 236 
U   "H1'"  H  N N 237 
U   H3     H  N N 238 
U   H5     H  N N 239 
U   H6     H  N N 240 
# 
loop_
_chem_comp_bond.comp_id 
_chem_comp_bond.atom_id_1 
_chem_comp_bond.atom_id_2 
_chem_comp_bond.value_order 
_chem_comp_bond.pdbx_aromatic_flag 
_chem_comp_bond.pdbx_stereo_config 
_chem_comp_bond.pdbx_ordinal 
A   OP3   P      sing N N 1   
A   OP3   HOP3   sing N N 2   
A   P     OP1    doub N N 3   
A   P     OP2    sing N N 4   
A   P     "O5'"  sing N N 5   
A   OP2   HOP2   sing N N 6   
A   "O5'" "C5'"  sing N N 7   
A   "C5'" "C4'"  sing N N 8   
A   "C5'" "H5'"  sing N N 9   
A   "C5'" "H5''" sing N N 10  
A   "C4'" "O4'"  sing N N 11  
A   "C4'" "C3'"  sing N N 12  
A   "C4'" "H4'"  sing N N 13  
A   "O4'" "C1'"  sing N N 14  
A   "C3'" "O3'"  sing N N 15  
A   "C3'" "C2'"  sing N N 16  
A   "C3'" "H3'"  sing N N 17  
A   "O3'" "HO3'" sing N N 18  
A   "C2'" "O2'"  sing N N 19  
A   "C2'" "C1'"  sing N N 20  
A   "C2'" "H2'"  sing N N 21  
A   "O2'" "HO2'" sing N N 22  
A   "C1'" N9     sing N N 23  
A   "C1'" "H1'"  sing N N 24  
A   N9    C8     sing Y N 25  
A   N9    C4     sing Y N 26  
A   C8    N7     doub Y N 27  
A   C8    H8     sing N N 28  
A   N7    C5     sing Y N 29  
A   C5    C6     sing Y N 30  
A   C5    C4     doub Y N 31  
A   C6    N6     sing N N 32  
A   C6    N1     doub Y N 33  
A   N6    H61    sing N N 34  
A   N6    H62    sing N N 35  
A   N1    C2     sing Y N 36  
A   C2    N3     doub Y N 37  
A   C2    H2     sing N N 38  
A   N3    C4     sing Y N 39  
C   OP3   P      sing N N 40  
C   OP3   HOP3   sing N N 41  
C   P     OP1    doub N N 42  
C   P     OP2    sing N N 43  
C   P     "O5'"  sing N N 44  
C   OP2   HOP2   sing N N 45  
C   "O5'" "C5'"  sing N N 46  
C   "C5'" "C4'"  sing N N 47  
C   "C5'" "H5'"  sing N N 48  
C   "C5'" "H5''" sing N N 49  
C   "C4'" "O4'"  sing N N 50  
C   "C4'" "C3'"  sing N N 51  
C   "C4'" "H4'"  sing N N 52  
C   "O4'" "C1'"  sing N N 53  
C   "C3'" "O3'"  sing N N 54  
C   "C3'" "C2'"  sing N N 55  
C   "C3'" "H3'"  sing N N 56  
C   "O3'" "HO3'" sing N N 57  
C   "C2'" "O2'"  sing N N 58  
C   "C2'" "C1'"  sing N N 59  
C   "C2'" "H2'"  sing N N 60  
C   "O2'" "HO2'" sing N N 61  
C   "C1'" N1     sing N N 62  
C   "C1'" "H1'"  sing N N 63  
C   N1    C2     sing N N 64  
C   N1    C6     sing N N 65  
C   C2    O2     doub N N 66  
C   C2    N3     sing N N 67  
C   N3    C4     doub N N 68  
C   C4    N4     sing N N 69  
C   C4    C5     sing N N 70  
C   N4    H41    sing N N 71  
C   N4    H42    sing N N 72  
C   C5    C6     doub N N 73  
C   C5    H5     sing N N 74  
C   C6    H6     sing N N 75  
G   OP3   P      sing N N 76  
G   OP3   HOP3   sing N N 77  
G   P     OP1    doub N N 78  
G   P     OP2    sing N N 79  
G   P     "O5'"  sing N N 80  
G   OP2   HOP2   sing N N 81  
G   "O5'" "C5'"  sing N N 82  
G   "C5'" "C4'"  sing N N 83  
G   "C5'" "H5'"  sing N N 84  
G   "C5'" "H5''" sing N N 85  
G   "C4'" "O4'"  sing N N 86  
G   "C4'" "C3'"  sing N N 87  
G   "C4'" "H4'"  sing N N 88  
G   "O4'" "C1'"  sing N N 89  
G   "C3'" "O3'"  sing N N 90  
G   "C3'" "C2'"  sing N N 91  
G   "C3'" "H3'"  sing N N 92  
G   "O3'" "HO3'" sing N N 93  
G   "C2'" "O2'"  sing N N 94  
G   "C2'" "C1'"  sing N N 95  
G   "C2'" "H2'"  sing N N 96  
G   "O2'" "HO2'" sing N N 97  
G   "C1'" N9     sing N N 98  
G   "C1'" "H1'"  sing N N 99  
G   N9    C8     sing Y N 100 
G   N9    C4     sing Y N 101 
G   C8    N7     doub Y N 102 
G   C8    H8     sing N N 103 
G   N7    C5     sing Y N 104 
G   C5    C6     sing N N 105 
G   C5    C4     doub Y N 106 
G   C6    O6     doub N N 107 
G   C6    N1     sing N N 108 
G   N1    C2     sing N N 109 
G   N1    H1     sing N N 110 
G   C2    N2     sing N N 111 
G   C2    N3     doub N N 112 
G   N2    H21    sing N N 113 
G   N2    H22    sing N N 114 
G   N3    C4     sing N N 115 
HOH O     H1     sing N N 116 
HOH O     H2     sing N N 117 
N6G P     OP1    doub N N 118 
N6G P     OP2    sing N N 119 
N6G P     "O5'"  sing N N 120 
N6G P     OP3    sing N N 121 
N6G OP2   HOP2   sing N N 122 
N6G "O5'" "C5'"  sing N N 123 
N6G "C5'" "C4'"  sing N N 124 
N6G "C5'" "H5'"  sing N N 125 
N6G "C5'" "H5''" sing N N 126 
N6G "C4'" "O4'"  sing N N 127 
N6G "C4'" "C3'"  sing N N 128 
N6G "C4'" "H4'"  sing N N 129 
N6G "O4'" "C1'"  sing N N 130 
N6G "C1'" N9     sing N N 131 
N6G "C1'" "C2'"  sing N N 132 
N6G "C1'" "H1'"  sing N N 133 
N6G N9    C4     sing Y N 134 
N6G N9    C8     sing Y N 135 
N6G C4    N3     sing Y N 136 
N6G C4    C5     doub Y N 137 
N6G N3    C2     doub Y N 138 
N6G C2    N2     sing N N 139 
N6G C2    N1     sing Y N 140 
N6G N2    HN21   sing N N 141 
N6G N2    HN22   sing N N 142 
N6G N1    C6     doub Y N 143 
N6G C6    N6     sing N N 144 
N6G C6    C5     sing Y N 145 
N6G N6    HN61   sing N N 146 
N6G N6    HN62   sing N N 147 
N6G C5    N7     sing Y N 148 
N6G N7    C8     doub Y N 149 
N6G C8    H8     sing N N 150 
N6G "C2'" "O2'"  sing N N 151 
N6G "C2'" "C3'"  sing N N 152 
N6G "C2'" "H2'"  sing N N 153 
N6G "O2'" "HO2'" sing N N 154 
N6G "C3'" "O3'"  sing N N 155 
N6G "C3'" "H3'"  sing N N 156 
N6G "O3'" "HO3'" sing N N 157 
N6G OP3   HOP3   sing N N 158 
NCO CO    N1     sing N N 159 
NCO CO    N2     sing N N 160 
NCO CO    N3     sing N N 161 
NCO CO    N4     sing N N 162 
NCO CO    N5     sing N N 163 
NCO CO    N6     sing N N 164 
NCO N1    HN11   sing N N 165 
NCO N1    HN12   sing N N 166 
NCO N1    HN13   sing N N 167 
NCO N2    HN21   sing N N 168 
NCO N2    HN22   sing N N 169 
NCO N2    HN23   sing N N 170 
NCO N3    HN31   sing N N 171 
NCO N3    HN32   sing N N 172 
NCO N3    HN33   sing N N 173 
NCO N4    HN41   sing N N 174 
NCO N4    HN42   sing N N 175 
NCO N4    HN43   sing N N 176 
NCO N5    HN51   sing N N 177 
NCO N5    HN52   sing N N 178 
NCO N5    HN53   sing N N 179 
NCO N6    HN61   sing N N 180 
NCO N6    HN62   sing N N 181 
NCO N6    HN63   sing N N 182 
S9L O3P   P      sing N N 183 
S9L O3P   HO3P   sing N N 184 
S9L P     O2P    doub N N 185 
S9L P     O1P    sing N N 186 
S9L P     "O5'"  sing N N 187 
S9L O1P   HO1P   sing N N 188 
S9L "O5'" C12    sing N N 189 
S9L C12   C22    sing N N 190 
S9L C12   H121   sing N N 191 
S9L C12   H122   sing N N 192 
S9L C22   OH3    sing N N 193 
S9L C22   H221   sing N N 194 
S9L C22   H222   sing N N 195 
S9L OH3   C23    sing N N 196 
S9L C13   C23    sing N N 197 
S9L C13   OH4    sing N N 198 
S9L C13   H131   sing N N 199 
S9L C13   H132   sing N N 200 
S9L C23   H231   sing N N 201 
S9L C23   H232   sing N N 202 
S9L OH4   C24    sing N N 203 
S9L C14   C24    sing N N 204 
S9L C14   "O3'"  sing N N 205 
S9L C14   H141   sing N N 206 
S9L C14   H142   sing N N 207 
S9L C24   H241   sing N N 208 
S9L C24   H242   sing N N 209 
S9L "O3'" "HO3'" sing N N 210 
U   OP3   P      sing N N 211 
U   OP3   HOP3   sing N N 212 
U   P     OP1    doub N N 213 
U   P     OP2    sing N N 214 
U   P     "O5'"  sing N N 215 
U   OP2   HOP2   sing N N 216 
U   "O5'" "C5'"  sing N N 217 
U   "C5'" "C4'"  sing N N 218 
U   "C5'" "H5'"  sing N N 219 
U   "C5'" "H5''" sing N N 220 
U   "C4'" "O4'"  sing N N 221 
U   "C4'" "C3'"  sing N N 222 
U   "C4'" "H4'"  sing N N 223 
U   "O4'" "C1'"  sing N N 224 
U   "C3'" "O3'"  sing N N 225 
U   "C3'" "C2'"  sing N N 226 
U   "C3'" "H3'"  sing N N 227 
U   "O3'" "HO3'" sing N N 228 
U   "C2'" "O2'"  sing N N 229 
U   "C2'" "C1'"  sing N N 230 
U   "C2'" "H2'"  sing N N 231 
U   "O2'" "HO2'" sing N N 232 
U   "C1'" N1     sing N N 233 
U   "C1'" "H1'"  sing N N 234 
U   N1    C2     sing N N 235 
U   N1    C6     sing N N 236 
U   C2    O2     doub N N 237 
U   C2    N3     sing N N 238 
U   N3    C4     sing N N 239 
U   N3    H3     sing N N 240 
U   C4    O4     doub N N 241 
U   C4    C5     sing N N 242 
U   C5    C6     doub N N 243 
U   C5    H5     sing N N 244 
U   C6    H6     sing N N 245 
# 
loop_
_ndb_struct_conf_na.entry_id 
_ndb_struct_conf_na.feature 
3B5F 'double helix'         
3B5F 'a-form double helix'  
3B5F 'bulge loop'           
3B5F 'mismatched base pair' 
# 
loop_
_ndb_struct_na_base_pair.model_number 
_ndb_struct_na_base_pair.i_label_asym_id 
_ndb_struct_na_base_pair.i_label_comp_id 
_ndb_struct_na_base_pair.i_label_seq_id 
_ndb_struct_na_base_pair.i_symmetry 
_ndb_struct_na_base_pair.j_label_asym_id 
_ndb_struct_na_base_pair.j_label_comp_id 
_ndb_struct_na_base_pair.j_label_seq_id 
_ndb_struct_na_base_pair.j_symmetry 
_ndb_struct_na_base_pair.shear 
_ndb_struct_na_base_pair.stretch 
_ndb_struct_na_base_pair.stagger 
_ndb_struct_na_base_pair.buckle 
_ndb_struct_na_base_pair.propeller 
_ndb_struct_na_base_pair.opening 
_ndb_struct_na_base_pair.pair_number 
_ndb_struct_na_base_pair.pair_name 
_ndb_struct_na_base_pair.i_auth_asym_id 
_ndb_struct_na_base_pair.i_auth_seq_id 
_ndb_struct_na_base_pair.i_PDB_ins_code 
_ndb_struct_na_base_pair.j_auth_asym_id 
_ndb_struct_na_base_pair.j_auth_seq_id 
_ndb_struct_na_base_pair.j_PDB_ins_code 
_ndb_struct_na_base_pair.hbond_type_28 
_ndb_struct_na_base_pair.hbond_type_12 
1 A C 2  1_555 B G 12 1_555 0.236  -0.303 -0.257 6.088   -22.892 2.880   1  A_C2:G13_B  A 2  ? B 13 ? 19 1  
1 A C 3  1_555 B G 11 1_555 0.209  -0.325 -0.055 -2.911  -8.155  0.804   2  A_C3:G12_B  A 3  ? B 12 ? 19 1  
1 A C 4  1_555 B G 10 1_555 0.428  -0.244 0.257  0.524   4.736   3.948   3  A_C4:G11_B  A 4  ? B 11 ? 19 1  
1 A A 5  1_555 B A 8  1_555 6.751  -3.444 -0.208 6.390   0.700   -26.778 4  A_A5:A9_B   A 5  ? B 9  ? ?  ?  
1 A U 7  1_555 B G 7  1_555 -8.172 -2.952 -0.294 5.947   23.445  -14.903 5  A_U7:G8_B   A 7  ? B 8  ? ?  ?  
1 A C 8  1_555 B A 6  1_555 -2.437 0.614  -1.122 27.665  -11.247 3.865   6  A_C8:A7_B   A 8  ? B 7  ? ?  ?  
1 A C 9  1_555 B G 5  1_555 0.436  0.144  -0.595 22.059  -15.774 1.975   7  A_C9:G6_B   A 9  ? B 6  ? 19 1  
1 A A 10 1_555 B U 4  1_555 0.581  -0.063 0.074  0.968   -11.750 -8.251  8  A_A10:U5_B  A 10 ? B 5  ? 20 1  
1 A C 11 1_555 B G 3  1_555 -0.021 -0.339 0.119  6.193   -11.225 -0.311  9  A_C11:G4_B  A 11 ? B 4  ? 19 1  
1 A C 12 1_555 B G 2  1_555 0.647  -0.590 0.301  -2.645  -11.997 -5.943  10 A_C12:G3_B  A 12 ? B 3  ? 19 1  
1 A G 13 1_555 B C 1  1_555 -0.972 0.711  -0.146 -2.387  -13.559 21.372  11 A_G13:C2_B  A 13 ? B 2  ? ?  ?  
1 B G 14 1_555 C C 19 1_555 -0.334 -0.113 0.528  1.839   -10.201 0.921   12 B_G15:C49_C B 15 ? C 49 ? 19 1  
1 B G 15 1_555 C C 18 1_555 -0.445 -0.238 0.548  12.391  -6.634  0.247   13 B_G16:C48_C B 16 ? C 48 ? 19 1  
1 B C 16 1_555 C G 17 1_555 -0.152 0.041  -0.004 6.597   -11.942 4.679   14 B_C17:G47_C B 17 ? C 47 ? 19 1  
1 B A 17 1_555 C U 16 1_555 0.003  -0.166 0.123  -0.908  -8.814  7.619   15 B_A18:U46_C B 18 ? C 46 ? 20 1  
1 B G 18 1_555 C C 15 1_555 -0.277 -0.290 -0.650 -10.099 -5.664  1.645   16 B_G19:C45_C B 19 ? C 45 ? 19 1  
1 B A 19 1_555 C C 14 1_555 1.997  0.258  -0.372 -13.831 -5.827  15.927  17 B_A20:C44_C B 20 ? C 44 ? ?  1  
1 B G 20 1_555 C A 13 1_555 7.046  -4.687 0.080  -7.045  2.744   -5.602  18 B_G21:A43_C B 21 ? C 43 ? 11 10 
1 B A 21 1_555 C U 11 1_555 -4.179 -1.952 -0.068 -2.726  -11.247 -98.697 19 B_A22:U41_C B 22 ? C 41 ? 24 4  
1 B A 22 1_555 C A 10 1_555 -4.545 0.973  -0.465 1.204   -21.998 -94.417 20 B_A23:A40_C B 23 ? C 40 ? ?  ?  
1 B C 24 1_555 A G 6  1_555 0.382  -0.290 0.142  11.356  -8.890  1.727   21 B_C25:G6_A  B 25 ? A 6  ? 19 1  
1 B A 25 1_555 C G 6  1_555 0.105  1.282  -0.485 -12.014 -16.110 -18.483 22 B_A26:G36_C B 26 ? C 36 ? 8  ?  
1 B C 26 1_555 C G 5  1_555 0.155  -0.304 0.071  6.151   -20.124 0.386   23 B_C27:G35_C B 27 ? C 35 ? 19 1  
1 B A 27 1_555 C U 4  1_555 -0.050 -0.329 0.339  5.723   -19.519 -0.754  24 B_A28:U34_C B 28 ? C 34 ? 20 1  
1 B C 28 1_555 C G 3  1_555 0.063  -0.147 0.094  4.852   -11.703 1.179   25 B_C29:G33_C B 29 ? C 33 ? 19 1  
1 B G 29 1_555 C C 2  1_555 -0.258 -0.137 0.183  -5.947  -12.673 -2.616  26 B_G30:C32_C B 30 ? C 32 ? 19 1  
1 B A 30 1_555 C U 1  1_555 0.419  -0.067 0.282  -1.487  -4.832  3.537   27 B_A31:U31_C B 31 ? C 31 ? 20 1  
# 
loop_
_ndb_struct_na_base_pair_step.model_number 
_ndb_struct_na_base_pair_step.i_label_asym_id_1 
_ndb_struct_na_base_pair_step.i_label_comp_id_1 
_ndb_struct_na_base_pair_step.i_label_seq_id_1 
_ndb_struct_na_base_pair_step.i_symmetry_1 
_ndb_struct_na_base_pair_step.j_label_asym_id_1 
_ndb_struct_na_base_pair_step.j_label_comp_id_1 
_ndb_struct_na_base_pair_step.j_label_seq_id_1 
_ndb_struct_na_base_pair_step.j_symmetry_1 
_ndb_struct_na_base_pair_step.i_label_asym_id_2 
_ndb_struct_na_base_pair_step.i_label_comp_id_2 
_ndb_struct_na_base_pair_step.i_label_seq_id_2 
_ndb_struct_na_base_pair_step.i_symmetry_2 
_ndb_struct_na_base_pair_step.j_label_asym_id_2 
_ndb_struct_na_base_pair_step.j_label_comp_id_2 
_ndb_struct_na_base_pair_step.j_label_seq_id_2 
_ndb_struct_na_base_pair_step.j_symmetry_2 
_ndb_struct_na_base_pair_step.shift 
_ndb_struct_na_base_pair_step.slide 
_ndb_struct_na_base_pair_step.rise 
_ndb_struct_na_base_pair_step.tilt 
_ndb_struct_na_base_pair_step.roll 
_ndb_struct_na_base_pair_step.twist 
_ndb_struct_na_base_pair_step.x_displacement 
_ndb_struct_na_base_pair_step.y_displacement 
_ndb_struct_na_base_pair_step.helical_rise 
_ndb_struct_na_base_pair_step.inclination 
_ndb_struct_na_base_pair_step.tip 
_ndb_struct_na_base_pair_step.helical_twist 
_ndb_struct_na_base_pair_step.step_number 
_ndb_struct_na_base_pair_step.step_name 
_ndb_struct_na_base_pair_step.i_auth_asym_id_1 
_ndb_struct_na_base_pair_step.i_auth_seq_id_1 
_ndb_struct_na_base_pair_step.i_PDB_ins_code_1 
_ndb_struct_na_base_pair_step.j_auth_asym_id_1 
_ndb_struct_na_base_pair_step.j_auth_seq_id_1 
_ndb_struct_na_base_pair_step.j_PDB_ins_code_1 
_ndb_struct_na_base_pair_step.i_auth_asym_id_2 
_ndb_struct_na_base_pair_step.i_auth_seq_id_2 
_ndb_struct_na_base_pair_step.i_PDB_ins_code_2 
_ndb_struct_na_base_pair_step.j_auth_asym_id_2 
_ndb_struct_na_base_pair_step.j_auth_seq_id_2 
_ndb_struct_na_base_pair_step.j_PDB_ins_code_2 
1 A C 2  1_555 B G 12 1_555 A C 3  1_555 B G 11 1_555 -0.561 -1.556 3.512 -1.962  9.876  34.600 -3.945 0.624  2.996 16.185  3.215 
35.992 1  AA_C2C3:G12G13_BB   A 2  ? B 13 ? A 3  ? B 12 ? 
1 A C 3  1_555 B G 11 1_555 A C 4  1_555 B G 10 1_555 0.585  -1.541 3.344 0.283   8.955  28.028 -4.868 -1.095 2.737 17.919  -0.566 
29.397 2  AA_C3C4:G11G12_BB   A 3  ? B 12 ? A 4  ? B 11 ? 
1 A C 4  1_555 B G 10 1_555 A A 5  1_555 B A 8  1_555 -0.318 -0.998 5.299 -4.313  23.383 75.209 -1.832 0.060  4.881 18.719  3.453 
78.345 3  AA_C4A5:A9G11_BB    A 4  ? B 11 ? A 5  ? B 9  ? 
1 A A 5  1_555 B A 8  1_555 A U 7  1_555 B G 7  1_555 -1.888 -0.517 3.530 4.627   6.874  11.707 -7.931 11.510 2.031 29.354  
-19.761 14.334 4  AA_A5U7:G8A9_BB     A 5  ? B 9  ? A 7  ? B 8  ? 
1 A U 7  1_555 B G 7  1_555 A C 8  1_555 B A 6  1_555 0.604  -1.184 2.764 -0.273  5.064  49.727 -1.706 -0.731 2.636 6.004   0.323 
49.968 5  AA_U7C8:A7G8_BB     A 7  ? B 8  ? A 8  ? B 7  ? 
1 A C 8  1_555 B A 6  1_555 A C 9  1_555 B G 5  1_555 -0.081 -1.448 3.657 -3.723  4.426  38.214 -2.785 -0.379 3.466 6.713   5.647 
38.633 6  AA_C8C9:G6A7_BB     A 8  ? B 7  ? A 9  ? B 6  ? 
1 A C 9  1_555 B G 5  1_555 A A 10 1_555 B U 4  1_555 -0.957 -1.875 3.548 -5.225  18.315 37.649 -4.484 0.800  2.520 26.415  7.536 
42.036 7  AA_C9A10:U5G6_BB    A 9  ? B 6  ? A 10 ? B 5  ? 
1 A A 10 1_555 B U 4  1_555 A C 11 1_555 B G 3  1_555 -0.180 -2.529 3.070 -2.621  2.123  24.180 -6.582 -0.317 2.844 5.036   6.217 
24.411 8  AA_A10C11:G4U5_BB   A 10 ? B 5  ? A 11 ? B 4  ? 
1 A C 11 1_555 B G 3  1_555 A C 12 1_555 B G 2  1_555 -0.289 -1.736 3.441 -0.927  4.991  36.998 -3.383 0.326  3.194 7.819   1.453 
37.332 9  AA_C11C12:G3G4_BB   A 11 ? B 4  ? A 12 ? B 3  ? 
1 A C 12 1_555 B G 2  1_555 A G 13 1_555 B C 1  1_555 1.122  -2.179 3.055 4.987   9.562  21.221 -7.914 -1.353 2.097 24.064  
-12.551 23.776 10 AA_C12G13:C2G3_BB   A 12 ? B 3  ? A 13 ? B 2  ? 
1 B G 14 1_555 C C 19 1_555 B G 15 1_555 C C 18 1_555 -0.585 -1.226 2.911 -4.079  3.017  33.596 -2.526 0.424  2.842 5.183   7.007 
33.966 11 BB_G15G16:C48C49_CC B 15 ? C 49 ? B 16 ? C 48 ? 
1 B G 15 1_555 C C 18 1_555 B C 16 1_555 C G 17 1_555 0.474  -1.356 3.378 3.949   7.781  34.151 -3.395 -0.198 3.040 12.988  -6.592 
35.215 12 BB_G16C17:G47C48_CC B 16 ? C 48 ? B 17 ? C 47 ? 
1 B C 16 1_555 C G 17 1_555 B A 17 1_555 C U 16 1_555 0.374  -1.717 3.232 -2.221  11.829 32.634 -4.502 -0.933 2.450 20.214  3.796 
34.726 13 BB_C17A18:U46G47_CC B 17 ? C 47 ? B 18 ? C 46 ? 
1 B A 17 1_555 C U 16 1_555 B G 18 1_555 C C 15 1_555 -0.161 -1.950 3.612 3.830   6.782  29.232 -5.164 1.112  3.048 13.146  -7.424 
30.230 14 BB_A18G19:C45U46_CC B 18 ? C 46 ? B 19 ? C 45 ? 
1 B G 18 1_555 C C 15 1_555 B A 19 1_555 C C 14 1_555 1.160  -1.420 3.337 0.708   6.963  38.236 -2.971 -1.659 3.062 10.522  -1.070 
38.847 15 BB_G19A20:C44C45_CC B 19 ? C 45 ? B 20 ? C 44 ? 
1 B A 19 1_555 C C 14 1_555 B G 20 1_555 C A 13 1_555 -0.632 -0.995 3.146 6.588   7.532  60.124 -1.320 0.920  2.937 7.462   -6.526 
60.874 16 BB_A20G21:A43C44_CC B 20 ? C 44 ? B 21 ? C 43 ? 
1 B G 20 1_555 C A 13 1_555 B A 21 1_555 C U 11 1_555 -2.171 -0.448 3.335 1.049   -2.587 10.798 1.605  12.756 3.130 -13.454 -5.456 
11.152 17 BB_G21A22:U41A43_CC B 21 ? C 43 ? B 22 ? C 41 ? 
1 B A 21 1_555 C U 11 1_555 B A 22 1_555 C A 10 1_555 -0.267 -2.408 3.442 -10.298 5.407  44.849 -3.536 -0.556 3.132 6.950   13.236 
46.258 18 BB_A22A23:A40U41_CC B 22 ? C 41 ? B 23 ? C 40 ? 
1 B A 22 1_555 C A 10 1_555 B C 24 1_555 A G 6  1_555 -0.817 -2.105 6.496 -6.992  1.359  43.522 -3.061 -0.224 6.480 1.819   9.355 
44.073 19 BB_A23C25:G6A40_AC  B 23 ? C 40 ? B 25 ? A 6  ? 
1 B C 24 1_555 A G 6  1_555 B A 25 1_555 C G 6  1_555 0.481  -2.176 3.761 6.038   3.279  48.212 -2.927 -0.057 3.646 3.991   -7.349 
48.670 20 BB_C25A26:G36G6_CA  B 25 ? A 6  ? B 26 ? C 36 ? 
1 B A 25 1_555 C G 6  1_555 B C 26 1_555 C G 5  1_555 1.142  -0.615 2.844 -4.400  3.702  29.632 -1.810 -2.940 2.558 7.153   8.501 
30.173 21 BB_A26C27:G35G36_CC B 26 ? C 36 ? B 27 ? C 35 ? 
1 B C 26 1_555 C G 5  1_555 B A 27 1_555 C U 4  1_555 0.216  -1.096 3.133 -0.294  8.437  34.420 -2.943 -0.396 2.793 13.998  0.488 
35.410 22 BB_C27A28:U34G35_CC B 27 ? C 35 ? B 28 ? C 34 ? 
1 B A 27 1_555 C U 4  1_555 B C 28 1_555 C G 3  1_555 0.346  -1.128 3.269 3.648   1.325  33.444 -2.163 -0.003 3.242 2.292   -6.313 
33.662 23 BB_A28C29:G33U34_CC B 28 ? C 34 ? B 29 ? C 33 ? 
1 B C 28 1_555 C G 3  1_555 B G 29 1_555 C C 2  1_555 0.175  -1.692 3.341 1.133   10.401 32.984 -4.370 -0.129 2.704 17.770  -1.936 
34.560 24 BB_C29G30:C32G33_CC B 29 ? C 33 ? B 30 ? C 32 ? 
1 B G 29 1_555 C C 2  1_555 B A 30 1_555 C U 1  1_555 0.955  -1.721 3.065 3.367   4.165  33.819 -3.528 -1.135 2.917 7.103   -5.743 
34.228 25 BB_G30A31:U31C32_CC B 30 ? C 32 ? B 31 ? C 31 ? 
# 
loop_
_pdbx_entity_nonpoly.entity_id 
_pdbx_entity_nonpoly.name 
_pdbx_entity_nonpoly.comp_id 
4 'COBALT HEXAMMINE(III)' NCO 
5 water                   HOH 
# 
_pdbx_initial_refinement_model.id               1 
_pdbx_initial_refinement_model.entity_id_list   ? 
_pdbx_initial_refinement_model.type             'experimental model' 
_pdbx_initial_refinement_model.source_name      PDB 
_pdbx_initial_refinement_model.accession_code   2P7F 
_pdbx_initial_refinement_model.details          ? 
# 
